data_5HL1
#
_entry.id   5HL1
#
_cell.length_a   98.530
_cell.length_b   139.382
_cell.length_c   177.959
_cell.angle_alpha   90.00
_cell.angle_beta   90.00
_cell.angle_gamma   90.00
#
_symmetry.space_group_name_H-M   'P 21 21 21'
#
loop_
_entity.id
_entity.type
_entity.pdbx_description
1 polymer 'Glutaminase kidney isoform, mitochondrial'
2 non-polymer 2-(pyridin-2-yl)-N-(5-{4-[6-({[3-(trifluoromethoxy)phenyl]acetyl}amino)pyridazin-3-yl]butyl}-1,3,4-thiadiazol-2-yl)acetamide
3 water water
#
_entity_poly.entity_id   1
_entity_poly.type   'polypeptide(L)'
_entity_poly.pdbx_seq_one_letter_code
;MRGSHHHHHHGSLSSSPSEILQELGKGSTHPQPGVSPPAAPAAPGPKDGPGETDAFGNSEGKELVASGENKIKQGLLPSL
EDLLFYTIAEGQEKIPVHKFITALKSTGLRTSDPRLKECMDMLRLTLQTTSDGVMLDKDLFKKCVQSNIVLLTQAFRRKF
VIPDFMSFTSHIDELYESAKKQSGGKVADYIPQLAKFSPDLWGVSVCTVDGQRHSTGDTKVPFCLQSCVKPLKYAIAVND
LGTEYVHRYVGKEPSGLRFNKLFLNEDDKPHNPMVNAGAIVVTSLIKQGVNNAEKFDYVMQFLNKMAGNEYVGFSNATFQ
SERESGDRNFAIGYYLKEKKCFPEGTDMVGILDFYFQLCSIEVTCESASVMAATLANGGFCPITGERVLSPEAVRNTLSL
MHSCGMYDFSGQFAFHVGLPAKSGVAGGILLVVPNVMGMMCWSPPLDKMGNSVKGIHFCHDLVSLCNFHNYDNLRHFAKK
LDPRREGGDQRHSFGPLDYESLQQELALKETVWKKVSPESNEDISTTVVYRMESLGEKS
;
_entity_poly.pdbx_strand_id   A,B,C,D
#
# COMPACT_ATOMS: atom_id res chain seq x y z
N PRO A 78 49.99 -30.98 -41.69
CA PRO A 78 48.54 -30.92 -41.89
C PRO A 78 47.88 -32.31 -41.90
N SER A 79 46.53 -32.37 -41.90
CA SER A 79 45.71 -33.57 -42.15
C SER A 79 44.31 -33.50 -41.50
N LEU A 80 43.71 -32.31 -41.41
CA LEU A 80 42.61 -32.07 -40.47
C LEU A 80 41.49 -33.12 -40.55
N GLU A 81 41.07 -33.50 -41.78
CA GLU A 81 40.04 -34.51 -41.94
C GLU A 81 40.57 -35.93 -41.77
N ASP A 82 41.86 -36.15 -42.05
CA ASP A 82 42.44 -37.49 -41.89
C ASP A 82 42.62 -37.84 -40.42
N LEU A 83 43.08 -36.88 -39.63
CA LEU A 83 43.20 -37.09 -38.18
C LEU A 83 41.87 -37.52 -37.60
N LEU A 84 40.78 -37.00 -38.15
CA LEU A 84 39.47 -37.44 -37.71
C LEU A 84 39.23 -38.89 -38.12
N PHE A 85 39.73 -39.29 -39.29
CA PHE A 85 39.41 -40.61 -39.82
C PHE A 85 39.88 -41.71 -38.88
N TYR A 86 41.13 -41.64 -38.40
CA TYR A 86 41.63 -42.71 -37.54
C TYR A 86 41.08 -42.59 -36.13
N THR A 87 40.91 -41.35 -35.62
CA THR A 87 40.32 -41.20 -34.28
C THR A 87 39.06 -42.04 -34.16
N ILE A 88 38.30 -42.14 -35.25
CA ILE A 88 37.06 -42.91 -35.29
C ILE A 88 37.28 -44.34 -35.78
N ALA A 89 38.27 -44.56 -36.66
CA ALA A 89 38.54 -45.89 -37.21
C ALA A 89 39.69 -46.53 -36.43
N GLU A 90 39.41 -47.67 -35.81
CA GLU A 90 40.32 -48.27 -34.83
C GLU A 90 41.66 -48.65 -35.46
N GLY A 91 42.43 -47.66 -35.92
CA GLY A 91 43.67 -47.91 -36.63
C GLY A 91 43.43 -48.83 -37.80
N GLN A 92 42.28 -48.65 -38.44
CA GLN A 92 41.80 -49.76 -39.23
C GLN A 92 41.50 -49.26 -40.65
N GLU A 93 41.30 -50.19 -41.59
CA GLU A 93 41.10 -49.85 -43.00
C GLU A 93 40.05 -48.76 -43.12
N LYS A 94 38.79 -49.11 -42.89
CA LYS A 94 37.64 -48.31 -43.28
C LYS A 94 36.54 -48.39 -42.23
N ILE A 95 35.79 -47.30 -42.09
CA ILE A 95 34.70 -47.13 -41.13
C ILE A 95 33.35 -47.55 -41.72
N PRO A 96 32.57 -48.40 -41.05
CA PRO A 96 31.17 -48.54 -41.44
C PRO A 96 30.44 -47.24 -41.15
N VAL A 97 29.41 -46.95 -41.94
CA VAL A 97 28.72 -45.67 -41.78
C VAL A 97 27.96 -45.64 -40.45
N HIS A 98 27.18 -46.68 -40.16
CA HIS A 98 26.47 -46.75 -38.89
C HIS A 98 27.39 -46.47 -37.69
N LYS A 99 28.65 -46.91 -37.77
CA LYS A 99 29.56 -46.68 -36.65
C LYS A 99 29.99 -45.22 -36.56
N PHE A 100 30.06 -44.52 -37.68
CA PHE A 100 30.28 -43.08 -37.64
C PHE A 100 29.04 -42.36 -37.11
N ILE A 101 27.85 -42.79 -37.51
CA ILE A 101 26.62 -42.15 -37.06
C ILE A 101 26.46 -42.36 -35.56
N THR A 102 26.65 -43.59 -35.10
CA THR A 102 26.57 -43.86 -33.66
C THR A 102 27.61 -43.03 -32.90
N ALA A 103 28.83 -42.94 -33.43
CA ALA A 103 29.84 -42.11 -32.81
C ALA A 103 29.41 -40.65 -32.76
N LEU A 104 28.70 -40.20 -33.79
CA LEU A 104 28.25 -38.82 -33.83
C LEU A 104 27.06 -38.61 -32.92
N LYS A 105 26.27 -39.62 -32.62
CA LYS A 105 25.12 -39.32 -31.75
C LYS A 105 25.56 -39.18 -30.31
N SER A 106 26.60 -39.90 -29.90
CA SER A 106 27.11 -39.78 -28.55
C SER A 106 27.80 -38.44 -28.26
N THR A 107 28.11 -37.63 -29.28
CA THR A 107 28.43 -36.24 -29.01
C THR A 107 27.23 -35.45 -28.50
N GLY A 108 26.01 -35.96 -28.73
CA GLY A 108 24.80 -35.24 -28.48
C GLY A 108 24.23 -34.51 -29.68
N LEU A 109 25.01 -34.32 -30.73
CA LEU A 109 24.46 -33.74 -31.95
C LEU A 109 23.48 -34.70 -32.56
N ARG A 110 22.50 -34.16 -33.27
CA ARG A 110 21.56 -34.96 -34.04
C ARG A 110 21.98 -34.94 -35.51
N THR A 111 21.73 -36.05 -36.21
CA THR A 111 22.08 -36.10 -37.62
C THR A 111 21.35 -35.03 -38.43
N SER A 112 20.21 -34.53 -37.94
CA SER A 112 19.46 -33.49 -38.62
C SER A 112 19.97 -32.08 -38.31
N ASP A 113 21.06 -31.94 -37.59
CA ASP A 113 21.57 -30.61 -37.24
C ASP A 113 21.78 -29.79 -38.51
N PRO A 114 21.14 -28.61 -38.64
CA PRO A 114 21.31 -27.83 -39.86
C PRO A 114 22.76 -27.56 -40.26
N ARG A 115 23.70 -27.43 -39.31
CA ARG A 115 25.11 -27.24 -39.65
C ARG A 115 25.79 -28.51 -40.18
N LEU A 116 25.12 -29.65 -40.13
CA LEU A 116 25.67 -30.89 -40.63
C LEU A 116 25.04 -31.32 -41.94
N LYS A 117 24.35 -30.41 -42.65
CA LYS A 117 23.54 -30.81 -43.80
C LYS A 117 24.42 -31.33 -44.94
N GLU A 118 25.41 -30.53 -45.38
CA GLU A 118 26.32 -30.96 -46.44
C GLU A 118 26.85 -32.36 -46.18
N CYS A 119 27.34 -32.60 -44.96
CA CYS A 119 27.87 -33.91 -44.62
C CYS A 119 26.80 -34.99 -44.77
N MET A 120 25.61 -34.75 -44.25
CA MET A 120 24.56 -35.75 -44.34
C MET A 120 24.10 -35.96 -45.78
N ASP A 121 23.98 -34.87 -46.55
CA ASP A 121 23.68 -34.99 -47.98
C ASP A 121 24.71 -35.88 -48.66
N MET A 122 26.00 -35.62 -48.37
CA MET A 122 27.07 -36.39 -48.98
C MET A 122 27.08 -37.84 -48.54
N LEU A 123 26.48 -38.16 -47.39
CA LEU A 123 26.33 -39.55 -47.01
C LEU A 123 25.20 -40.20 -47.77
N ARG A 124 24.11 -39.44 -48.00
CA ARG A 124 22.98 -39.99 -48.74
C ARG A 124 23.35 -40.30 -50.18
N LEU A 125 24.19 -39.45 -50.80
CA LEU A 125 24.70 -39.76 -52.13
C LEU A 125 25.53 -41.03 -52.11
N THR A 126 26.42 -41.16 -51.14
CA THR A 126 27.30 -42.32 -51.08
C THR A 126 26.54 -43.59 -50.72
N LEU A 127 25.51 -43.49 -49.88
CA LEU A 127 24.68 -44.66 -49.61
C LEU A 127 23.90 -45.09 -50.84
N GLN A 128 23.71 -44.19 -51.81
CA GLN A 128 22.96 -44.50 -53.02
C GLN A 128 23.80 -45.23 -54.06
N THR A 129 25.13 -45.07 -54.00
CA THR A 129 26.03 -45.78 -54.92
C THR A 129 25.80 -47.29 -54.88
N THR A 130 25.57 -47.82 -53.68
CA THR A 130 25.51 -49.27 -53.46
C THR A 130 24.24 -49.64 -52.70
N SER A 131 24.20 -50.88 -52.20
CA SER A 131 23.33 -51.31 -51.10
C SER A 131 24.12 -52.40 -50.39
N ASP A 132 25.01 -51.96 -49.51
CA ASP A 132 26.10 -52.80 -49.02
C ASP A 132 26.40 -52.48 -47.57
N GLY A 133 27.63 -52.03 -47.31
CA GLY A 133 27.98 -51.44 -46.03
C GLY A 133 27.08 -50.23 -45.77
N VAL A 134 27.33 -49.12 -46.47
CA VAL A 134 28.54 -48.91 -47.25
C VAL A 134 29.63 -48.57 -46.25
N MET A 135 30.89 -48.60 -46.67
CA MET A 135 31.99 -48.27 -45.78
C MET A 135 32.87 -47.24 -46.48
N LEU A 136 33.56 -46.43 -45.70
CA LEU A 136 34.22 -45.24 -46.21
C LEU A 136 35.72 -45.38 -46.07
N ASP A 137 36.46 -45.17 -47.16
CA ASP A 137 37.88 -45.06 -46.96
C ASP A 137 38.25 -43.63 -46.60
N LYS A 138 39.47 -43.46 -46.10
CA LYS A 138 40.02 -42.17 -45.72
C LYS A 138 39.64 -41.12 -46.75
N ASP A 139 39.64 -41.53 -48.01
CA ASP A 139 39.34 -40.64 -49.12
C ASP A 139 37.84 -40.36 -49.23
N LEU A 140 37.01 -41.38 -49.03
CA LEU A 140 35.56 -41.21 -49.12
C LEU A 140 35.03 -40.46 -47.89
N PHE A 141 35.43 -40.92 -46.70
CA PHE A 141 35.14 -40.21 -45.45
C PHE A 141 35.44 -38.72 -45.59
N LYS A 142 36.64 -38.39 -46.07
CA LYS A 142 37.03 -36.99 -46.23
C LYS A 142 36.06 -36.25 -47.13
N LYS A 143 35.58 -36.92 -48.18
CA LYS A 143 34.68 -36.26 -49.13
C LYS A 143 33.34 -35.95 -48.48
N CYS A 144 32.91 -36.77 -47.54
CA CYS A 144 31.67 -36.46 -46.82
C CYS A 144 31.86 -35.33 -45.81
N VAL A 145 32.95 -35.36 -45.04
CA VAL A 145 33.02 -34.55 -43.83
C VAL A 145 33.74 -33.23 -44.01
N GLN A 146 34.40 -33.00 -45.15
CA GLN A 146 35.29 -31.83 -45.24
C GLN A 146 34.50 -30.53 -45.09
N SER A 147 33.26 -30.50 -45.59
CA SER A 147 32.45 -29.28 -45.53
C SER A 147 32.10 -28.90 -44.09
N ASN A 148 31.94 -29.89 -43.21
CA ASN A 148 31.54 -29.66 -41.83
C ASN A 148 32.64 -30.08 -40.83
N ILE A 149 33.91 -29.89 -41.20
CA ILE A 149 34.99 -30.54 -40.45
C ILE A 149 35.24 -29.84 -39.12
N VAL A 150 35.15 -28.51 -39.09
CA VAL A 150 35.40 -27.77 -37.85
C VAL A 150 34.42 -28.21 -36.77
N LEU A 151 33.11 -28.21 -37.09
CA LEU A 151 32.12 -28.64 -36.12
C LEU A 151 32.34 -30.08 -35.69
N LEU A 152 32.65 -30.97 -36.64
CA LEU A 152 32.74 -32.39 -36.31
C LEU A 152 33.95 -32.68 -35.42
N THR A 153 35.07 -31.99 -35.65
CA THR A 153 36.23 -32.24 -34.81
C THR A 153 35.99 -31.78 -33.38
N GLN A 154 35.49 -30.55 -33.22
CA GLN A 154 35.06 -30.09 -31.90
C GLN A 154 34.23 -31.17 -31.22
N ALA A 155 33.23 -31.70 -31.93
CA ALA A 155 32.34 -32.68 -31.34
C ALA A 155 33.12 -33.90 -30.88
N PHE A 156 34.03 -34.38 -31.71
CA PHE A 156 34.69 -35.64 -31.44
C PHE A 156 35.92 -35.52 -30.56
N ARG A 157 36.53 -34.35 -30.47
CA ARG A 157 37.60 -34.12 -29.51
C ARG A 157 37.09 -33.48 -28.21
N ARG A 158 35.83 -33.78 -27.84
CA ARG A 158 35.22 -33.40 -26.55
C ARG A 158 35.39 -31.92 -26.23
N LYS A 159 35.23 -31.08 -27.25
CA LYS A 159 35.34 -29.65 -27.06
C LYS A 159 34.02 -29.00 -26.68
N PHE A 160 32.91 -29.73 -26.72
CA PHE A 160 31.61 -29.10 -26.50
C PHE A 160 31.46 -28.72 -25.02
N VAL A 161 30.46 -27.89 -24.74
CA VAL A 161 30.35 -27.27 -23.43
C VAL A 161 30.10 -28.33 -22.36
N ILE A 162 29.47 -29.43 -22.73
CA ILE A 162 29.36 -30.59 -21.86
C ILE A 162 30.03 -31.77 -22.56
N PRO A 163 31.30 -32.04 -22.24
CA PRO A 163 32.01 -33.08 -22.98
C PRO A 163 31.43 -34.46 -22.81
N ASP A 164 31.09 -34.86 -21.58
CA ASP A 164 30.47 -36.16 -21.34
C ASP A 164 28.96 -35.95 -21.29
N PHE A 165 28.37 -35.79 -22.47
CA PHE A 165 26.94 -35.50 -22.60
C PHE A 165 26.12 -36.74 -22.30
N MET A 166 26.62 -37.93 -22.64
CA MET A 166 25.89 -39.15 -22.35
C MET A 166 25.71 -39.35 -20.85
N SER A 167 26.73 -39.04 -20.07
CA SER A 167 26.57 -39.08 -18.62
C SER A 167 25.57 -38.02 -18.15
N PHE A 168 25.68 -36.81 -18.70
CA PHE A 168 24.78 -35.73 -18.33
C PHE A 168 23.32 -36.11 -18.57
N THR A 169 23.01 -36.73 -19.71
CA THR A 169 21.61 -37.04 -19.98
C THR A 169 21.07 -38.12 -19.03
N SER A 170 21.91 -39.02 -18.53
CA SER A 170 21.42 -39.96 -17.51
C SER A 170 20.91 -39.19 -16.31
N HIS A 171 21.63 -38.17 -15.88
CA HIS A 171 21.22 -37.35 -14.75
C HIS A 171 19.91 -36.64 -15.04
N ILE A 172 19.83 -35.93 -16.17
CA ILE A 172 18.58 -35.34 -16.61
C ILE A 172 17.45 -36.36 -16.55
N ASP A 173 17.76 -37.62 -16.90
CA ASP A 173 16.73 -38.65 -16.90
C ASP A 173 16.29 -39.01 -15.50
N GLU A 174 17.23 -39.08 -14.55
CA GLU A 174 16.87 -39.28 -13.15
C GLU A 174 16.05 -38.11 -12.61
N LEU A 175 16.54 -36.88 -12.84
CA LEU A 175 15.76 -35.69 -12.48
C LEU A 175 14.35 -35.79 -13.04
N TYR A 176 14.22 -36.21 -14.29
CA TYR A 176 12.91 -36.27 -14.94
C TYR A 176 11.99 -37.27 -14.23
N GLU A 177 12.52 -38.44 -13.87
CA GLU A 177 11.70 -39.47 -13.24
C GLU A 177 11.33 -39.11 -11.81
N SER A 178 12.22 -38.40 -11.11
CA SER A 178 11.89 -37.96 -9.76
C SER A 178 10.75 -36.95 -9.78
N ALA A 179 10.79 -35.99 -10.70
CA ALA A 179 9.69 -35.03 -10.83
C ALA A 179 8.42 -35.67 -11.35
N LYS A 180 8.52 -36.80 -12.05
CA LYS A 180 7.33 -37.45 -12.58
C LYS A 180 6.40 -37.91 -11.46
N LYS A 181 6.97 -38.23 -10.30
CA LYS A 181 6.20 -38.69 -9.15
C LYS A 181 5.45 -37.57 -8.44
N GLN A 182 5.70 -36.32 -8.82
CA GLN A 182 5.08 -35.17 -8.15
C GLN A 182 3.74 -34.94 -8.84
N SER A 183 2.67 -35.43 -8.20
CA SER A 183 1.39 -35.62 -8.85
C SER A 183 0.45 -34.43 -8.69
N GLY A 184 0.78 -33.46 -7.84
CA GLY A 184 -0.17 -32.41 -7.51
C GLY A 184 -0.36 -31.37 -8.61
N GLY A 185 -1.12 -30.35 -8.26
CA GLY A 185 -1.40 -29.23 -9.15
C GLY A 185 -2.76 -29.36 -9.82
N LYS A 186 -3.18 -28.25 -10.43
CA LYS A 186 -4.42 -28.16 -11.20
C LYS A 186 -4.10 -27.73 -12.62
N VAL A 187 -4.76 -28.34 -13.59
CA VAL A 187 -4.68 -27.82 -14.95
C VAL A 187 -5.57 -26.59 -15.06
N ALA A 188 -5.11 -25.59 -15.79
CA ALA A 188 -5.89 -24.39 -16.00
C ALA A 188 -7.14 -24.70 -16.83
N ASP A 189 -8.15 -23.84 -16.69
CA ASP A 189 -9.40 -23.97 -17.48
C ASP A 189 -10.22 -22.67 -17.54
N LYS A 196 -7.72 -28.22 -19.97
CA LYS A 196 -8.29 -29.12 -20.96
C LYS A 196 -7.32 -30.26 -21.35
N PHE A 197 -6.01 -29.96 -21.40
CA PHE A 197 -5.00 -30.97 -21.65
C PHE A 197 -5.02 -32.05 -20.55
N SER A 198 -4.27 -33.16 -20.80
CA SER A 198 -4.17 -34.25 -19.80
C SER A 198 -3.15 -33.90 -18.72
N PRO A 199 -3.48 -34.19 -17.45
CA PRO A 199 -2.56 -33.82 -16.35
C PRO A 199 -1.32 -34.71 -16.25
N ASP A 200 -1.12 -35.67 -17.15
CA ASP A 200 -0.01 -36.60 -17.03
C ASP A 200 1.05 -36.38 -18.09
N LEU A 201 0.84 -35.43 -19.00
CA LEU A 201 1.90 -35.02 -19.91
C LEU A 201 3.04 -34.38 -19.12
N TRP A 202 4.26 -34.75 -19.49
CA TRP A 202 5.45 -34.25 -18.79
C TRP A 202 6.62 -34.43 -19.72
N GLY A 203 7.22 -33.32 -20.13
CA GLY A 203 8.39 -33.40 -21.00
C GLY A 203 9.50 -32.42 -20.68
N VAL A 204 10.74 -32.82 -20.94
CA VAL A 204 11.91 -31.98 -20.68
C VAL A 204 12.82 -32.07 -21.89
N SER A 205 13.26 -30.92 -22.39
CA SER A 205 14.17 -30.88 -23.51
C SER A 205 15.35 -29.98 -23.20
N VAL A 206 16.52 -30.41 -23.61
CA VAL A 206 17.76 -29.67 -23.44
C VAL A 206 18.36 -29.39 -24.81
N CYS A 207 18.86 -28.18 -25.00
CA CYS A 207 19.74 -27.89 -26.15
C CYS A 207 20.89 -27.03 -25.64
N THR A 208 22.12 -27.58 -25.66
CA THR A 208 23.28 -26.84 -25.18
C THR A 208 23.64 -25.70 -26.13
N VAL A 209 24.55 -24.85 -25.67
CA VAL A 209 24.99 -23.72 -26.47
C VAL A 209 25.77 -24.18 -27.70
N ASP A 210 26.18 -25.45 -27.72
CA ASP A 210 26.86 -26.08 -28.85
C ASP A 210 25.94 -26.94 -29.68
N GLY A 211 24.65 -26.97 -29.38
CA GLY A 211 23.74 -27.75 -30.19
C GLY A 211 23.60 -29.20 -29.81
N GLN A 212 24.07 -29.60 -28.63
CA GLN A 212 23.83 -30.94 -28.14
C GLN A 212 22.42 -31.05 -27.61
N ARG A 213 21.74 -32.16 -27.95
CA ARG A 213 20.29 -32.28 -27.74
C ARG A 213 19.94 -33.50 -26.91
N HIS A 214 18.92 -33.36 -26.06
CA HIS A 214 18.39 -34.49 -25.35
C HIS A 214 16.97 -34.20 -24.91
N SER A 215 16.17 -35.26 -24.88
CA SER A 215 14.75 -35.15 -24.61
C SER A 215 14.30 -36.38 -23.86
N THR A 216 13.38 -36.16 -22.91
CA THR A 216 12.74 -37.27 -22.24
C THR A 216 11.32 -36.84 -21.93
N GLY A 217 10.37 -37.74 -22.11
CA GLY A 217 8.96 -37.43 -21.96
C GLY A 217 8.28 -36.96 -23.24
N ASP A 218 7.18 -36.23 -23.03
CA ASP A 218 6.29 -35.78 -24.09
C ASP A 218 6.81 -34.50 -24.73
N THR A 219 7.87 -34.63 -25.51
CA THR A 219 8.58 -33.45 -25.95
C THR A 219 8.26 -33.01 -27.39
N LYS A 220 7.39 -33.71 -28.12
CA LYS A 220 6.96 -33.26 -29.44
C LYS A 220 5.47 -32.97 -29.51
N VAL A 221 4.82 -32.82 -28.36
CA VAL A 221 3.41 -32.45 -28.29
C VAL A 221 3.31 -30.94 -28.30
N PRO A 222 2.65 -30.32 -29.28
CA PRO A 222 2.52 -28.86 -29.28
C PRO A 222 1.66 -28.36 -28.13
N PHE A 223 2.05 -27.22 -27.58
CA PHE A 223 1.27 -26.49 -26.59
C PHE A 223 1.63 -25.02 -26.74
N CYS A 224 0.80 -24.17 -26.18
CA CYS A 224 0.97 -22.73 -26.35
C CYS A 224 1.99 -22.16 -25.38
N LEU A 225 2.76 -21.20 -25.87
CA LEU A 225 3.71 -20.50 -25.01
C LEU A 225 3.00 -19.78 -23.89
N GLN A 226 1.87 -19.16 -24.18
CA GLN A 226 1.21 -18.25 -23.25
C GLN A 226 2.29 -17.28 -22.75
N SER A 227 2.45 -17.08 -21.44
CA SER A 227 3.37 -16.05 -20.97
C SER A 227 4.83 -16.38 -21.19
N CYS A 228 5.19 -17.61 -21.54
CA CYS A 228 6.57 -17.88 -21.94
C CYS A 228 7.00 -17.04 -23.14
N VAL A 229 6.06 -16.48 -23.90
CA VAL A 229 6.39 -15.66 -25.06
C VAL A 229 6.83 -14.27 -24.66
N LYS A 230 6.47 -13.83 -23.45
CA LYS A 230 6.78 -12.47 -23.02
C LYS A 230 8.25 -12.12 -23.09
N PRO A 231 9.18 -12.96 -22.64
CA PRO A 231 10.59 -12.62 -22.85
C PRO A 231 10.97 -12.57 -24.32
N LEU A 232 10.39 -13.46 -25.13
CA LEU A 232 10.77 -13.53 -26.54
C LEU A 232 10.40 -12.25 -27.28
N LYS A 233 9.21 -11.71 -27.04
CA LYS A 233 8.86 -10.47 -27.77
C LYS A 233 9.48 -9.23 -27.15
N TYR A 234 9.80 -9.26 -25.86
CA TYR A 234 10.60 -8.19 -25.28
C TYR A 234 12.00 -8.17 -25.89
N ALA A 235 12.60 -9.35 -26.05
CA ALA A 235 13.86 -9.47 -26.78
C ALA A 235 13.76 -8.86 -28.18
N ILE A 236 12.71 -9.19 -28.92
CA ILE A 236 12.53 -8.62 -30.26
C ILE A 236 12.50 -7.10 -30.20
N ALA A 237 11.75 -6.55 -29.23
CA ALA A 237 11.58 -5.11 -29.19
C ALA A 237 12.88 -4.41 -28.84
N VAL A 238 13.64 -4.95 -27.88
CA VAL A 238 14.93 -4.35 -27.56
C VAL A 238 15.88 -4.52 -28.73
N ASN A 239 15.82 -5.66 -29.40
CA ASN A 239 16.67 -5.92 -30.55
C ASN A 239 16.47 -4.90 -31.66
N ASP A 240 15.23 -4.44 -31.88
CA ASP A 240 14.89 -3.57 -33.01
C ASP A 240 14.90 -2.09 -32.68
N LEU A 241 14.75 -1.72 -31.40
CA LEU A 241 14.61 -0.34 -30.99
C LEU A 241 15.62 0.09 -29.95
N GLY A 242 16.25 -0.84 -29.26
CA GLY A 242 17.18 -0.48 -28.23
C GLY A 242 16.52 -0.45 -26.86
N THR A 243 17.37 -0.58 -25.82
CA THR A 243 16.95 -0.60 -24.42
C THR A 243 16.32 0.71 -23.99
N GLU A 244 16.93 1.83 -24.39
CA GLU A 244 16.47 3.12 -23.89
C GLU A 244 15.06 3.42 -24.37
N TYR A 245 14.80 3.20 -25.66
CA TYR A 245 13.45 3.46 -26.17
C TYR A 245 12.42 2.57 -25.49
N VAL A 246 12.72 1.27 -25.40
CA VAL A 246 11.75 0.32 -24.86
C VAL A 246 11.41 0.67 -23.42
N HIS A 247 12.41 1.04 -22.62
CA HIS A 247 12.11 1.30 -21.23
C HIS A 247 11.64 2.73 -20.97
N ARG A 248 11.30 3.47 -22.03
CA ARG A 248 10.43 4.63 -21.86
C ARG A 248 8.99 4.21 -21.58
N TYR A 249 8.61 3.01 -21.97
CA TYR A 249 7.24 2.57 -21.89
C TYR A 249 6.99 1.49 -20.84
N VAL A 250 8.04 0.89 -20.29
CA VAL A 250 7.89 -0.24 -19.37
C VAL A 250 9.07 -0.18 -18.40
N GLY A 251 8.82 -0.59 -17.17
CA GLY A 251 9.83 -0.54 -16.15
C GLY A 251 10.76 -1.73 -16.23
N LYS A 252 11.66 -1.81 -15.24
CA LYS A 252 12.67 -2.87 -15.29
C LYS A 252 12.91 -3.51 -13.94
N GLU A 253 11.92 -3.52 -13.04
CA GLU A 253 12.04 -4.15 -11.73
C GLU A 253 10.79 -4.95 -11.44
N PRO A 254 10.89 -5.97 -10.58
CA PRO A 254 9.68 -6.57 -10.01
C PRO A 254 8.97 -5.54 -9.15
N SER A 255 7.64 -5.71 -9.06
CA SER A 255 6.81 -4.84 -8.22
C SER A 255 6.95 -5.13 -6.73
N GLY A 256 7.22 -6.36 -6.35
CA GLY A 256 7.07 -6.74 -4.96
C GLY A 256 5.69 -7.34 -4.69
N LEU A 257 5.64 -8.27 -3.73
CA LEU A 257 4.50 -9.17 -3.60
C LEU A 257 3.15 -8.46 -3.48
N ARG A 258 3.11 -7.22 -3.01
CA ARG A 258 1.77 -6.64 -2.86
C ARG A 258 1.24 -6.00 -4.13
N PHE A 259 2.09 -5.40 -4.95
CA PHE A 259 1.58 -4.79 -6.17
C PHE A 259 1.57 -5.72 -7.34
N ASN A 260 1.52 -7.02 -7.10
CA ASN A 260 1.16 -7.93 -8.16
C ASN A 260 -0.22 -7.64 -8.75
N LYS A 261 -1.02 -6.74 -8.16
CA LYS A 261 -2.35 -6.41 -8.66
C LYS A 261 -2.46 -5.07 -9.33
N LEU A 262 -1.50 -4.16 -9.11
CA LEU A 262 -1.53 -2.86 -9.76
C LEU A 262 -1.07 -2.94 -11.20
N PHE A 263 -1.61 -2.05 -12.03
CA PHE A 263 -1.25 -2.03 -13.44
C PHE A 263 0.03 -1.24 -13.69
N LEU A 264 0.23 -0.11 -13.00
CA LEU A 264 1.35 0.78 -13.25
C LEU A 264 2.14 1.02 -11.98
N ASN A 265 3.43 1.33 -12.16
CA ASN A 265 4.28 1.76 -11.06
C ASN A 265 4.10 3.26 -10.88
N GLU A 266 4.91 3.87 -10.00
CA GLU A 266 4.72 5.28 -9.69
C GLU A 266 4.98 6.20 -10.87
N ASP A 267 5.82 5.79 -11.83
CA ASP A 267 6.06 6.61 -13.00
C ASP A 267 5.04 6.36 -14.10
N ASP A 268 3.90 5.76 -13.79
CA ASP A 268 2.83 5.51 -14.76
C ASP A 268 3.27 4.59 -15.91
N LYS A 269 4.27 3.77 -15.67
CA LYS A 269 4.69 2.69 -16.55
C LYS A 269 4.36 1.34 -15.93
N PRO A 270 4.02 0.36 -16.75
CA PRO A 270 3.97 -1.02 -16.25
C PRO A 270 5.29 -1.42 -15.61
N HIS A 271 5.21 -2.25 -14.58
CA HIS A 271 6.37 -2.45 -13.72
C HIS A 271 7.52 -3.04 -14.51
N ASN A 272 7.23 -3.99 -15.39
CA ASN A 272 8.24 -4.67 -16.20
C ASN A 272 7.53 -5.48 -17.28
N PRO A 273 8.23 -5.97 -18.31
CA PRO A 273 7.55 -6.65 -19.42
C PRO A 273 7.11 -8.07 -19.13
N MET A 274 7.45 -8.65 -17.98
CA MET A 274 7.01 -10.01 -17.68
C MET A 274 5.62 -10.07 -17.07
N VAL A 275 5.03 -8.93 -16.70
CA VAL A 275 3.64 -8.87 -16.28
C VAL A 275 2.77 -8.53 -17.48
N ASN A 276 1.47 -8.82 -17.38
CA ASN A 276 0.54 -8.65 -18.49
C ASN A 276 0.48 -7.21 -18.97
N ALA A 277 0.34 -6.26 -18.05
CA ALA A 277 0.32 -4.86 -18.45
C ALA A 277 1.56 -4.48 -19.24
N GLY A 278 2.71 -5.01 -18.84
CA GLY A 278 3.96 -4.64 -19.51
C GLY A 278 4.15 -5.36 -20.83
N ALA A 279 3.78 -6.64 -20.89
CA ALA A 279 3.79 -7.35 -22.15
C ALA A 279 2.83 -6.71 -23.16
N ILE A 280 1.72 -6.14 -22.69
CA ILE A 280 0.78 -5.47 -23.57
C ILE A 280 1.42 -4.23 -24.18
N VAL A 281 2.12 -3.45 -23.36
CA VAL A 281 2.79 -2.28 -23.90
C VAL A 281 3.92 -2.70 -24.85
N VAL A 282 4.73 -3.68 -24.44
CA VAL A 282 5.80 -4.17 -25.31
C VAL A 282 5.25 -4.62 -26.65
N THR A 283 4.11 -5.32 -26.63
CA THR A 283 3.45 -5.70 -27.87
C THR A 283 3.18 -4.50 -28.76
N SER A 284 2.89 -3.34 -28.16
CA SER A 284 2.56 -2.18 -28.96
C SER A 284 3.76 -1.52 -29.63
N LEU A 285 4.98 -1.90 -29.28
CA LEU A 285 6.14 -1.21 -29.83
C LEU A 285 6.73 -1.92 -31.05
N ILE A 286 6.42 -3.20 -31.20
CA ILE A 286 7.01 -4.04 -32.24
C ILE A 286 6.44 -3.66 -33.59
N LYS A 287 7.32 -3.25 -34.50
CA LYS A 287 6.97 -3.01 -35.90
C LYS A 287 5.78 -2.05 -36.03
N GLN A 288 5.93 -0.89 -35.39
CA GLN A 288 4.86 0.09 -35.39
C GLN A 288 4.56 0.53 -36.83
N GLY A 289 3.33 0.96 -37.05
CA GLY A 289 2.92 1.44 -38.37
C GLY A 289 2.41 0.38 -39.33
N VAL A 290 3.15 -0.71 -39.48
CA VAL A 290 2.66 -1.87 -40.20
C VAL A 290 1.45 -2.49 -39.49
N ASN A 291 0.61 -3.18 -40.24
CA ASN A 291 -0.62 -3.73 -39.69
C ASN A 291 -0.37 -5.05 -38.96
N ASN A 292 -1.43 -5.53 -38.30
CA ASN A 292 -1.31 -6.64 -37.38
C ASN A 292 -0.95 -7.94 -38.09
N ALA A 293 -1.51 -8.16 -39.27
CA ALA A 293 -1.22 -9.39 -40.01
C ALA A 293 0.27 -9.48 -40.34
N GLU A 294 0.87 -8.38 -40.78
CA GLU A 294 2.30 -8.42 -41.06
C GLU A 294 3.10 -8.49 -39.77
N LYS A 295 2.61 -7.86 -38.70
CA LYS A 295 3.29 -7.91 -37.41
C LYS A 295 3.41 -9.35 -36.94
N PHE A 296 2.30 -10.09 -36.94
CA PHE A 296 2.37 -11.50 -36.60
C PHE A 296 3.38 -12.25 -37.49
N ASP A 297 3.36 -12.00 -38.80
CA ASP A 297 4.32 -12.63 -39.70
C ASP A 297 5.76 -12.38 -39.25
N TYR A 298 6.08 -11.11 -38.95
CA TYR A 298 7.42 -10.76 -38.51
C TYR A 298 7.83 -11.53 -37.28
N VAL A 299 6.96 -11.55 -36.27
CA VAL A 299 7.24 -12.26 -35.03
C VAL A 299 7.43 -13.75 -35.30
N MET A 300 6.55 -14.35 -36.10
CA MET A 300 6.69 -15.75 -36.46
C MET A 300 8.05 -16.03 -37.09
N GLN A 301 8.43 -15.22 -38.07
CA GLN A 301 9.76 -15.39 -38.68
C GLN A 301 10.84 -15.23 -37.62
N PHE A 302 10.66 -14.29 -36.70
CA PHE A 302 11.69 -14.08 -35.68
C PHE A 302 11.78 -15.29 -34.77
N LEU A 303 10.65 -15.90 -34.45
CA LEU A 303 10.65 -17.10 -33.61
C LEU A 303 11.22 -18.28 -34.35
N ASN A 304 11.01 -18.35 -35.66
CA ASN A 304 11.64 -19.38 -36.48
C ASN A 304 13.16 -19.30 -36.39
N LYS A 305 13.72 -18.11 -36.61
CA LYS A 305 15.16 -17.98 -36.42
C LYS A 305 15.54 -18.48 -35.02
N MET A 306 14.79 -18.04 -33.99
CA MET A 306 15.11 -18.40 -32.62
C MET A 306 15.10 -19.91 -32.41
N ALA A 307 14.20 -20.63 -33.06
CA ALA A 307 14.12 -22.07 -32.87
C ALA A 307 14.96 -22.87 -33.85
N GLY A 308 15.83 -22.22 -34.62
CA GLY A 308 16.54 -22.92 -35.67
C GLY A 308 15.60 -23.55 -36.68
N ASN A 309 14.43 -22.94 -36.91
CA ASN A 309 13.40 -23.42 -37.81
C ASN A 309 12.76 -24.72 -37.35
N GLU A 310 12.90 -25.10 -36.09
CA GLU A 310 12.09 -26.21 -35.61
C GLU A 310 10.66 -25.72 -35.36
N TYR A 311 9.83 -26.56 -34.76
CA TYR A 311 8.37 -26.41 -34.80
C TYR A 311 7.91 -25.13 -34.11
N VAL A 312 7.30 -24.24 -34.89
CA VAL A 312 6.50 -23.14 -34.38
C VAL A 312 5.17 -23.16 -35.12
N GLY A 313 4.08 -22.95 -34.39
CA GLY A 313 2.77 -22.89 -34.97
C GLY A 313 1.80 -21.96 -34.26
N PHE A 314 0.50 -22.25 -34.35
CA PHE A 314 -0.52 -21.33 -33.86
C PHE A 314 -1.79 -22.10 -33.52
N SER A 315 -2.39 -21.75 -32.39
CA SER A 315 -3.64 -22.38 -31.95
C SER A 315 -4.73 -21.32 -32.02
N ASN A 316 -5.60 -21.42 -33.04
CA ASN A 316 -6.71 -20.49 -33.16
C ASN A 316 -7.77 -20.75 -32.11
N ALA A 317 -7.88 -21.98 -31.64
CA ALA A 317 -8.79 -22.29 -30.56
C ALA A 317 -8.41 -21.55 -29.29
N THR A 318 -7.13 -21.61 -28.91
CA THR A 318 -6.64 -20.85 -27.77
C THR A 318 -6.88 -19.36 -27.99
N PHE A 319 -6.62 -18.88 -29.20
CA PHE A 319 -6.77 -17.46 -29.47
C PHE A 319 -8.21 -17.01 -29.28
N GLN A 320 -9.18 -17.80 -29.76
CA GLN A 320 -10.60 -17.49 -29.53
C GLN A 320 -10.94 -17.52 -28.03
N SER A 321 -10.49 -18.56 -27.33
CA SER A 321 -10.74 -18.66 -25.90
C SER A 321 -10.12 -17.51 -25.13
N GLU A 322 -8.86 -17.21 -25.41
CA GLU A 322 -8.19 -16.15 -24.67
C GLU A 322 -8.90 -14.82 -24.85
N ARG A 323 -9.51 -14.58 -26.02
CA ARG A 323 -10.08 -13.27 -26.28
C ARG A 323 -11.49 -13.13 -25.74
N GLU A 324 -12.26 -14.20 -25.68
CA GLU A 324 -13.58 -14.07 -25.07
C GLU A 324 -13.50 -13.91 -23.56
N SER A 325 -12.41 -14.34 -22.96
CA SER A 325 -12.22 -14.27 -21.51
C SER A 325 -11.10 -13.32 -21.12
N GLY A 326 -10.78 -12.34 -21.95
CA GLY A 326 -9.73 -11.41 -21.61
C GLY A 326 -10.20 -10.14 -20.91
N ASP A 327 -11.18 -10.27 -20.02
CA ASP A 327 -11.74 -9.09 -19.36
C ASP A 327 -10.66 -8.29 -18.66
N ARG A 328 -9.83 -8.99 -17.87
CA ARG A 328 -8.80 -8.27 -17.14
C ARG A 328 -7.80 -7.62 -18.09
N ASN A 329 -7.53 -8.28 -19.22
CA ASN A 329 -6.62 -7.69 -20.19
C ASN A 329 -7.24 -6.46 -20.86
N PHE A 330 -8.55 -6.48 -21.07
CA PHE A 330 -9.20 -5.26 -21.56
C PHE A 330 -9.21 -4.16 -20.52
N ALA A 331 -9.46 -4.51 -19.26
CA ALA A 331 -9.35 -3.52 -18.20
C ALA A 331 -7.97 -2.90 -18.24
N ILE A 332 -6.94 -3.73 -18.38
CA ILE A 332 -5.58 -3.23 -18.49
C ILE A 332 -5.43 -2.31 -19.68
N GLY A 333 -5.93 -2.72 -20.84
CA GLY A 333 -5.75 -1.93 -22.06
C GLY A 333 -6.38 -0.55 -21.97
N TYR A 334 -7.60 -0.47 -21.44
CA TYR A 334 -8.24 0.83 -21.32
C TYR A 334 -7.50 1.72 -20.32
N TYR A 335 -7.07 1.16 -19.19
CA TYR A 335 -6.31 1.96 -18.23
C TYR A 335 -5.00 2.46 -18.82
N LEU A 336 -4.29 1.62 -19.58
CA LEU A 336 -3.06 2.03 -20.24
C LEU A 336 -3.33 3.11 -21.27
N LYS A 337 -4.44 2.99 -21.99
CA LYS A 337 -4.82 4.04 -22.94
C LYS A 337 -5.08 5.36 -22.22
N GLU A 338 -5.90 5.34 -21.18
CA GLU A 338 -6.20 6.58 -20.48
C GLU A 338 -4.93 7.20 -19.90
N LYS A 339 -4.03 6.39 -19.35
CA LYS A 339 -2.79 6.96 -18.84
C LYS A 339 -1.77 7.21 -19.91
N LYS A 340 -2.15 7.05 -21.18
CA LYS A 340 -1.30 7.41 -22.31
C LYS A 340 0.04 6.64 -22.25
N CYS A 341 -0.07 5.34 -22.00
CA CYS A 341 1.10 4.48 -21.85
C CYS A 341 1.64 3.94 -23.16
N PHE A 342 0.91 4.11 -24.26
CA PHE A 342 1.21 3.57 -25.57
C PHE A 342 1.92 4.60 -26.43
N PRO A 343 2.69 4.14 -27.42
CA PRO A 343 3.21 5.07 -28.42
C PRO A 343 2.07 5.69 -29.21
N GLU A 344 2.32 6.89 -29.69
CA GLU A 344 1.37 7.66 -30.46
C GLU A 344 0.88 6.84 -31.64
N GLY A 345 -0.40 6.98 -31.95
CA GLY A 345 -0.96 6.25 -33.07
C GLY A 345 -1.28 4.81 -32.80
N THR A 346 -1.34 4.39 -31.54
CA THR A 346 -1.64 3.01 -31.21
C THR A 346 -3.15 2.77 -31.23
N ASP A 347 -3.56 1.68 -31.87
CA ASP A 347 -4.94 1.19 -31.74
C ASP A 347 -4.93 0.17 -30.61
N MET A 348 -5.42 0.57 -29.43
CA MET A 348 -5.35 -0.29 -28.25
C MET A 348 -6.09 -1.60 -28.48
N VAL A 349 -7.32 -1.52 -29.01
CA VAL A 349 -8.11 -2.73 -29.21
C VAL A 349 -7.43 -3.70 -30.17
N GLY A 350 -6.74 -3.18 -31.19
CA GLY A 350 -5.99 -4.06 -32.07
C GLY A 350 -4.77 -4.69 -31.40
N ILE A 351 -4.07 -3.91 -30.57
CA ILE A 351 -2.90 -4.43 -29.85
C ILE A 351 -3.30 -5.61 -28.98
N LEU A 352 -4.40 -5.48 -28.24
CA LEU A 352 -4.88 -6.60 -27.44
C LEU A 352 -5.10 -7.85 -28.28
N ASP A 353 -5.71 -7.68 -29.46
CA ASP A 353 -5.90 -8.80 -30.37
C ASP A 353 -4.56 -9.43 -30.77
N PHE A 354 -3.60 -8.57 -31.11
CA PHE A 354 -2.26 -9.02 -31.43
C PHE A 354 -1.62 -9.74 -30.23
N TYR A 355 -1.77 -9.16 -29.03
CA TYR A 355 -1.29 -9.78 -27.79
C TYR A 355 -1.86 -11.19 -27.59
N PHE A 356 -3.18 -11.36 -27.76
CA PHE A 356 -3.78 -12.70 -27.66
C PHE A 356 -3.21 -13.65 -28.70
N GLN A 357 -2.93 -13.15 -29.90
CA GLN A 357 -2.30 -14.00 -30.89
C GLN A 357 -0.97 -14.52 -30.40
N LEU A 358 -0.10 -13.62 -29.94
CA LEU A 358 1.24 -14.03 -29.51
C LEU A 358 1.17 -15.08 -28.41
N CYS A 359 0.13 -15.03 -27.56
CA CYS A 359 -0.01 -16.00 -26.48
C CYS A 359 -0.45 -17.36 -27.00
N SER A 360 -1.03 -17.40 -28.18
CA SER A 360 -1.52 -18.66 -28.75
C SER A 360 -0.51 -19.32 -29.66
N ILE A 361 0.67 -18.74 -29.83
CA ILE A 361 1.74 -19.40 -30.58
C ILE A 361 2.09 -20.73 -29.93
N GLU A 362 2.24 -21.77 -30.75
CA GLU A 362 2.52 -23.13 -30.30
C GLU A 362 3.99 -23.49 -30.49
N VAL A 363 4.47 -24.36 -29.60
CA VAL A 363 5.82 -24.92 -29.64
C VAL A 363 5.75 -26.35 -29.10
N THR A 364 6.88 -27.06 -29.19
CA THR A 364 7.10 -28.27 -28.42
C THR A 364 8.19 -28.02 -27.39
N CYS A 365 8.37 -28.98 -26.47
CA CYS A 365 9.55 -28.94 -25.61
C CYS A 365 10.82 -28.82 -26.43
N GLU A 366 10.93 -29.56 -27.53
CA GLU A 366 12.18 -29.56 -28.29
C GLU A 366 12.44 -28.23 -28.98
N SER A 367 11.43 -27.68 -29.66
CA SER A 367 11.66 -26.45 -30.40
C SER A 367 11.85 -25.28 -29.44
N ALA A 368 11.07 -25.24 -28.36
CA ALA A 368 11.23 -24.19 -27.36
C ALA A 368 12.60 -24.25 -26.69
N SER A 369 13.13 -25.46 -26.48
CA SER A 369 14.44 -25.56 -25.85
C SER A 369 15.53 -24.92 -26.72
N VAL A 370 15.37 -24.96 -28.05
CA VAL A 370 16.31 -24.27 -28.94
C VAL A 370 16.21 -22.76 -28.75
N MET A 371 14.98 -22.24 -28.63
CA MET A 371 14.82 -20.81 -28.38
C MET A 371 15.53 -20.39 -27.11
N ALA A 372 15.42 -21.20 -26.05
CA ALA A 372 16.07 -20.89 -24.79
C ALA A 372 17.59 -20.95 -24.94
N ALA A 373 18.09 -21.85 -25.81
CA ALA A 373 19.53 -21.94 -26.01
C ALA A 373 20.07 -20.72 -26.76
N THR A 374 19.29 -20.17 -27.68
CA THR A 374 19.66 -18.90 -28.30
C THR A 374 19.90 -17.85 -27.24
N LEU A 375 19.00 -17.79 -26.24
CA LEU A 375 19.17 -16.87 -25.12
C LEU A 375 20.36 -17.26 -24.24
N ALA A 376 20.61 -18.56 -24.07
CA ALA A 376 21.80 -19.00 -23.34
C ALA A 376 23.09 -18.72 -24.10
N ASN A 377 23.01 -18.55 -25.44
CA ASN A 377 24.18 -18.45 -26.30
C ASN A 377 24.41 -17.03 -26.84
N GLY A 378 24.03 -16.00 -26.10
CA GLY A 378 24.31 -14.63 -26.51
C GLY A 378 23.56 -14.11 -27.72
N GLY A 379 22.51 -14.79 -28.17
CA GLY A 379 21.74 -14.36 -29.33
C GLY A 379 22.04 -15.14 -30.60
N PHE A 380 22.91 -16.13 -30.56
CA PHE A 380 23.23 -16.99 -31.68
C PHE A 380 22.50 -18.31 -31.54
N CYS A 381 21.74 -18.68 -32.56
CA CYS A 381 21.03 -19.94 -32.53
C CYS A 381 22.05 -21.08 -32.58
N PRO A 382 22.11 -21.93 -31.56
CA PRO A 382 23.22 -22.90 -31.50
C PRO A 382 23.17 -23.99 -32.56
N ILE A 383 22.04 -24.26 -33.21
CA ILE A 383 21.98 -25.32 -34.20
C ILE A 383 22.02 -24.80 -35.63
N THR A 384 22.03 -23.48 -35.82
CA THR A 384 22.21 -22.90 -37.15
C THR A 384 23.44 -22.02 -37.27
N GLY A 385 23.95 -21.46 -36.16
CA GLY A 385 25.03 -20.49 -36.20
C GLY A 385 24.60 -19.07 -36.52
N GLU A 386 23.31 -18.84 -36.76
CA GLU A 386 22.83 -17.53 -37.12
C GLU A 386 22.70 -16.63 -35.90
N ARG A 387 23.07 -15.39 -36.07
CA ARG A 387 22.84 -14.38 -35.06
C ARG A 387 21.40 -13.90 -35.17
N VAL A 388 20.64 -14.02 -34.08
CA VAL A 388 19.21 -13.78 -34.07
C VAL A 388 18.84 -12.55 -33.24
N LEU A 389 19.51 -12.33 -32.12
CA LEU A 389 19.23 -11.18 -31.28
C LEU A 389 20.54 -10.50 -30.92
N SER A 390 20.46 -9.20 -30.70
CA SER A 390 21.64 -8.48 -30.22
C SER A 390 21.96 -8.94 -28.79
N PRO A 391 23.24 -8.91 -28.39
CA PRO A 391 23.57 -9.26 -26.99
C PRO A 391 22.89 -8.37 -25.96
N GLU A 392 22.67 -7.10 -26.29
CA GLU A 392 21.90 -6.20 -25.44
C GLU A 392 20.49 -6.77 -25.17
N ALA A 393 19.80 -7.20 -26.23
CA ALA A 393 18.49 -7.81 -26.08
C ALA A 393 18.53 -9.02 -25.14
N VAL A 394 19.48 -9.92 -25.35
CA VAL A 394 19.53 -11.14 -24.55
C VAL A 394 19.82 -10.82 -23.09
N ARG A 395 20.82 -9.99 -22.84
CA ARG A 395 21.16 -9.60 -21.47
C ARG A 395 19.95 -9.04 -20.74
N ASN A 396 19.32 -8.00 -21.31
CA ASN A 396 18.12 -7.44 -20.71
C ASN A 396 17.09 -8.52 -20.43
N THR A 397 16.82 -9.35 -21.43
CA THR A 397 15.79 -10.37 -21.29
C THR A 397 16.14 -11.35 -20.17
N LEU A 398 17.40 -11.79 -20.12
CA LEU A 398 17.81 -12.73 -19.08
C LEU A 398 17.71 -12.09 -17.70
N SER A 399 17.93 -10.76 -17.62
CA SER A 399 17.84 -10.06 -16.34
C SER A 399 16.41 -10.02 -15.81
N LEU A 400 15.44 -9.67 -16.67
CA LEU A 400 14.07 -9.59 -16.20
C LEU A 400 13.47 -10.97 -15.98
N MET A 401 13.99 -12.01 -16.63
CA MET A 401 13.52 -13.36 -16.34
C MET A 401 14.00 -13.82 -14.97
N HIS A 402 15.22 -13.43 -14.60
CA HIS A 402 15.76 -13.73 -13.28
C HIS A 402 14.85 -13.22 -12.16
N SER A 403 14.45 -11.96 -12.23
CA SER A 403 13.71 -11.33 -11.15
C SER A 403 12.20 -11.33 -11.33
N CYS A 404 11.67 -11.52 -12.53
CA CYS A 404 10.24 -11.32 -12.72
C CYS A 404 9.52 -12.45 -13.43
N GLY A 405 10.17 -13.59 -13.70
CA GLY A 405 9.59 -14.50 -14.67
C GLY A 405 8.76 -15.64 -14.16
N MET A 406 8.63 -15.80 -12.84
CA MET A 406 7.95 -16.92 -12.25
C MET A 406 6.79 -16.45 -11.35
N TYR A 407 6.22 -15.30 -11.68
CA TYR A 407 5.08 -14.65 -10.99
C TYR A 407 5.49 -14.41 -9.53
N ASP A 408 4.57 -14.60 -8.58
CA ASP A 408 4.84 -14.38 -7.17
C ASP A 408 5.95 -15.26 -6.62
N PHE A 409 6.41 -16.25 -7.37
CA PHE A 409 7.49 -17.11 -6.94
C PHE A 409 8.83 -16.62 -7.43
N SER A 410 8.86 -15.46 -8.11
CA SER A 410 10.09 -14.97 -8.73
C SER A 410 11.21 -14.82 -7.70
N GLY A 411 10.91 -14.21 -6.56
CA GLY A 411 11.94 -14.01 -5.54
C GLY A 411 12.46 -15.31 -4.95
N GLN A 412 11.55 -16.23 -4.62
CA GLN A 412 11.97 -17.54 -4.12
C GLN A 412 12.79 -18.29 -5.16
N PHE A 413 12.37 -18.21 -6.42
CA PHE A 413 13.01 -18.95 -7.49
C PHE A 413 14.41 -18.42 -7.76
N ALA A 414 14.53 -17.10 -7.84
CA ALA A 414 15.84 -16.46 -7.95
C ALA A 414 16.77 -16.90 -6.83
N PHE A 415 16.27 -16.89 -5.59
CA PHE A 415 17.10 -17.24 -4.46
C PHE A 415 17.50 -18.70 -4.50
N HIS A 416 16.54 -19.59 -4.74
CA HIS A 416 16.93 -20.99 -4.67
C HIS A 416 17.47 -21.54 -5.99
N VAL A 417 16.95 -21.11 -7.14
CA VAL A 417 17.38 -21.74 -8.39
C VAL A 417 18.46 -20.92 -9.06
N GLY A 418 18.33 -19.60 -9.01
CA GLY A 418 19.35 -18.75 -9.58
C GLY A 418 19.46 -18.91 -11.08
N LEU A 419 18.34 -19.15 -11.76
CA LEU A 419 18.37 -19.32 -13.20
C LEU A 419 17.28 -18.45 -13.79
N PRO A 420 17.55 -17.75 -14.87
CA PRO A 420 16.48 -17.01 -15.56
C PRO A 420 15.47 -17.97 -16.18
N ALA A 421 14.19 -17.73 -15.91
CA ALA A 421 13.13 -18.62 -16.35
C ALA A 421 11.85 -17.84 -16.57
N LYS A 422 10.98 -18.41 -17.42
CA LYS A 422 9.66 -17.85 -17.64
C LYS A 422 8.64 -18.98 -17.72
N SER A 423 7.62 -18.91 -16.90
CA SER A 423 6.56 -19.88 -16.91
C SER A 423 5.35 -19.36 -17.68
N GLY A 424 4.47 -20.28 -18.04
CA GLY A 424 3.22 -19.94 -18.69
C GLY A 424 2.13 -20.90 -18.28
N VAL A 425 0.89 -20.45 -18.45
CA VAL A 425 -0.27 -21.12 -17.89
C VAL A 425 -0.57 -22.46 -18.57
N ALA A 426 -0.04 -22.68 -19.78
CA ALA A 426 -0.15 -24.00 -20.35
C ALA A 426 0.74 -25.01 -19.65
N GLY A 427 1.64 -24.57 -18.77
CA GLY A 427 2.50 -25.47 -18.04
C GLY A 427 3.94 -25.49 -18.52
N GLY A 428 4.33 -24.53 -19.35
CA GLY A 428 5.70 -24.47 -19.83
C GLY A 428 6.57 -23.68 -18.87
N ILE A 429 7.83 -24.09 -18.75
CA ILE A 429 8.83 -23.26 -18.13
C ILE A 429 10.01 -23.17 -19.08
N LEU A 430 10.19 -22.00 -19.66
CA LEU A 430 11.36 -21.69 -20.47
C LEU A 430 12.56 -21.42 -19.56
N LEU A 431 13.65 -22.17 -19.70
CA LEU A 431 14.74 -22.11 -18.72
C LEU A 431 16.11 -21.93 -19.36
N VAL A 432 16.86 -20.95 -18.88
CA VAL A 432 18.17 -20.63 -19.44
C VAL A 432 19.25 -20.85 -18.39
N VAL A 433 20.25 -21.64 -18.74
CA VAL A 433 21.50 -21.71 -17.98
C VAL A 433 22.55 -21.00 -18.82
N PRO A 434 22.81 -19.73 -18.54
CA PRO A 434 23.68 -18.94 -19.40
C PRO A 434 25.04 -19.61 -19.65
N ASN A 435 25.45 -19.55 -20.93
CA ASN A 435 26.69 -20.13 -21.44
C ASN A 435 26.68 -21.67 -21.44
N VAL A 436 25.58 -22.31 -21.06
CA VAL A 436 25.57 -23.77 -21.02
C VAL A 436 24.46 -24.35 -21.87
N MET A 437 23.19 -24.01 -21.57
CA MET A 437 22.12 -24.69 -22.26
C MET A 437 20.80 -23.95 -22.05
N GLY A 438 19.86 -24.22 -22.97
CA GLY A 438 18.48 -23.83 -22.82
C GLY A 438 17.64 -25.04 -22.53
N MET A 439 16.50 -24.87 -21.85
CA MET A 439 15.59 -25.98 -21.67
C MET A 439 14.17 -25.49 -21.78
N MET A 440 13.28 -26.42 -22.10
CA MET A 440 11.86 -26.24 -21.90
C MET A 440 11.35 -27.43 -21.11
N CYS A 441 10.64 -27.16 -20.03
CA CYS A 441 9.91 -28.17 -19.29
C CYS A 441 8.42 -27.93 -19.48
N TRP A 442 7.65 -28.99 -19.61
CA TRP A 442 6.22 -28.83 -19.82
C TRP A 442 5.47 -29.93 -19.07
N SER A 443 4.60 -29.52 -18.18
CA SER A 443 3.62 -30.36 -17.50
C SER A 443 2.46 -29.45 -17.12
N PRO A 444 1.26 -29.70 -17.66
CA PRO A 444 0.14 -28.73 -17.50
C PRO A 444 -0.26 -28.44 -16.06
N PRO A 445 -0.17 -29.38 -15.12
CA PRO A 445 -0.66 -29.05 -13.75
C PRO A 445 0.15 -27.94 -13.10
N LEU A 446 -0.54 -26.87 -12.72
CA LEU A 446 0.04 -25.67 -12.11
C LEU A 446 -0.15 -25.68 -10.59
N ASP A 447 0.79 -25.05 -9.87
CA ASP A 447 0.58 -24.78 -8.45
C ASP A 447 -0.26 -23.53 -8.29
N LYS A 448 -0.48 -23.13 -7.03
CA LYS A 448 -1.37 -22.01 -6.76
C LYS A 448 -0.81 -20.69 -7.25
N MET A 449 0.49 -20.62 -7.52
CA MET A 449 1.03 -19.40 -8.09
C MET A 449 0.99 -19.38 -9.60
N GLY A 450 0.63 -20.47 -10.26
CA GLY A 450 0.56 -20.53 -11.71
C GLY A 450 1.75 -21.19 -12.39
N ASN A 451 2.65 -21.80 -11.64
CA ASN A 451 3.82 -22.47 -12.20
C ASN A 451 3.62 -23.98 -12.22
N SER A 452 4.16 -24.62 -13.26
CA SER A 452 4.05 -26.07 -13.37
C SER A 452 4.68 -26.74 -12.16
N VAL A 453 3.97 -27.69 -11.58
CA VAL A 453 4.45 -28.32 -10.36
C VAL A 453 5.70 -29.11 -10.65
N LYS A 454 5.67 -29.93 -11.70
CA LYS A 454 6.80 -30.81 -12.01
C LYS A 454 7.98 -30.02 -12.58
N GLY A 455 7.73 -28.98 -13.37
CA GLY A 455 8.81 -28.12 -13.82
C GLY A 455 9.53 -27.47 -12.65
N ILE A 456 8.76 -26.96 -11.68
CA ILE A 456 9.33 -26.32 -10.51
C ILE A 456 10.16 -27.31 -9.70
N HIS A 457 9.64 -28.52 -9.52
CA HIS A 457 10.40 -29.55 -8.82
C HIS A 457 11.70 -29.87 -9.56
N PHE A 458 11.59 -30.05 -10.88
CA PHE A 458 12.74 -30.37 -11.72
C PHE A 458 13.81 -29.29 -11.65
N CYS A 459 13.40 -28.03 -11.77
CA CYS A 459 14.32 -26.90 -11.69
C CYS A 459 15.10 -26.87 -10.38
N HIS A 460 14.42 -27.08 -9.26
CA HIS A 460 15.13 -27.12 -7.98
C HIS A 460 16.16 -28.24 -7.98
N ASP A 461 15.73 -29.45 -8.37
CA ASP A 461 16.64 -30.60 -8.36
C ASP A 461 17.82 -30.36 -9.27
N LEU A 462 17.59 -29.75 -10.42
CA LEU A 462 18.67 -29.52 -11.37
C LEU A 462 19.81 -28.77 -10.71
N VAL A 463 19.47 -27.74 -9.95
CA VAL A 463 20.50 -26.91 -9.35
C VAL A 463 20.98 -27.45 -8.00
N SER A 464 20.18 -28.28 -7.31
CA SER A 464 20.74 -29.07 -6.22
C SER A 464 21.87 -29.95 -6.72
N LEU A 465 21.75 -30.44 -7.95
CA LEU A 465 22.68 -31.43 -8.49
C LEU A 465 23.92 -30.76 -9.09
N CYS A 466 23.72 -29.77 -9.93
CA CYS A 466 24.79 -29.20 -10.72
C CYS A 466 25.03 -27.75 -10.32
N ASN A 467 26.27 -27.31 -10.51
CA ASN A 467 26.65 -25.98 -10.03
C ASN A 467 26.24 -24.91 -11.04
N PHE A 468 24.95 -24.89 -11.37
CA PHE A 468 24.39 -24.00 -12.37
C PHE A 468 23.75 -22.76 -11.79
N HIS A 469 23.54 -22.73 -10.48
CA HIS A 469 23.00 -21.54 -9.84
C HIS A 469 23.85 -20.35 -10.24
N ASN A 470 23.17 -19.23 -10.47
CA ASN A 470 23.86 -18.06 -11.01
C ASN A 470 24.94 -17.55 -10.06
N TYR A 471 24.87 -17.87 -8.77
CA TYR A 471 25.92 -17.48 -7.84
C TYR A 471 26.59 -18.68 -7.20
N ASP A 472 26.51 -19.84 -7.84
CA ASP A 472 27.47 -20.91 -7.60
C ASP A 472 28.85 -20.45 -8.05
N ASN A 473 29.88 -20.94 -7.38
CA ASN A 473 31.24 -20.67 -7.80
C ASN A 473 31.70 -21.76 -8.75
N LEU A 474 32.41 -21.37 -9.81
CA LEU A 474 32.86 -22.32 -10.82
C LEU A 474 34.07 -23.13 -10.40
N ARG A 475 34.70 -22.78 -9.30
CA ARG A 475 35.91 -23.43 -8.81
C ARG A 475 35.71 -24.16 -7.49
N HIS A 476 34.89 -23.64 -6.59
CA HIS A 476 34.62 -24.26 -5.29
C HIS A 476 33.12 -24.43 -5.15
N PHE A 477 32.60 -25.64 -5.37
CA PHE A 477 31.16 -25.84 -5.34
C PHE A 477 30.76 -27.04 -4.49
N ALA A 478 31.58 -27.41 -3.51
CA ALA A 478 31.22 -28.47 -2.58
C ALA A 478 30.99 -29.78 -3.33
N LYS A 479 29.85 -30.41 -3.11
CA LYS A 479 29.61 -31.72 -3.70
C LYS A 479 28.65 -31.66 -4.87
N LYS A 480 28.40 -30.48 -5.40
CA LYS A 480 27.62 -30.40 -6.63
C LYS A 480 28.42 -31.00 -7.78
N LEU A 481 27.69 -31.54 -8.75
CA LEU A 481 28.29 -31.99 -10.00
C LEU A 481 28.49 -30.82 -10.96
N ASP A 482 29.59 -30.80 -11.68
CA ASP A 482 29.80 -29.79 -12.72
C ASP A 482 29.88 -30.48 -14.07
N PRO A 483 28.85 -30.38 -14.91
CA PRO A 483 28.85 -31.07 -16.21
C PRO A 483 29.77 -30.46 -17.26
N ARG A 484 30.38 -29.32 -16.99
CA ARG A 484 31.35 -28.75 -17.92
C ARG A 484 32.74 -29.38 -17.82
N ARG A 485 32.98 -30.24 -16.83
CA ARG A 485 34.27 -30.86 -16.56
C ARG A 485 34.22 -32.36 -16.87
N GLU A 486 35.40 -32.96 -16.95
CA GLU A 486 35.52 -34.36 -17.32
C GLU A 486 35.91 -35.19 -16.10
N GLY A 487 36.05 -36.49 -16.34
CA GLY A 487 36.43 -37.43 -15.30
C GLY A 487 35.33 -37.68 -14.28
N PRO B 78 62.37 -34.01 -15.10
CA PRO B 78 62.24 -32.75 -15.85
C PRO B 78 62.12 -31.54 -14.90
N SER B 79 61.15 -31.60 -13.97
CA SER B 79 61.09 -30.81 -12.74
C SER B 79 60.54 -29.39 -12.89
N LEU B 80 59.53 -29.05 -12.08
CA LEU B 80 58.78 -27.79 -12.28
C LEU B 80 59.64 -26.57 -11.98
N GLU B 81 60.33 -26.59 -10.84
CA GLU B 81 61.28 -25.53 -10.57
C GLU B 81 62.27 -25.39 -11.72
N ASP B 82 62.69 -26.51 -12.31
CA ASP B 82 63.60 -26.50 -13.45
C ASP B 82 62.99 -25.79 -14.64
N LEU B 83 61.77 -26.17 -15.02
CA LEU B 83 61.18 -25.59 -16.22
C LEU B 83 60.88 -24.12 -16.04
N LEU B 84 60.16 -23.80 -14.96
CA LEU B 84 59.94 -22.41 -14.57
C LEU B 84 61.24 -21.68 -14.70
N PHE B 85 62.33 -22.35 -14.36
CA PHE B 85 63.61 -21.67 -14.32
C PHE B 85 64.00 -21.13 -15.68
N TYR B 86 63.96 -21.98 -16.71
CA TYR B 86 64.34 -21.52 -18.04
C TYR B 86 63.35 -20.51 -18.61
N THR B 87 62.13 -20.46 -18.06
CA THR B 87 61.14 -19.47 -18.49
C THR B 87 61.62 -18.06 -18.19
N ILE B 88 62.09 -17.79 -16.97
CA ILE B 88 62.45 -16.42 -16.62
C ILE B 88 63.87 -16.07 -17.07
N ALA B 89 64.76 -17.07 -17.14
CA ALA B 89 66.07 -16.86 -17.74
C ALA B 89 65.90 -16.98 -19.25
N GLU B 90 65.50 -15.86 -19.85
CA GLU B 90 65.28 -15.75 -21.30
C GLU B 90 66.44 -16.35 -22.09
N GLY B 91 67.65 -16.20 -21.59
CA GLY B 91 68.82 -16.65 -22.31
C GLY B 91 70.01 -16.94 -21.41
N GLN B 92 70.35 -15.98 -20.55
CA GLN B 92 71.55 -16.11 -19.74
C GLN B 92 71.45 -17.31 -18.80
N GLU B 93 72.57 -17.63 -18.16
CA GLU B 93 72.65 -18.81 -17.31
C GLU B 93 72.12 -18.56 -15.91
N LYS B 94 71.56 -17.39 -15.67
CA LYS B 94 71.38 -16.91 -14.29
C LYS B 94 70.38 -15.75 -14.33
N ILE B 95 69.70 -15.52 -13.21
CA ILE B 95 68.59 -14.57 -13.15
C ILE B 95 68.91 -13.49 -12.12
N PRO B 96 68.89 -12.22 -12.49
CA PRO B 96 68.93 -11.17 -11.47
C PRO B 96 67.75 -11.32 -10.52
N VAL B 97 68.01 -11.08 -9.24
CA VAL B 97 66.93 -11.14 -8.27
C VAL B 97 65.85 -10.13 -8.63
N HIS B 98 66.24 -8.87 -8.87
CA HIS B 98 65.28 -7.85 -9.25
C HIS B 98 64.52 -8.21 -10.53
N LYS B 99 65.18 -8.92 -11.45
CA LYS B 99 64.48 -9.34 -12.67
C LYS B 99 63.41 -10.36 -12.35
N PHE B 100 63.68 -11.26 -11.41
CA PHE B 100 62.65 -12.20 -10.97
C PHE B 100 61.50 -11.45 -10.30
N ILE B 101 61.83 -10.49 -9.44
CA ILE B 101 60.83 -9.77 -8.69
C ILE B 101 59.96 -8.95 -9.63
N THR B 102 60.59 -8.19 -10.53
CA THR B 102 59.82 -7.38 -11.46
C THR B 102 58.89 -8.23 -12.31
N ALA B 103 59.37 -9.40 -12.75
CA ALA B 103 58.50 -10.32 -13.48
C ALA B 103 57.40 -10.85 -12.57
N LEU B 104 57.72 -11.06 -11.29
CA LEU B 104 56.70 -11.51 -10.36
C LEU B 104 55.67 -10.42 -10.10
N LYS B 105 56.05 -9.15 -10.08
CA LYS B 105 55.03 -8.17 -9.77
C LYS B 105 54.07 -7.98 -10.94
N SER B 106 54.55 -8.17 -12.16
CA SER B 106 53.69 -7.99 -13.32
C SER B 106 52.64 -9.08 -13.42
N THR B 107 52.80 -10.20 -12.73
CA THR B 107 51.66 -11.11 -12.61
C THR B 107 50.48 -10.43 -11.94
N GLY B 108 50.71 -9.41 -11.12
CA GLY B 108 49.71 -8.90 -10.22
C GLY B 108 49.92 -9.27 -8.77
N LEU B 109 50.64 -10.35 -8.47
CA LEU B 109 50.88 -10.68 -7.07
C LEU B 109 51.74 -9.61 -6.42
N ARG B 110 51.59 -9.46 -5.11
CA ARG B 110 52.49 -8.66 -4.31
C ARG B 110 53.53 -9.57 -3.66
N THR B 111 54.75 -9.06 -3.49
CA THR B 111 55.77 -9.84 -2.81
C THR B 111 55.36 -10.18 -1.37
N SER B 112 54.50 -9.37 -0.77
CA SER B 112 54.03 -9.64 0.59
C SER B 112 52.93 -10.69 0.65
N ASP B 113 52.50 -11.25 -0.48
CA ASP B 113 51.46 -12.26 -0.50
C ASP B 113 51.75 -13.34 0.55
N PRO B 114 50.81 -13.68 1.42
CA PRO B 114 51.08 -14.74 2.42
C PRO B 114 51.39 -16.10 1.84
N ARG B 115 51.00 -16.41 0.61
CA ARG B 115 51.35 -17.70 0.04
C ARG B 115 52.75 -17.71 -0.54
N LEU B 116 53.47 -16.59 -0.46
CA LEU B 116 54.80 -16.46 -1.02
C LEU B 116 55.88 -16.24 0.03
N LYS B 117 55.57 -16.40 1.32
CA LYS B 117 56.51 -15.94 2.35
C LYS B 117 57.79 -16.77 2.39
N GLU B 118 57.69 -18.10 2.26
CA GLU B 118 58.90 -18.93 2.28
C GLU B 118 59.87 -18.51 1.17
N CYS B 119 59.37 -18.31 -0.04
CA CYS B 119 60.24 -17.92 -1.13
C CYS B 119 60.81 -16.52 -0.90
N MET B 120 60.02 -15.62 -0.34
CA MET B 120 60.51 -14.27 -0.10
C MET B 120 61.52 -14.21 1.05
N ASP B 121 61.30 -14.98 2.13
CA ASP B 121 62.30 -15.03 3.20
C ASP B 121 63.62 -15.59 2.68
N MET B 122 63.53 -16.74 1.99
CA MET B 122 64.71 -17.35 1.40
C MET B 122 65.42 -16.41 0.43
N LEU B 123 64.67 -15.53 -0.25
CA LEU B 123 65.34 -14.59 -1.13
C LEU B 123 66.05 -13.49 -0.33
N ARG B 124 65.38 -12.95 0.67
CA ARG B 124 66.03 -11.96 1.53
C ARG B 124 67.24 -12.56 2.21
N LEU B 125 67.10 -13.79 2.71
CA LEU B 125 68.23 -14.47 3.32
C LEU B 125 69.39 -14.60 2.34
N THR B 126 69.09 -14.97 1.10
CA THR B 126 70.13 -15.15 0.10
C THR B 126 70.90 -13.86 -0.15
N LEU B 127 70.20 -12.71 -0.15
CA LEU B 127 70.90 -11.44 -0.31
C LEU B 127 71.87 -11.17 0.83
N GLN B 128 71.65 -11.77 2.00
CA GLN B 128 72.57 -11.62 3.11
C GLN B 128 73.80 -12.49 2.90
N THR B 129 73.59 -13.80 2.72
CA THR B 129 74.64 -14.82 2.76
C THR B 129 75.49 -14.85 1.50
N THR B 130 75.17 -14.01 0.51
CA THR B 130 75.87 -13.97 -0.76
C THR B 130 75.66 -12.55 -1.28
N SER B 131 76.45 -11.60 -0.77
CA SER B 131 76.37 -10.22 -1.27
C SER B 131 77.07 -10.03 -2.61
N ASP B 132 77.54 -11.12 -3.23
CA ASP B 132 78.53 -11.09 -4.29
C ASP B 132 77.91 -10.99 -5.67
N GLY B 133 76.79 -11.70 -5.91
CA GLY B 133 76.06 -11.62 -7.15
C GLY B 133 75.59 -10.22 -7.51
N VAL B 134 74.39 -9.84 -7.09
CA VAL B 134 73.47 -10.71 -6.34
C VAL B 134 72.67 -11.60 -7.30
N MET B 135 73.03 -12.87 -7.50
CA MET B 135 72.32 -13.55 -8.55
C MET B 135 72.17 -15.05 -8.27
N LEU B 136 71.21 -15.66 -8.97
CA LEU B 136 70.64 -16.97 -8.65
C LEU B 136 71.05 -17.98 -9.72
N ASP B 137 71.91 -18.91 -9.36
CA ASP B 137 72.17 -20.10 -10.15
C ASP B 137 70.93 -20.98 -10.18
N LYS B 138 71.09 -22.19 -10.71
CA LYS B 138 69.93 -23.04 -10.96
C LYS B 138 69.44 -23.72 -9.68
N ASP B 139 70.29 -24.36 -8.89
CA ASP B 139 69.74 -24.87 -7.65
C ASP B 139 69.53 -23.78 -6.60
N LEU B 140 70.10 -22.59 -6.78
CA LEU B 140 69.84 -21.51 -5.85
C LEU B 140 68.39 -21.04 -5.97
N PHE B 141 67.98 -20.63 -7.16
CA PHE B 141 66.58 -20.28 -7.38
C PHE B 141 65.66 -21.44 -7.04
N LYS B 142 66.08 -22.67 -7.34
CA LYS B 142 65.29 -23.83 -6.92
C LYS B 142 65.10 -23.84 -5.41
N LYS B 143 66.10 -23.40 -4.65
CA LYS B 143 66.03 -23.42 -3.20
C LYS B 143 65.01 -22.41 -2.68
N CYS B 144 64.88 -21.26 -3.35
CA CYS B 144 63.95 -20.23 -2.88
C CYS B 144 62.51 -20.58 -3.23
N VAL B 145 62.24 -20.91 -4.48
CA VAL B 145 60.87 -21.01 -4.97
C VAL B 145 60.23 -22.39 -4.78
N GLN B 146 60.99 -23.38 -4.33
CA GLN B 146 60.46 -24.74 -4.34
C GLN B 146 59.26 -24.89 -3.42
N SER B 147 59.21 -24.10 -2.34
CA SER B 147 58.11 -24.20 -1.38
C SER B 147 56.83 -23.55 -1.90
N ASN B 148 56.93 -22.55 -2.77
CA ASN B 148 55.78 -21.86 -3.35
C ASN B 148 55.70 -22.09 -4.86
N ILE B 149 56.10 -23.29 -5.30
CA ILE B 149 56.36 -23.52 -6.73
C ILE B 149 55.07 -23.58 -7.53
N VAL B 150 54.01 -24.16 -6.96
CA VAL B 150 52.75 -24.31 -7.71
C VAL B 150 52.16 -22.95 -8.02
N LEU B 151 51.98 -22.12 -6.99
CA LEU B 151 51.49 -20.77 -7.18
C LEU B 151 52.37 -20.01 -8.17
N LEU B 152 53.69 -20.11 -8.03
CA LEU B 152 54.59 -19.36 -8.88
C LEU B 152 54.48 -19.82 -10.33
N THR B 153 54.13 -21.08 -10.55
CA THR B 153 54.03 -21.59 -11.91
C THR B 153 52.76 -21.07 -12.58
N GLN B 154 51.61 -21.23 -11.94
CA GLN B 154 50.38 -20.65 -12.44
C GLN B 154 50.58 -19.18 -12.79
N ALA B 155 51.27 -18.45 -11.92
CA ALA B 155 51.43 -17.02 -12.14
C ALA B 155 52.22 -16.75 -13.41
N PHE B 156 53.26 -17.55 -13.65
CA PHE B 156 54.17 -17.24 -14.74
C PHE B 156 53.77 -17.89 -16.05
N ARG B 157 53.00 -18.98 -16.00
CA ARG B 157 52.40 -19.55 -17.20
C ARG B 157 51.07 -18.92 -17.56
N ARG B 158 50.80 -17.68 -17.11
CA ARG B 158 49.57 -16.93 -17.45
C ARG B 158 48.31 -17.73 -17.13
N LYS B 159 48.36 -18.54 -16.09
CA LYS B 159 47.20 -19.34 -15.73
C LYS B 159 46.23 -18.62 -14.80
N PHE B 160 46.50 -17.36 -14.45
CA PHE B 160 45.63 -16.67 -13.52
C PHE B 160 44.34 -16.24 -14.22
N VAL B 161 43.35 -15.83 -13.43
CA VAL B 161 42.05 -15.55 -14.01
C VAL B 161 42.11 -14.34 -14.94
N ILE B 162 42.94 -13.35 -14.64
CA ILE B 162 43.20 -12.26 -15.57
C ILE B 162 44.66 -12.36 -16.02
N PRO B 163 44.97 -12.97 -17.17
CA PRO B 163 46.38 -13.20 -17.54
C PRO B 163 47.17 -11.93 -17.84
N ASP B 164 46.61 -10.99 -18.61
CA ASP B 164 47.30 -9.72 -18.87
C ASP B 164 46.79 -8.67 -17.88
N PHE B 165 47.24 -8.83 -16.64
CA PHE B 165 46.77 -7.99 -15.55
C PHE B 165 47.24 -6.56 -15.71
N MET B 166 48.40 -6.36 -16.33
CA MET B 166 48.91 -5.00 -16.45
C MET B 166 48.04 -4.18 -17.38
N SER B 167 47.57 -4.80 -18.46
CA SER B 167 46.65 -4.10 -19.37
C SER B 167 45.33 -3.80 -18.67
N PHE B 168 44.80 -4.79 -17.95
CA PHE B 168 43.57 -4.61 -17.19
C PHE B 168 43.69 -3.46 -16.19
N THR B 169 44.81 -3.37 -15.46
CA THR B 169 44.91 -2.31 -14.46
C THR B 169 44.97 -0.93 -15.11
N SER B 170 45.50 -0.83 -16.33
CA SER B 170 45.47 0.45 -17.01
C SER B 170 44.04 0.88 -17.31
N HIS B 171 43.17 -0.08 -17.63
CA HIS B 171 41.75 0.23 -17.83
C HIS B 171 41.10 0.69 -16.53
N ILE B 172 41.32 -0.05 -15.44
CA ILE B 172 40.85 0.35 -14.12
C ILE B 172 41.27 1.78 -13.81
N ASP B 173 42.52 2.13 -14.13
CA ASP B 173 43.01 3.48 -13.88
C ASP B 173 42.23 4.51 -14.68
N GLU B 174 41.94 4.20 -15.94
CA GLU B 174 41.14 5.10 -16.76
C GLU B 174 39.74 5.24 -16.19
N LEU B 175 39.11 4.11 -15.85
CA LEU B 175 37.80 4.16 -15.20
C LEU B 175 37.87 5.02 -13.96
N TYR B 176 38.91 4.84 -13.16
CA TYR B 176 39.12 5.64 -11.96
C TYR B 176 39.15 7.11 -12.29
N GLU B 177 39.96 7.49 -13.29
CA GLU B 177 40.10 8.91 -13.62
C GLU B 177 38.79 9.49 -14.15
N SER B 178 38.03 8.70 -14.89
CA SER B 178 36.77 9.20 -15.42
C SER B 178 35.80 9.51 -14.29
N ALA B 179 35.65 8.58 -13.36
CA ALA B 179 34.78 8.77 -12.22
C ALA B 179 35.22 9.93 -11.33
N LYS B 180 36.53 10.23 -11.30
CA LYS B 180 37.03 11.32 -10.46
C LYS B 180 36.49 12.68 -10.90
N LYS B 181 36.12 12.82 -12.18
CA LYS B 181 35.57 14.07 -12.69
C LYS B 181 34.14 14.32 -12.24
N GLN B 182 33.44 13.29 -11.77
CA GLN B 182 32.04 13.42 -11.33
C GLN B 182 32.03 13.91 -9.90
N SER B 183 31.77 15.20 -9.70
CA SER B 183 32.01 15.85 -8.42
C SER B 183 30.75 16.02 -7.56
N GLY B 184 29.60 15.50 -8.00
CA GLY B 184 28.36 15.70 -7.26
C GLY B 184 28.22 14.82 -6.02
N GLY B 185 27.07 14.98 -5.35
CA GLY B 185 26.73 14.20 -4.19
C GLY B 185 26.92 14.97 -2.89
N LYS B 186 26.39 14.40 -1.82
CA LYS B 186 26.48 15.02 -0.51
C LYS B 186 27.05 14.02 0.49
N VAL B 187 28.03 14.47 1.28
CA VAL B 187 28.59 13.64 2.34
C VAL B 187 27.54 13.45 3.43
N ALA B 188 27.46 12.22 3.97
CA ALA B 188 26.60 11.97 5.11
C ALA B 188 27.01 12.84 6.29
N ASP B 189 26.06 13.56 6.88
CA ASP B 189 26.42 14.50 7.93
C ASP B 189 25.64 14.29 9.22
N TYR B 190 24.93 13.16 9.35
CA TYR B 190 24.05 12.99 10.50
C TYR B 190 24.81 12.71 11.79
N ILE B 191 26.08 12.32 11.71
CA ILE B 191 26.98 12.32 12.86
C ILE B 191 28.33 12.88 12.45
N PRO B 192 29.02 13.57 13.37
CA PRO B 192 30.21 14.32 12.96
C PRO B 192 31.42 13.47 12.59
N GLN B 193 31.36 12.14 12.77
CA GLN B 193 32.46 11.27 12.39
C GLN B 193 32.54 11.05 10.89
N LEU B 194 31.51 11.45 10.14
CA LEU B 194 31.49 11.31 8.70
C LEU B 194 31.41 12.66 7.99
N ALA B 195 30.96 13.72 8.65
CA ALA B 195 31.05 15.06 8.10
C ALA B 195 32.49 15.56 8.07
N LYS B 196 33.39 14.90 8.81
CA LYS B 196 34.82 15.23 8.73
C LYS B 196 35.47 14.70 7.46
N PHE B 197 34.92 13.63 6.89
CA PHE B 197 35.55 12.99 5.74
C PHE B 197 35.45 13.89 4.50
N SER B 198 36.59 14.22 3.91
CA SER B 198 36.63 15.08 2.74
C SER B 198 35.79 14.50 1.61
N PRO B 199 35.07 15.34 0.84
CA PRO B 199 34.34 14.84 -0.35
C PRO B 199 35.24 14.47 -1.51
N ASP B 200 36.55 14.67 -1.42
CA ASP B 200 37.44 14.47 -2.55
C ASP B 200 38.28 13.22 -2.44
N LEU B 201 38.14 12.46 -1.35
CA LEU B 201 38.72 11.13 -1.29
C LEU B 201 38.00 10.19 -2.26
N TRP B 202 38.77 9.43 -3.02
CA TRP B 202 38.20 8.52 -4.01
C TRP B 202 39.18 7.38 -4.17
N GLY B 203 38.73 6.17 -3.87
CA GLY B 203 39.62 5.04 -3.91
C GLY B 203 38.99 3.77 -4.44
N VAL B 204 39.75 3.01 -5.20
CA VAL B 204 39.28 1.76 -5.82
C VAL B 204 40.38 0.71 -5.70
N SER B 205 40.01 -0.47 -5.20
CA SER B 205 40.96 -1.56 -5.01
C SER B 205 40.39 -2.84 -5.60
N VAL B 206 41.26 -3.63 -6.22
CA VAL B 206 40.89 -4.88 -6.88
C VAL B 206 41.69 -5.99 -6.24
N CYS B 207 41.05 -7.15 -6.04
CA CYS B 207 41.76 -8.37 -5.69
C CYS B 207 41.14 -9.52 -6.45
N THR B 208 41.91 -10.16 -7.32
CA THR B 208 41.29 -11.22 -8.10
C THR B 208 41.13 -12.48 -7.25
N VAL B 209 40.44 -13.46 -7.82
CA VAL B 209 40.26 -14.73 -7.15
C VAL B 209 41.57 -15.47 -7.00
N ASP B 210 42.62 -15.04 -7.73
CA ASP B 210 43.96 -15.57 -7.63
C ASP B 210 44.90 -14.70 -6.81
N GLY B 211 44.36 -13.69 -6.11
CA GLY B 211 45.19 -12.84 -5.28
C GLY B 211 45.95 -11.75 -6.00
N GLN B 212 45.65 -11.48 -7.27
CA GLN B 212 46.28 -10.36 -7.96
C GLN B 212 45.67 -9.05 -7.49
N ARG B 213 46.51 -8.03 -7.32
CA ARG B 213 46.11 -6.84 -6.60
C ARG B 213 46.34 -5.58 -7.43
N HIS B 214 45.43 -4.64 -7.30
CA HIS B 214 45.68 -3.32 -7.84
C HIS B 214 44.85 -2.31 -7.09
N SER B 215 45.39 -1.12 -6.96
CA SER B 215 44.80 -0.04 -6.18
C SER B 215 45.09 1.28 -6.86
N THR B 216 44.12 2.20 -6.78
CA THR B 216 44.42 3.55 -7.23
C THR B 216 43.56 4.52 -6.43
N GLY B 217 44.12 5.70 -6.17
CA GLY B 217 43.47 6.66 -5.31
C GLY B 217 43.71 6.38 -3.84
N ASP B 218 42.74 6.79 -3.02
CA ASP B 218 42.89 6.78 -1.56
C ASP B 218 42.46 5.44 -0.97
N THR B 219 43.32 4.44 -1.14
CA THR B 219 42.92 3.08 -0.84
C THR B 219 43.45 2.56 0.48
N LYS B 220 44.19 3.39 1.22
CA LYS B 220 44.67 3.02 2.54
C LYS B 220 44.07 3.90 3.65
N VAL B 221 43.07 4.71 3.33
CA VAL B 221 42.40 5.52 4.34
C VAL B 221 41.31 4.67 4.99
N PRO B 222 41.28 4.56 6.31
CA PRO B 222 40.24 3.76 6.95
C PRO B 222 38.91 4.48 6.95
N PHE B 223 37.85 3.70 6.85
CA PHE B 223 36.48 4.19 6.90
C PHE B 223 35.60 3.06 7.41
N CYS B 224 34.41 3.41 7.89
CA CYS B 224 33.52 2.41 8.45
C CYS B 224 32.73 1.68 7.38
N LEU B 225 32.60 0.37 7.57
CA LEU B 225 31.82 -0.44 6.66
C LEU B 225 30.38 0.04 6.57
N GLN B 226 29.80 0.40 7.70
CA GLN B 226 28.38 0.75 7.82
C GLN B 226 27.58 -0.41 7.22
N SER B 227 26.66 -0.17 6.28
CA SER B 227 25.82 -1.26 5.78
C SER B 227 26.57 -2.24 4.89
N CYS B 228 27.77 -1.89 4.42
CA CYS B 228 28.59 -2.89 3.73
C CYS B 228 28.84 -4.11 4.62
N VAL B 229 28.71 -3.97 5.95
CA VAL B 229 28.85 -5.11 6.85
C VAL B 229 27.67 -6.07 6.79
N LYS B 230 26.53 -5.64 6.23
CA LYS B 230 25.32 -6.47 6.28
C LYS B 230 25.46 -7.83 5.62
N PRO B 231 25.99 -7.95 4.38
CA PRO B 231 26.14 -9.28 3.79
C PRO B 231 27.20 -10.12 4.50
N LEU B 232 28.22 -9.48 5.07
CA LEU B 232 29.27 -10.20 5.78
C LEU B 232 28.72 -10.89 7.02
N LYS B 233 27.85 -10.23 7.78
CA LYS B 233 27.28 -10.88 8.95
C LYS B 233 26.18 -11.86 8.58
N TYR B 234 25.42 -11.58 7.51
CA TYR B 234 24.50 -12.58 6.99
C TYR B 234 25.25 -13.82 6.55
N ALA B 235 26.37 -13.65 5.85
CA ALA B 235 27.16 -14.81 5.44
C ALA B 235 27.62 -15.61 6.65
N ILE B 236 27.98 -14.92 7.73
CA ILE B 236 28.45 -15.61 8.93
C ILE B 236 27.33 -16.43 9.55
N ALA B 237 26.13 -15.85 9.65
CA ALA B 237 25.00 -16.56 10.23
C ALA B 237 24.62 -17.79 9.41
N VAL B 238 24.60 -17.65 8.07
CA VAL B 238 24.29 -18.81 7.24
C VAL B 238 25.37 -19.87 7.34
N ASN B 239 26.63 -19.44 7.49
CA ASN B 239 27.73 -20.39 7.59
C ASN B 239 27.64 -21.21 8.87
N ASP B 240 27.24 -20.58 9.99
CA ASP B 240 27.20 -21.30 11.26
C ASP B 240 25.88 -22.06 11.43
N LEU B 241 24.79 -21.57 10.85
CA LEU B 241 23.45 -22.03 11.16
C LEU B 241 22.69 -22.61 9.97
N GLY B 242 23.11 -22.34 8.75
CA GLY B 242 22.42 -22.87 7.59
C GLY B 242 21.34 -21.93 7.08
N THR B 243 20.99 -22.12 5.81
CA THR B 243 19.99 -21.31 5.14
C THR B 243 18.63 -21.42 5.84
N GLU B 244 18.19 -22.65 6.09
CA GLU B 244 16.80 -22.85 6.50
C GLU B 244 16.52 -22.17 7.84
N TYR B 245 17.46 -22.24 8.78
CA TYR B 245 17.26 -21.62 10.08
C TYR B 245 17.26 -20.10 9.97
N VAL B 246 18.22 -19.54 9.24
CA VAL B 246 18.32 -18.09 9.14
C VAL B 246 17.05 -17.50 8.57
N HIS B 247 16.49 -18.13 7.55
CA HIS B 247 15.35 -17.55 6.86
C HIS B 247 14.01 -17.95 7.48
N ARG B 248 14.00 -18.62 8.62
CA ARG B 248 12.82 -18.57 9.48
C ARG B 248 12.63 -17.18 10.06
N TYR B 249 13.70 -16.38 10.11
CA TYR B 249 13.72 -15.10 10.80
C TYR B 249 13.76 -13.90 9.88
N VAL B 250 14.27 -14.06 8.65
CA VAL B 250 14.38 -12.95 7.71
C VAL B 250 14.00 -13.48 6.34
N GLY B 251 13.32 -12.66 5.55
CA GLY B 251 12.88 -13.06 4.23
C GLY B 251 14.03 -13.07 3.25
N LYS B 252 13.71 -13.32 1.99
CA LYS B 252 14.81 -13.44 1.04
C LYS B 252 14.53 -12.75 -0.27
N GLU B 253 13.84 -11.62 -0.26
CA GLU B 253 13.55 -10.94 -1.51
C GLU B 253 13.38 -9.44 -1.26
N PRO B 254 13.49 -8.62 -2.31
CA PRO B 254 13.37 -7.18 -2.11
C PRO B 254 11.95 -6.76 -1.78
N SER B 255 11.84 -5.68 -0.99
CA SER B 255 10.53 -5.19 -0.56
C SER B 255 9.64 -4.82 -1.75
N GLY B 256 10.20 -4.15 -2.75
CA GLY B 256 9.37 -3.36 -3.65
C GLY B 256 9.44 -1.92 -3.19
N LEU B 257 9.33 -0.95 -4.09
CA LEU B 257 9.75 0.41 -3.75
C LEU B 257 8.69 1.19 -3.00
N ARG B 258 7.53 0.63 -2.83
CA ARG B 258 6.56 1.21 -1.92
C ARG B 258 6.70 0.75 -0.51
N PHE B 259 7.29 -0.42 -0.34
CA PHE B 259 7.49 -1.00 0.97
C PHE B 259 8.85 -0.69 1.50
N ASN B 260 9.52 0.28 0.88
CA ASN B 260 10.61 1.03 1.48
C ASN B 260 10.48 1.14 2.99
N LYS B 261 9.37 1.70 3.46
CA LYS B 261 9.30 2.21 4.81
C LYS B 261 8.79 1.20 5.83
N LEU B 262 8.33 0.04 5.39
CA LEU B 262 7.78 -0.95 6.29
C LEU B 262 8.85 -1.83 6.91
N PHE B 263 8.66 -2.19 8.17
CA PHE B 263 9.67 -3.00 8.85
C PHE B 263 9.55 -4.48 8.50
N LEU B 264 8.33 -4.97 8.27
CA LEU B 264 8.07 -6.40 8.14
C LEU B 264 7.28 -6.69 6.89
N ASN B 265 7.53 -7.85 6.31
CA ASN B 265 6.73 -8.30 5.18
C ASN B 265 5.45 -8.93 5.71
N GLU B 266 4.67 -9.54 4.81
CA GLU B 266 3.37 -10.05 5.20
C GLU B 266 3.48 -11.20 6.19
N ASP B 267 4.57 -11.96 6.15
CA ASP B 267 4.76 -13.06 7.10
C ASP B 267 5.40 -12.59 8.40
N ASP B 268 5.37 -11.29 8.70
CA ASP B 268 5.93 -10.71 9.92
C ASP B 268 7.44 -10.97 10.06
N LYS B 269 8.12 -11.15 8.95
CA LYS B 269 9.57 -11.19 8.93
C LYS B 269 10.10 -9.97 8.18
N PRO B 270 11.23 -9.42 8.61
CA PRO B 270 11.92 -8.42 7.80
C PRO B 270 12.13 -8.94 6.37
N HIS B 271 12.11 -8.03 5.40
CA HIS B 271 12.02 -8.46 4.01
C HIS B 271 13.25 -9.25 3.57
N ASN B 272 14.44 -8.84 4.01
CA ASN B 272 15.68 -9.47 3.56
C ASN B 272 16.82 -8.96 4.46
N PRO B 273 17.96 -9.65 4.44
CA PRO B 273 19.06 -9.27 5.34
C PRO B 273 19.71 -7.92 5.05
N MET B 274 19.40 -7.28 3.94
CA MET B 274 20.10 -6.07 3.56
C MET B 274 19.38 -4.80 3.96
N VAL B 275 18.15 -4.87 4.49
CA VAL B 275 17.49 -3.72 5.09
C VAL B 275 17.84 -3.71 6.58
N ASN B 276 17.84 -2.50 7.19
CA ASN B 276 18.22 -2.33 8.59
C ASN B 276 17.48 -3.30 9.52
N ALA B 277 16.17 -3.43 9.35
CA ALA B 277 15.39 -4.34 10.20
C ALA B 277 15.86 -5.78 10.03
N GLY B 278 16.20 -6.18 8.81
CA GLY B 278 16.64 -7.54 8.58
C GLY B 278 18.04 -7.78 9.12
N ALA B 279 18.94 -6.81 8.91
CA ALA B 279 20.26 -6.88 9.49
C ALA B 279 20.21 -6.92 11.02
N ILE B 280 19.22 -6.26 11.64
CA ILE B 280 19.09 -6.30 13.10
C ILE B 280 18.72 -7.71 13.57
N VAL B 281 17.83 -8.39 12.84
CA VAL B 281 17.52 -9.78 13.20
C VAL B 281 18.71 -10.71 12.91
N VAL B 282 19.35 -10.56 11.74
CA VAL B 282 20.55 -11.38 11.49
C VAL B 282 21.55 -11.20 12.62
N THR B 283 21.80 -9.94 13.00
CA THR B 283 22.69 -9.68 14.11
C THR B 283 22.30 -10.48 15.34
N SER B 284 21.01 -10.74 15.51
CA SER B 284 20.50 -11.42 16.70
C SER B 284 20.67 -12.94 16.65
N LEU B 285 21.13 -13.52 15.53
CA LEU B 285 21.29 -14.96 15.49
C LEU B 285 22.72 -15.41 15.65
N ILE B 286 23.69 -14.51 15.48
CA ILE B 286 25.10 -14.87 15.49
C ILE B 286 25.52 -15.15 16.92
N LYS B 287 26.02 -16.37 17.16
CA LYS B 287 26.71 -16.69 18.42
C LYS B 287 25.78 -16.45 19.61
N GLN B 288 24.57 -16.99 19.52
CA GLN B 288 23.60 -16.80 20.60
C GLN B 288 24.14 -17.39 21.89
N GLY B 289 23.91 -16.69 23.01
CA GLY B 289 24.22 -17.23 24.31
C GLY B 289 25.52 -16.72 24.91
N VAL B 290 26.51 -16.39 24.08
CA VAL B 290 27.70 -15.71 24.58
C VAL B 290 27.36 -14.23 24.71
N ASN B 291 28.22 -13.45 25.36
CA ASN B 291 27.94 -12.04 25.57
C ASN B 291 28.55 -11.20 24.46
N ASN B 292 28.22 -9.90 24.46
CA ASN B 292 28.50 -9.05 23.31
C ASN B 292 29.98 -8.92 23.02
N ALA B 293 30.82 -8.90 24.06
CA ALA B 293 32.26 -8.76 23.85
C ALA B 293 32.80 -9.92 23.01
N GLU B 294 32.40 -11.15 23.35
CA GLU B 294 32.86 -12.30 22.59
C GLU B 294 32.18 -12.37 21.23
N LYS B 295 30.90 -11.99 21.15
CA LYS B 295 30.22 -11.89 19.86
C LYS B 295 31.01 -11.01 18.91
N PHE B 296 31.43 -9.85 19.39
CA PHE B 296 32.21 -8.94 18.56
C PHE B 296 33.54 -9.57 18.15
N ASP B 297 34.26 -10.19 19.10
CA ASP B 297 35.54 -10.81 18.78
C ASP B 297 35.35 -11.97 17.79
N TYR B 298 34.29 -12.75 17.98
CA TYR B 298 33.96 -13.81 17.04
C TYR B 298 33.85 -13.25 15.62
N VAL B 299 33.10 -12.15 15.45
CA VAL B 299 32.89 -11.58 14.13
C VAL B 299 34.16 -10.94 13.60
N MET B 300 34.92 -10.26 14.47
CA MET B 300 36.16 -9.63 14.04
C MET B 300 37.19 -10.65 13.57
N GLN B 301 37.33 -11.75 14.32
CA GLN B 301 38.14 -12.86 13.86
C GLN B 301 37.70 -13.30 12.47
N PHE B 302 36.40 -13.34 12.24
CA PHE B 302 35.85 -13.80 10.98
C PHE B 302 36.18 -12.83 9.84
N LEU B 303 36.14 -11.52 10.11
CA LEU B 303 36.46 -10.55 9.08
C LEU B 303 37.96 -10.56 8.77
N ASN B 304 38.79 -10.73 9.80
CA ASN B 304 40.22 -10.92 9.60
C ASN B 304 40.47 -11.99 8.56
N LYS B 305 39.91 -13.19 8.77
CA LYS B 305 40.11 -14.26 7.81
C LYS B 305 39.60 -13.88 6.42
N MET B 306 38.43 -13.24 6.34
CA MET B 306 37.92 -12.87 5.02
C MET B 306 38.85 -11.88 4.34
N ALA B 307 39.57 -11.07 5.12
CA ALA B 307 40.44 -10.05 4.56
C ALA B 307 41.88 -10.49 4.45
N GLY B 308 42.15 -11.80 4.64
CA GLY B 308 43.48 -12.34 4.63
C GLY B 308 44.39 -11.66 5.64
N ASN B 309 43.81 -11.26 6.77
CA ASN B 309 44.47 -10.57 7.89
C ASN B 309 44.96 -9.17 7.53
N GLU B 310 44.43 -8.54 6.49
CA GLU B 310 44.71 -7.12 6.27
C GLU B 310 43.78 -6.32 7.18
N TYR B 311 43.80 -4.99 7.05
CA TYR B 311 43.33 -4.12 8.13
C TYR B 311 41.84 -4.27 8.34
N VAL B 312 41.47 -4.67 9.54
CA VAL B 312 40.10 -4.60 10.04
C VAL B 312 40.18 -3.87 11.37
N GLY B 313 39.49 -2.75 11.48
CA GLY B 313 39.56 -1.99 12.72
C GLY B 313 38.21 -1.68 13.33
N PHE B 314 38.17 -0.65 14.17
CA PHE B 314 36.95 -0.30 14.87
C PHE B 314 36.99 1.18 15.19
N SER B 315 35.84 1.84 15.01
CA SER B 315 35.73 3.28 15.26
C SER B 315 34.78 3.47 16.43
N ASN B 316 35.36 3.66 17.62
CA ASN B 316 34.55 3.97 18.79
C ASN B 316 33.81 5.28 18.59
N ALA B 317 34.47 6.26 17.97
CA ALA B 317 33.82 7.55 17.76
C ALA B 317 32.54 7.39 16.94
N THR B 318 32.59 6.57 15.90
CA THR B 318 31.40 6.35 15.07
C THR B 318 30.36 5.53 15.80
N PHE B 319 30.81 4.61 16.66
CA PHE B 319 29.87 3.79 17.40
C PHE B 319 29.12 4.61 18.43
N GLN B 320 29.82 5.51 19.13
CA GLN B 320 29.16 6.36 20.10
C GLN B 320 28.10 7.22 19.44
N SER B 321 28.44 7.82 18.30
CA SER B 321 27.46 8.70 17.67
C SER B 321 26.33 7.91 17.02
N GLU B 322 26.64 6.76 16.42
CA GLU B 322 25.59 5.95 15.84
C GLU B 322 24.58 5.51 16.90
N ARG B 323 25.03 5.25 18.14
CA ARG B 323 24.14 4.78 19.19
C ARG B 323 23.28 5.88 19.81
N GLU B 324 23.72 7.14 19.76
CA GLU B 324 22.96 8.23 20.37
C GLU B 324 21.98 8.88 19.42
N SER B 325 22.13 8.63 18.12
CA SER B 325 21.21 9.18 17.12
C SER B 325 20.48 8.07 16.35
N GLY B 326 20.33 6.89 16.94
CA GLY B 326 19.69 5.78 16.25
C GLY B 326 18.25 5.55 16.64
N ASP B 327 17.43 6.59 16.55
CA ASP B 327 16.04 6.47 16.98
C ASP B 327 15.28 5.48 16.13
N ARG B 328 15.51 5.49 14.81
CA ARG B 328 14.72 4.63 13.95
C ARG B 328 15.09 3.17 14.11
N ASN B 329 16.35 2.89 14.36
CA ASN B 329 16.75 1.53 14.68
C ASN B 329 16.17 1.08 16.01
N PHE B 330 16.11 1.99 16.99
CA PHE B 330 15.37 1.65 18.21
C PHE B 330 13.88 1.46 17.93
N ALA B 331 13.30 2.28 17.05
CA ALA B 331 11.91 2.07 16.67
C ALA B 331 11.74 0.69 16.07
N ILE B 332 12.67 0.30 15.21
CA ILE B 332 12.66 -1.04 14.62
C ILE B 332 12.81 -2.10 15.70
N GLY B 333 13.74 -1.91 16.63
CA GLY B 333 14.00 -2.95 17.61
C GLY B 333 12.79 -3.26 18.45
N TYR B 334 12.07 -2.22 18.87
CA TYR B 334 10.89 -2.45 19.69
C TYR B 334 9.78 -3.13 18.89
N TYR B 335 9.56 -2.71 17.64
CA TYR B 335 8.55 -3.36 16.81
C TYR B 335 8.85 -4.84 16.61
N LEU B 336 10.12 -5.18 16.36
CA LEU B 336 10.49 -6.59 16.18
C LEU B 336 10.29 -7.38 17.46
N LYS B 337 10.67 -6.81 18.60
CA LYS B 337 10.40 -7.47 19.87
C LYS B 337 8.91 -7.74 20.03
N GLU B 338 8.09 -6.72 19.75
CA GLU B 338 6.65 -6.87 19.94
C GLU B 338 6.08 -7.92 19.00
N LYS B 339 6.58 -7.98 17.77
CA LYS B 339 6.11 -8.97 16.82
C LYS B 339 6.86 -10.29 16.93
N LYS B 340 7.69 -10.45 17.96
CA LYS B 340 8.33 -11.72 18.30
C LYS B 340 9.24 -12.22 17.18
N CYS B 341 10.08 -11.31 16.67
CA CYS B 341 10.91 -11.63 15.53
C CYS B 341 12.26 -12.22 15.90
N PHE B 342 12.63 -12.14 17.14
CA PHE B 342 13.93 -12.54 17.65
C PHE B 342 13.88 -13.96 18.18
N PRO B 343 15.03 -14.62 18.27
CA PRO B 343 15.07 -15.93 18.94
C PRO B 343 14.73 -15.80 20.42
N GLU B 344 14.12 -16.86 20.95
CA GLU B 344 13.87 -16.97 22.38
C GLU B 344 15.08 -16.53 23.18
N GLY B 345 14.86 -15.62 24.13
CA GLY B 345 15.95 -15.17 24.99
C GLY B 345 16.84 -14.09 24.41
N THR B 346 16.32 -13.23 23.54
CA THR B 346 17.11 -12.15 22.97
C THR B 346 16.98 -10.91 23.84
N ASP B 347 18.11 -10.31 24.19
CA ASP B 347 18.14 -8.99 24.80
C ASP B 347 18.16 -7.98 23.67
N MET B 348 16.98 -7.44 23.34
CA MET B 348 16.87 -6.60 22.15
C MET B 348 17.78 -5.37 22.23
N VAL B 349 17.85 -4.72 23.40
CA VAL B 349 18.66 -3.51 23.51
C VAL B 349 20.14 -3.82 23.34
N GLY B 350 20.59 -4.96 23.86
CA GLY B 350 21.96 -5.38 23.60
C GLY B 350 22.23 -5.72 22.15
N ILE B 351 21.25 -6.32 21.46
CA ILE B 351 21.39 -6.60 20.05
C ILE B 351 21.52 -5.30 19.27
N LEU B 352 20.77 -4.27 19.67
CA LEU B 352 20.95 -2.95 19.05
C LEU B 352 22.35 -2.42 19.29
N ASP B 353 22.89 -2.59 20.50
CA ASP B 353 24.25 -2.13 20.78
C ASP B 353 25.26 -2.88 19.92
N PHE B 354 25.13 -4.20 19.87
CA PHE B 354 25.97 -5.03 19.01
C PHE B 354 25.88 -4.60 17.55
N TYR B 355 24.65 -4.36 17.06
CA TYR B 355 24.44 -3.89 15.69
C TYR B 355 25.19 -2.60 15.39
N PHE B 356 25.16 -1.62 16.30
CA PHE B 356 25.90 -0.39 16.06
C PHE B 356 27.41 -0.63 16.02
N GLN B 357 27.90 -1.51 16.88
CA GLN B 357 29.31 -1.91 16.81
C GLN B 357 29.68 -2.46 15.43
N LEU B 358 28.89 -3.43 14.92
CA LEU B 358 29.22 -4.02 13.63
C LEU B 358 29.21 -2.98 12.52
N CYS B 359 28.37 -1.94 12.62
CA CYS B 359 28.38 -0.87 11.62
C CYS B 359 29.65 -0.04 11.69
N SER B 360 30.32 -0.02 12.83
CA SER B 360 31.46 0.84 13.04
C SER B 360 32.80 0.16 12.78
N ILE B 361 32.80 -1.11 12.39
CA ILE B 361 34.03 -1.81 12.00
C ILE B 361 34.66 -1.13 10.80
N GLU B 362 35.96 -0.86 10.88
CA GLU B 362 36.69 -0.09 9.85
C GLU B 362 37.45 -1.00 8.89
N VAL B 363 37.59 -0.53 7.64
CA VAL B 363 38.40 -1.18 6.62
C VAL B 363 39.14 -0.11 5.84
N THR B 364 40.06 -0.54 4.98
CA THR B 364 40.48 0.28 3.85
C THR B 364 39.91 -0.33 2.57
N CYS B 365 40.05 0.40 1.47
CA CYS B 365 39.71 -0.17 0.18
C CYS B 365 40.46 -1.47 -0.05
N GLU B 366 41.76 -1.49 0.28
CA GLU B 366 42.57 -2.68 0.01
C GLU B 366 42.10 -3.89 0.80
N SER B 367 41.83 -3.72 2.11
CA SER B 367 41.45 -4.88 2.89
C SER B 367 40.03 -5.33 2.57
N ALA B 368 39.12 -4.37 2.36
CA ALA B 368 37.76 -4.72 2.01
C ALA B 368 37.69 -5.42 0.66
N SER B 369 38.52 -5.00 -0.30
CA SER B 369 38.53 -5.64 -1.61
C SER B 369 38.90 -7.12 -1.51
N VAL B 370 39.75 -7.49 -0.54
CA VAL B 370 40.06 -8.89 -0.30
C VAL B 370 38.84 -9.60 0.27
N MET B 371 38.05 -8.91 1.09
CA MET B 371 36.82 -9.51 1.61
C MET B 371 35.87 -9.85 0.46
N ALA B 372 35.70 -8.89 -0.46
CA ALA B 372 34.89 -9.11 -1.65
C ALA B 372 35.40 -10.30 -2.47
N ALA B 373 36.73 -10.44 -2.55
CA ALA B 373 37.29 -11.50 -3.36
C ALA B 373 37.05 -12.88 -2.75
N THR B 374 36.97 -12.96 -1.42
CA THR B 374 36.57 -14.22 -0.80
C THR B 374 35.17 -14.62 -1.24
N LEU B 375 34.28 -13.63 -1.35
CA LEU B 375 32.93 -13.87 -1.86
C LEU B 375 32.97 -14.24 -3.34
N ALA B 376 33.82 -13.56 -4.12
CA ALA B 376 34.02 -13.90 -5.53
C ALA B 376 34.59 -15.30 -5.72
N ASN B 377 35.28 -15.84 -4.71
CA ASN B 377 36.05 -17.06 -4.81
C ASN B 377 35.41 -18.24 -4.05
N GLY B 378 34.09 -18.23 -3.91
CA GLY B 378 33.39 -19.35 -3.32
C GLY B 378 33.64 -19.59 -1.84
N GLY B 379 34.18 -18.61 -1.12
CA GLY B 379 34.45 -18.74 0.30
C GLY B 379 35.90 -18.97 0.68
N PHE B 380 36.80 -19.08 -0.28
CA PHE B 380 38.23 -19.18 0.01
C PHE B 380 38.88 -17.81 -0.11
N CYS B 381 39.64 -17.43 0.90
CA CYS B 381 40.37 -16.17 0.80
C CYS B 381 41.44 -16.29 -0.28
N PRO B 382 41.38 -15.51 -1.34
CA PRO B 382 42.33 -15.73 -2.45
C PRO B 382 43.80 -15.46 -2.08
N ILE B 383 44.10 -14.66 -1.05
CA ILE B 383 45.51 -14.42 -0.74
C ILE B 383 46.04 -15.36 0.35
N THR B 384 45.21 -16.17 0.97
CA THR B 384 45.71 -17.13 1.94
C THR B 384 45.43 -18.57 1.57
N GLY B 385 44.52 -18.83 0.64
CA GLY B 385 44.01 -20.18 0.42
C GLY B 385 43.10 -20.69 1.52
N GLU B 386 42.85 -19.92 2.56
CA GLU B 386 42.04 -20.40 3.67
C GLU B 386 40.55 -20.45 3.29
N ARG B 387 39.89 -21.55 3.64
CA ARG B 387 38.45 -21.61 3.54
C ARG B 387 37.84 -20.80 4.67
N VAL B 388 36.99 -19.84 4.33
CA VAL B 388 36.42 -18.94 5.33
C VAL B 388 34.92 -19.12 5.47
N LEU B 389 34.20 -19.29 4.36
CA LEU B 389 32.75 -19.40 4.38
C LEU B 389 32.32 -20.59 3.52
N SER B 390 31.21 -21.20 3.89
CA SER B 390 30.68 -22.29 3.08
C SER B 390 30.16 -21.75 1.74
N PRO B 391 30.24 -22.56 0.67
CA PRO B 391 29.59 -22.19 -0.60
C PRO B 391 28.13 -21.77 -0.46
N GLU B 392 27.37 -22.47 0.39
CA GLU B 392 26.00 -22.09 0.70
C GLU B 392 25.94 -20.64 1.21
N ALA B 393 26.81 -20.30 2.15
CA ALA B 393 26.79 -18.95 2.71
C ALA B 393 27.09 -17.89 1.66
N VAL B 394 28.07 -18.15 0.80
CA VAL B 394 28.49 -17.19 -0.22
C VAL B 394 27.45 -17.07 -1.34
N ARG B 395 26.87 -18.19 -1.77
CA ARG B 395 25.82 -18.13 -2.79
C ARG B 395 24.62 -17.34 -2.29
N ASN B 396 24.12 -17.65 -1.09
CA ASN B 396 22.98 -16.88 -0.54
C ASN B 396 23.30 -15.40 -0.51
N THR B 397 24.50 -15.07 -0.04
CA THR B 397 24.88 -13.68 0.17
C THR B 397 24.94 -12.93 -1.14
N LEU B 398 25.53 -13.54 -2.17
CA LEU B 398 25.66 -12.89 -3.47
C LEU B 398 24.29 -12.69 -4.12
N SER B 399 23.36 -13.63 -3.87
CA SER B 399 22.01 -13.49 -4.41
C SER B 399 21.32 -12.25 -3.87
N LEU B 400 21.44 -12.00 -2.57
CA LEU B 400 20.70 -10.91 -1.97
C LEU B 400 21.37 -9.57 -2.22
N MET B 401 22.69 -9.57 -2.38
CA MET B 401 23.37 -8.35 -2.77
C MET B 401 22.96 -7.94 -4.17
N HIS B 402 22.87 -8.92 -5.07
CA HIS B 402 22.33 -8.71 -6.41
C HIS B 402 21.02 -7.94 -6.38
N SER B 403 20.06 -8.39 -5.58
CA SER B 403 18.72 -7.85 -5.68
C SER B 403 18.35 -6.85 -4.59
N CYS B 404 19.09 -6.79 -3.48
CA CYS B 404 18.72 -5.88 -2.40
C CYS B 404 19.86 -4.99 -1.91
N GLY B 405 20.99 -4.94 -2.61
CA GLY B 405 22.16 -4.36 -1.96
C GLY B 405 22.40 -2.87 -2.13
N MET B 406 21.63 -2.19 -2.97
CA MET B 406 21.90 -0.81 -3.36
C MET B 406 20.72 0.10 -3.06
N TYR B 407 19.96 -0.26 -2.02
CA TYR B 407 18.83 0.53 -1.52
C TYR B 407 17.80 0.62 -2.65
N ASP B 408 17.15 1.77 -2.84
CA ASP B 408 16.14 1.92 -3.87
C ASP B 408 16.69 1.82 -5.28
N PHE B 409 18.01 1.87 -5.45
CA PHE B 409 18.63 1.69 -6.75
C PHE B 409 18.86 0.23 -7.07
N SER B 410 18.41 -0.69 -6.20
CA SER B 410 18.76 -2.10 -6.35
C SER B 410 18.28 -2.65 -7.69
N GLY B 411 17.04 -2.33 -8.07
CA GLY B 411 16.53 -2.88 -9.32
C GLY B 411 17.24 -2.34 -10.53
N GLN B 412 17.48 -1.02 -10.55
CA GLN B 412 18.24 -0.37 -11.63
C GLN B 412 19.65 -0.93 -11.72
N PHE B 413 20.27 -1.15 -10.57
CA PHE B 413 21.67 -1.57 -10.53
C PHE B 413 21.79 -2.97 -11.08
N ALA B 414 20.93 -3.87 -10.62
CA ALA B 414 20.93 -5.23 -11.14
C ALA B 414 20.70 -5.23 -12.64
N PHE B 415 19.77 -4.41 -13.12
CA PHE B 415 19.51 -4.37 -14.56
C PHE B 415 20.74 -3.86 -15.32
N HIS B 416 21.28 -2.71 -14.94
CA HIS B 416 22.34 -2.13 -15.74
C HIS B 416 23.73 -2.68 -15.39
N VAL B 417 23.99 -3.09 -14.14
CA VAL B 417 25.31 -3.54 -13.74
C VAL B 417 25.35 -5.06 -13.59
N GLY B 418 24.29 -5.66 -13.07
CA GLY B 418 24.25 -7.10 -12.96
C GLY B 418 25.40 -7.68 -12.17
N LEU B 419 25.78 -7.02 -11.07
CA LEU B 419 26.83 -7.53 -10.16
C LEU B 419 26.32 -7.46 -8.73
N PRO B 420 26.60 -8.49 -7.92
CA PRO B 420 26.31 -8.38 -6.49
C PRO B 420 27.12 -7.25 -5.85
N ALA B 421 26.41 -6.36 -5.16
CA ALA B 421 27.07 -5.20 -4.59
C ALA B 421 26.36 -4.76 -3.32
N LYS B 422 27.11 -4.11 -2.43
CA LYS B 422 26.53 -3.54 -1.24
C LYS B 422 27.14 -2.17 -0.99
N SER B 423 26.30 -1.18 -0.73
CA SER B 423 26.75 0.16 -0.40
C SER B 423 26.50 0.46 1.06
N GLY B 424 27.18 1.49 1.54
CA GLY B 424 27.07 1.93 2.92
C GLY B 424 27.16 3.44 2.96
N VAL B 425 26.73 4.01 4.09
CA VAL B 425 26.57 5.46 4.14
C VAL B 425 27.91 6.20 4.19
N ALA B 426 29.01 5.50 4.46
CA ALA B 426 30.31 6.15 4.46
C ALA B 426 30.90 6.32 3.06
N GLY B 427 30.27 5.76 2.01
CA GLY B 427 30.74 5.90 0.66
C GLY B 427 31.36 4.65 0.07
N GLY B 428 31.38 3.53 0.80
CA GLY B 428 31.88 2.30 0.24
C GLY B 428 30.86 1.62 -0.63
N ILE B 429 31.33 0.92 -1.65
CA ILE B 429 30.50 -0.03 -2.39
C ILE B 429 31.32 -1.31 -2.46
N LEU B 430 30.97 -2.28 -1.64
CA LEU B 430 31.53 -3.61 -1.77
C LEU B 430 30.99 -4.29 -3.02
N LEU B 431 31.88 -4.86 -3.84
CA LEU B 431 31.48 -5.29 -5.18
C LEU B 431 32.13 -6.62 -5.54
N VAL B 432 31.34 -7.51 -6.15
CA VAL B 432 31.80 -8.86 -6.43
C VAL B 432 31.55 -9.18 -7.90
N VAL B 433 32.60 -9.53 -8.62
CA VAL B 433 32.49 -10.14 -9.94
C VAL B 433 32.77 -11.62 -9.79
N PRO B 434 31.75 -12.45 -9.59
CA PRO B 434 31.98 -13.85 -9.25
C PRO B 434 32.89 -14.57 -10.24
N ASN B 435 33.78 -15.39 -9.69
CA ASN B 435 34.80 -16.17 -10.41
C ASN B 435 35.93 -15.29 -10.94
N VAL B 436 35.87 -13.99 -10.75
CA VAL B 436 36.89 -13.10 -11.26
C VAL B 436 37.55 -12.30 -10.14
N MET B 437 36.79 -11.44 -9.47
CA MET B 437 37.48 -10.54 -8.55
C MET B 437 36.48 -9.91 -7.63
N GLY B 438 37.01 -9.32 -6.56
CA GLY B 438 36.26 -8.47 -5.66
C GLY B 438 36.86 -7.08 -5.68
N MET B 439 36.05 -6.06 -5.42
CA MET B 439 36.51 -4.69 -5.35
C MET B 439 35.86 -4.00 -4.17
N MET B 440 36.51 -2.94 -3.74
CA MET B 440 35.90 -1.95 -2.86
C MET B 440 36.14 -0.61 -3.49
N CYS B 441 35.06 0.14 -3.69
CA CYS B 441 35.10 1.51 -4.17
C CYS B 441 34.64 2.43 -3.05
N TRP B 442 35.37 3.52 -2.86
CA TRP B 442 35.06 4.42 -1.77
C TRP B 442 35.26 5.88 -2.18
N SER B 443 34.20 6.65 -1.99
CA SER B 443 34.12 8.09 -2.17
C SER B 443 32.95 8.55 -1.29
N PRO B 444 33.19 9.40 -0.30
CA PRO B 444 32.15 9.73 0.71
C PRO B 444 30.87 10.36 0.15
N PRO B 445 30.90 11.16 -0.93
CA PRO B 445 29.64 11.82 -1.33
C PRO B 445 28.60 10.84 -1.87
N LEU B 446 27.37 10.98 -1.38
CA LEU B 446 26.24 10.11 -1.71
C LEU B 446 25.21 10.83 -2.56
N ASP B 447 24.52 10.06 -3.42
CA ASP B 447 23.35 10.57 -4.14
C ASP B 447 22.11 10.44 -3.26
N LYS B 448 20.96 10.82 -3.81
CA LYS B 448 19.72 10.88 -3.03
C LYS B 448 19.35 9.54 -2.42
N MET B 449 19.76 8.45 -3.02
CA MET B 449 19.42 7.13 -2.51
C MET B 449 20.42 6.59 -1.50
N GLY B 450 21.54 7.28 -1.32
CA GLY B 450 22.54 6.86 -0.36
C GLY B 450 23.74 6.15 -0.94
N ASN B 451 23.87 6.07 -2.27
CA ASN B 451 24.98 5.36 -2.90
C ASN B 451 26.06 6.36 -3.32
N SER B 452 27.31 5.95 -3.17
CA SER B 452 28.43 6.81 -3.56
C SER B 452 28.34 7.16 -5.04
N VAL B 453 28.38 8.45 -5.33
CA VAL B 453 28.20 8.90 -6.69
C VAL B 453 29.27 8.32 -7.60
N LYS B 454 30.52 8.41 -7.16
CA LYS B 454 31.62 7.96 -8.00
C LYS B 454 31.72 6.45 -8.06
N GLY B 455 31.30 5.74 -7.02
CA GLY B 455 31.22 4.30 -7.11
C GLY B 455 30.17 3.85 -8.11
N ILE B 456 29.00 4.48 -8.06
CA ILE B 456 27.93 4.17 -9.00
C ILE B 456 28.40 4.40 -10.44
N HIS B 457 29.02 5.55 -10.68
CA HIS B 457 29.54 5.86 -12.01
C HIS B 457 30.61 4.86 -12.44
N PHE B 458 31.49 4.50 -11.51
CA PHE B 458 32.53 3.53 -11.81
C PHE B 458 31.95 2.17 -12.15
N CYS B 459 30.88 1.77 -11.47
CA CYS B 459 30.33 0.43 -11.69
C CYS B 459 29.65 0.32 -13.06
N HIS B 460 28.89 1.34 -13.45
CA HIS B 460 28.33 1.36 -14.79
C HIS B 460 29.43 1.26 -15.83
N ASP B 461 30.45 2.13 -15.73
CA ASP B 461 31.55 2.10 -16.70
C ASP B 461 32.22 0.75 -16.74
N LEU B 462 32.44 0.15 -15.57
CA LEU B 462 33.19 -1.10 -15.55
C LEU B 462 32.48 -2.16 -16.35
N VAL B 463 31.15 -2.14 -16.36
CA VAL B 463 30.41 -3.16 -17.06
C VAL B 463 30.15 -2.76 -18.52
N SER B 464 30.06 -1.47 -18.81
CA SER B 464 30.08 -1.01 -20.20
C SER B 464 31.31 -1.50 -20.91
N LEU B 465 32.44 -1.56 -20.20
CA LEU B 465 33.72 -1.86 -20.81
C LEU B 465 33.99 -3.37 -20.89
N CYS B 466 33.72 -4.09 -19.82
CA CYS B 466 34.03 -5.51 -19.71
C CYS B 466 32.78 -6.36 -19.61
N ASN B 467 32.86 -7.59 -20.09
CA ASN B 467 31.70 -8.48 -20.13
C ASN B 467 31.53 -9.21 -18.80
N PHE B 468 31.35 -8.41 -17.75
CA PHE B 468 31.18 -8.90 -16.39
C PHE B 468 29.74 -8.93 -15.92
N HIS B 469 28.82 -8.29 -16.64
CA HIS B 469 27.41 -8.33 -16.29
C HIS B 469 27.00 -9.79 -16.09
N ASN B 470 26.20 -9.99 -15.05
CA ASN B 470 25.69 -11.30 -14.71
C ASN B 470 25.15 -12.05 -15.91
N TYR B 471 24.53 -11.34 -16.84
CA TYR B 471 23.93 -11.99 -18.00
C TYR B 471 24.59 -11.57 -19.31
N ASP B 472 25.81 -11.03 -19.23
CA ASP B 472 26.67 -11.06 -20.41
C ASP B 472 27.02 -12.51 -20.74
N ASN B 473 27.26 -12.76 -22.02
CA ASN B 473 27.67 -14.06 -22.51
C ASN B 473 29.19 -14.12 -22.61
N LEU B 474 29.78 -15.23 -22.17
CA LEU B 474 31.23 -15.41 -22.21
C LEU B 474 31.76 -15.74 -23.59
N ARG B 475 30.90 -15.95 -24.57
CA ARG B 475 31.37 -16.29 -25.90
C ARG B 475 30.97 -15.26 -26.96
N HIS B 476 29.81 -14.61 -26.84
CA HIS B 476 29.36 -13.57 -27.76
C HIS B 476 29.03 -12.28 -26.99
N PHE B 477 29.91 -11.28 -27.08
CA PHE B 477 29.76 -10.10 -26.23
C PHE B 477 30.06 -8.81 -26.97
N ALA B 478 29.91 -8.81 -28.29
CA ALA B 478 29.87 -7.58 -29.08
C ALA B 478 31.21 -6.87 -28.94
N LYS B 479 31.24 -5.58 -28.64
CA LYS B 479 32.48 -4.82 -28.55
C LYS B 479 33.06 -4.81 -27.15
N LYS B 480 32.42 -5.46 -26.19
CA LYS B 480 32.96 -5.51 -24.84
C LYS B 480 34.30 -6.23 -24.81
N LEU B 481 35.16 -5.78 -23.91
CA LEU B 481 36.42 -6.44 -23.63
C LEU B 481 36.20 -7.55 -22.60
N ASP B 482 36.96 -8.64 -22.75
CA ASP B 482 36.96 -9.73 -21.78
C ASP B 482 38.38 -9.88 -21.27
N PRO B 483 38.66 -9.51 -20.03
CA PRO B 483 40.03 -9.59 -19.49
C PRO B 483 40.46 -10.98 -19.07
N ARG B 484 39.61 -11.99 -19.22
CA ARG B 484 39.97 -13.37 -18.98
C ARG B 484 40.67 -14.03 -20.17
N ARG B 485 40.97 -13.28 -21.24
CA ARG B 485 41.38 -13.89 -22.51
C ARG B 485 42.58 -13.18 -23.11
N GLU B 486 43.10 -13.80 -24.19
CA GLU B 486 43.55 -13.11 -25.39
C GLU B 486 44.93 -12.49 -25.30
N GLY B 487 45.59 -12.36 -26.45
CA GLY B 487 46.91 -11.77 -26.54
C GLY B 487 46.99 -10.32 -26.08
N PRO C 78 -47.97 36.52 41.17
CA PRO C 78 -48.42 35.14 40.94
C PRO C 78 -47.45 34.10 41.54
N SER C 79 -46.15 34.28 41.32
CA SER C 79 -45.06 33.57 42.01
C SER C 79 -44.81 32.14 41.52
N LEU C 80 -43.60 31.91 41.00
CA LEU C 80 -43.28 30.61 40.41
C LEU C 80 -43.25 29.51 41.47
N GLU C 81 -42.82 29.83 42.69
CA GLU C 81 -42.68 28.82 43.73
C GLU C 81 -44.03 28.28 44.20
N ASP C 82 -45.03 29.18 44.34
CA ASP C 82 -46.36 28.72 44.73
C ASP C 82 -47.09 28.03 43.59
N LEU C 83 -46.85 28.48 42.36
CA LEU C 83 -47.37 27.75 41.22
C LEU C 83 -46.88 26.31 41.22
N LEU C 84 -45.60 26.12 41.57
CA LEU C 84 -45.09 24.76 41.73
C LEU C 84 -45.73 24.07 42.92
N PHE C 85 -45.99 24.80 44.00
CA PHE C 85 -46.54 24.18 45.20
C PHE C 85 -47.85 23.46 44.90
N TYR C 86 -48.75 24.12 44.18
CA TYR C 86 -50.08 23.54 43.98
C TYR C 86 -50.00 22.31 43.08
N THR C 87 -49.13 22.34 42.07
CA THR C 87 -49.00 21.21 41.16
C THR C 87 -48.58 19.95 41.91
N ILE C 88 -47.56 20.06 42.77
CA ILE C 88 -47.11 18.89 43.53
C ILE C 88 -48.19 18.45 44.51
N ALA C 89 -48.89 19.41 45.10
CA ALA C 89 -49.74 19.11 46.23
C ALA C 89 -51.12 18.62 45.82
N GLU C 90 -51.51 18.80 44.55
CA GLU C 90 -52.89 18.74 44.06
C GLU C 90 -53.67 19.90 44.67
N GLY C 91 -54.85 19.65 45.26
CA GLY C 91 -55.58 20.67 45.98
C GLY C 91 -55.69 20.38 47.47
N GLN C 92 -54.54 20.22 48.11
CA GLN C 92 -54.44 19.82 49.51
C GLN C 92 -53.77 20.92 50.33
N GLU C 93 -53.81 20.73 51.64
CA GLU C 93 -53.05 21.63 52.50
C GLU C 93 -51.58 21.48 52.08
N LYS C 94 -50.92 20.39 52.46
CA LYS C 94 -49.47 20.36 52.56
C LYS C 94 -48.86 19.32 51.63
N ILE C 95 -47.56 19.48 51.38
CA ILE C 95 -46.76 18.52 50.62
C ILE C 95 -45.93 17.71 51.63
N PRO C 96 -46.25 16.44 51.86
CA PRO C 96 -45.30 15.60 52.60
C PRO C 96 -43.96 15.58 51.90
N VAL C 97 -42.88 15.61 52.68
CA VAL C 97 -41.55 15.74 52.10
C VAL C 97 -41.30 14.62 51.10
N HIS C 98 -41.51 13.38 51.53
CA HIS C 98 -41.26 12.22 50.67
C HIS C 98 -42.02 12.31 49.34
N LYS C 99 -43.21 12.91 49.34
CA LYS C 99 -43.93 13.01 48.08
C LYS C 99 -43.25 13.96 47.12
N PHE C 100 -42.57 14.98 47.65
CA PHE C 100 -41.79 15.84 46.78
C PHE C 100 -40.54 15.13 46.28
N ILE C 101 -39.94 14.28 47.12
CA ILE C 101 -38.77 13.52 46.70
C ILE C 101 -39.14 12.51 45.63
N THR C 102 -40.22 11.78 45.84
CA THR C 102 -40.70 10.86 44.81
C THR C 102 -41.02 11.60 43.52
N ALA C 103 -41.67 12.76 43.63
CA ALA C 103 -42.01 13.51 42.43
C ALA C 103 -40.76 13.99 41.72
N LEU C 104 -39.72 14.34 42.48
CA LEU C 104 -38.51 14.86 41.85
C LEU C 104 -37.72 13.76 41.17
N LYS C 105 -37.65 12.58 41.79
CA LYS C 105 -36.84 11.50 41.22
C LYS C 105 -37.38 11.03 39.89
N SER C 106 -38.70 11.12 39.69
CA SER C 106 -39.32 10.66 38.45
C SER C 106 -39.12 11.62 37.29
N THR C 107 -38.60 12.83 37.54
CA THR C 107 -38.14 13.65 36.42
C THR C 107 -36.86 13.11 35.80
N GLY C 108 -36.14 12.26 36.53
CA GLY C 108 -34.80 11.81 36.16
C GLY C 108 -33.71 12.42 37.00
N LEU C 109 -33.96 13.55 37.65
CA LEU C 109 -32.96 14.17 38.50
C LEU C 109 -32.75 13.35 39.76
N ARG C 110 -31.51 13.35 40.23
CA ARG C 110 -31.14 12.74 41.48
C ARG C 110 -31.17 13.79 42.57
N THR C 111 -31.47 13.35 43.79
CA THR C 111 -31.49 14.33 44.89
C THR C 111 -30.09 14.85 45.21
N SER C 112 -29.05 14.15 44.76
CA SER C 112 -27.66 14.57 44.96
C SER C 112 -27.16 15.50 43.87
N ASP C 113 -28.01 15.90 42.95
CA ASP C 113 -27.60 16.77 41.85
C ASP C 113 -26.95 18.04 42.41
N PRO C 114 -25.72 18.35 42.01
CA PRO C 114 -25.05 19.53 42.57
C PRO C 114 -25.85 20.83 42.42
N ARG C 115 -26.64 20.98 41.37
CA ARG C 115 -27.43 22.20 41.19
C ARG C 115 -28.65 22.27 42.11
N LEU C 116 -28.99 21.16 42.77
CA LEU C 116 -30.06 21.09 43.75
C LEU C 116 -29.55 21.05 45.18
N LYS C 117 -28.30 21.44 45.43
CA LYS C 117 -27.73 21.34 46.77
C LYS C 117 -28.39 22.31 47.74
N GLU C 118 -28.57 23.57 47.34
CA GLU C 118 -29.20 24.55 48.21
C GLU C 118 -30.59 24.09 48.64
N CYS C 119 -31.36 23.53 47.70
CA CYS C 119 -32.69 23.05 48.06
C CYS C 119 -32.62 21.86 49.00
N MET C 120 -31.61 21.00 48.83
CA MET C 120 -31.49 19.84 49.69
C MET C 120 -30.98 20.22 51.08
N ASP C 121 -30.05 21.19 51.14
CA ASP C 121 -29.64 21.73 52.43
C ASP C 121 -30.82 22.29 53.19
N MET C 122 -31.77 22.90 52.47
CA MET C 122 -32.92 23.51 53.11
C MET C 122 -33.97 22.49 53.55
N LEU C 123 -34.03 21.32 52.92
CA LEU C 123 -34.85 20.24 53.46
C LEU C 123 -34.13 19.54 54.61
N ARG C 124 -32.81 19.52 54.58
CA ARG C 124 -32.04 18.94 55.67
C ARG C 124 -32.26 19.73 56.95
N LEU C 125 -32.16 21.06 56.86
CA LEU C 125 -32.44 21.93 57.99
C LEU C 125 -33.86 21.73 58.50
N THR C 126 -34.83 21.87 57.61
CA THR C 126 -36.24 21.75 57.98
C THR C 126 -36.55 20.36 58.56
N LEU C 127 -35.81 19.34 58.15
CA LEU C 127 -36.07 18.01 58.68
C LEU C 127 -35.43 17.78 60.04
N GLN C 128 -34.46 18.62 60.42
CA GLN C 128 -33.90 18.56 61.77
C GLN C 128 -34.71 19.37 62.78
N THR C 129 -35.65 20.22 62.34
CA THR C 129 -36.40 21.05 63.28
C THR C 129 -37.49 20.29 64.04
N THR C 130 -37.77 19.04 63.67
CA THR C 130 -38.72 18.23 64.42
C THR C 130 -38.49 16.75 64.10
N SER C 131 -39.16 15.88 64.87
CA SER C 131 -39.00 14.43 64.78
C SER C 131 -39.61 13.87 63.50
N ASP C 132 -40.91 13.55 63.53
CA ASP C 132 -41.68 13.09 62.38
C ASP C 132 -42.84 14.06 62.20
N GLY C 133 -42.54 15.23 61.63
CA GLY C 133 -43.49 16.32 61.50
C GLY C 133 -44.68 16.16 60.56
N VAL C 134 -44.45 16.18 59.25
CA VAL C 134 -43.13 16.21 58.65
C VAL C 134 -43.19 17.02 57.35
N MET C 135 -44.27 17.78 57.21
CA MET C 135 -44.72 18.29 55.91
C MET C 135 -44.38 19.77 55.74
N LEU C 136 -44.56 20.24 54.50
CA LEU C 136 -44.11 21.55 54.07
C LEU C 136 -45.32 22.40 53.73
N ASP C 137 -45.41 23.59 54.30
CA ASP C 137 -46.49 24.46 53.85
C ASP C 137 -46.00 25.30 52.68
N LYS C 138 -46.95 25.92 51.99
CA LYS C 138 -46.64 26.77 50.85
C LYS C 138 -45.48 27.70 51.20
N ASP C 139 -45.46 28.14 52.45
CA ASP C 139 -44.41 29.02 52.95
C ASP C 139 -43.11 28.25 53.20
N LEU C 140 -43.21 27.03 53.73
CA LEU C 140 -42.03 26.20 53.97
C LEU C 140 -41.44 25.67 52.66
N PHE C 141 -42.29 25.05 51.83
CA PHE C 141 -41.90 24.63 50.50
C PHE C 141 -41.16 25.75 49.77
N LYS C 142 -41.78 26.93 49.72
CA LYS C 142 -41.14 28.07 49.06
C LYS C 142 -39.78 28.36 49.66
N LYS C 143 -39.64 28.17 50.97
CA LYS C 143 -38.37 28.41 51.62
C LYS C 143 -37.30 27.45 51.12
N CYS C 144 -37.67 26.20 50.86
CA CYS C 144 -36.69 25.23 50.39
C CYS C 144 -36.34 25.41 48.92
N VAL C 145 -37.33 25.71 48.06
CA VAL C 145 -37.15 25.61 46.62
C VAL C 145 -36.79 26.94 45.98
N GLN C 146 -36.62 28.02 46.75
CA GLN C 146 -36.50 29.32 46.12
C GLN C 146 -35.19 29.45 45.34
N SER C 147 -34.11 28.88 45.87
CA SER C 147 -32.80 29.05 45.23
C SER C 147 -32.64 28.21 43.97
N ASN C 148 -33.46 27.18 43.79
CA ASN C 148 -33.37 26.32 42.62
C ASN C 148 -34.70 26.24 41.87
N ILE C 149 -35.52 27.28 41.92
CA ILE C 149 -36.88 27.19 41.38
C ILE C 149 -36.87 27.09 39.86
N VAL C 150 -35.91 27.73 39.19
CA VAL C 150 -35.89 27.71 37.74
C VAL C 150 -35.70 26.27 37.24
N LEU C 151 -34.77 25.54 37.86
CA LEU C 151 -34.47 24.18 37.43
C LEU C 151 -35.52 23.17 37.89
N LEU C 152 -36.12 23.37 39.07
CA LEU C 152 -37.23 22.50 39.48
C LEU C 152 -38.47 22.73 38.62
N THR C 153 -38.68 23.97 38.18
CA THR C 153 -39.81 24.25 37.31
C THR C 153 -39.66 23.51 36.00
N GLN C 154 -38.51 23.69 35.35
CA GLN C 154 -38.19 22.97 34.14
C GLN C 154 -38.46 21.48 34.31
N ALA C 155 -37.96 20.89 35.41
CA ALA C 155 -38.15 19.47 35.63
C ALA C 155 -39.63 19.12 35.74
N PHE C 156 -40.39 19.89 36.51
CA PHE C 156 -41.76 19.50 36.83
C PHE C 156 -42.73 19.82 35.71
N ARG C 157 -42.47 20.85 34.91
CA ARG C 157 -43.28 21.14 33.74
C ARG C 157 -42.79 20.41 32.50
N ARG C 158 -42.05 19.32 32.68
CA ARG C 158 -41.69 18.38 31.60
C ARG C 158 -40.97 19.08 30.45
N LYS C 159 -40.05 19.99 30.77
CA LYS C 159 -39.27 20.68 29.75
C LYS C 159 -37.94 19.99 29.46
N PHE C 160 -37.61 18.90 30.14
CA PHE C 160 -36.30 18.29 29.93
C PHE C 160 -36.25 17.60 28.57
N VAL C 161 -35.03 17.41 28.08
CA VAL C 161 -34.84 16.96 26.71
C VAL C 161 -35.59 15.66 26.45
N ILE C 162 -35.70 14.81 27.46
CA ILE C 162 -36.54 13.61 27.38
C ILE C 162 -37.63 13.82 28.41
N PRO C 163 -38.82 14.29 28.01
CA PRO C 163 -39.84 14.62 29.02
C PRO C 163 -40.37 13.42 29.78
N ASP C 164 -40.74 12.36 29.07
CA ASP C 164 -41.24 11.16 29.71
C ASP C 164 -40.04 10.23 29.96
N PHE C 165 -39.29 10.55 31.01
CA PHE C 165 -38.02 9.87 31.24
C PHE C 165 -38.21 8.48 31.83
N MET C 166 -39.24 8.28 32.65
CA MET C 166 -39.49 6.96 33.19
C MET C 166 -39.78 5.95 32.07
N SER C 167 -40.48 6.38 31.03
CA SER C 167 -40.72 5.49 29.90
C SER C 167 -39.40 5.17 29.18
N PHE C 168 -38.55 6.16 29.00
CA PHE C 168 -37.30 5.94 28.29
C PHE C 168 -36.38 4.97 29.04
N THR C 169 -36.26 5.11 30.36
CA THR C 169 -35.36 4.19 31.08
C THR C 169 -35.86 2.75 31.01
N SER C 170 -37.17 2.55 31.02
CA SER C 170 -37.73 1.23 30.77
C SER C 170 -37.23 0.67 29.44
N HIS C 171 -37.09 1.52 28.42
CA HIS C 171 -36.54 1.06 27.16
C HIS C 171 -35.04 0.78 27.26
N ILE C 172 -34.30 1.62 27.99
CA ILE C 172 -32.89 1.32 28.26
C ILE C 172 -32.75 -0.02 28.94
N ASP C 173 -33.69 -0.35 29.82
CA ASP C 173 -33.59 -1.62 30.55
C ASP C 173 -33.84 -2.79 29.62
N GLU C 174 -34.83 -2.68 28.73
CA GLU C 174 -35.02 -3.72 27.72
C GLU C 174 -33.77 -3.88 26.87
N LEU C 175 -33.18 -2.77 26.41
CA LEU C 175 -32.00 -2.88 25.57
C LEU C 175 -30.87 -3.55 26.35
N TYR C 176 -30.73 -3.20 27.63
CA TYR C 176 -29.67 -3.77 28.45
C TYR C 176 -29.80 -5.27 28.56
N GLU C 177 -31.01 -5.75 28.92
CA GLU C 177 -31.25 -7.18 29.06
C GLU C 177 -31.04 -7.92 27.75
N SER C 178 -31.36 -7.29 26.63
CA SER C 178 -31.14 -7.95 25.35
C SER C 178 -29.65 -8.10 25.05
N ALA C 179 -28.85 -7.05 25.29
CA ALA C 179 -27.41 -7.20 25.13
C ALA C 179 -26.80 -8.14 26.17
N LYS C 180 -27.41 -8.24 27.34
CA LYS C 180 -26.87 -9.12 28.37
C LYS C 180 -26.76 -10.56 27.91
N LYS C 181 -27.60 -10.97 26.97
CA LYS C 181 -27.59 -12.36 26.50
C LYS C 181 -26.49 -12.65 25.49
N GLN C 182 -25.76 -11.63 25.04
CA GLN C 182 -24.69 -11.83 24.06
C GLN C 182 -23.39 -12.14 24.82
N SER C 183 -23.10 -13.43 24.92
CA SER C 183 -22.06 -13.94 25.79
C SER C 183 -20.71 -14.09 25.12
N GLY C 184 -20.60 -13.87 23.81
CA GLY C 184 -19.33 -14.05 23.14
C GLY C 184 -18.26 -13.03 23.54
N GLY C 185 -17.08 -13.14 22.97
CA GLY C 185 -15.99 -12.20 23.20
C GLY C 185 -14.96 -12.72 24.17
N LYS C 186 -13.81 -12.05 24.20
CA LYS C 186 -12.69 -12.40 25.08
C LYS C 186 -12.26 -11.16 25.87
N VAL C 187 -11.88 -11.36 27.12
CA VAL C 187 -11.32 -10.27 27.91
C VAL C 187 -9.89 -9.98 27.46
N ALA C 188 -9.48 -8.73 27.59
CA ALA C 188 -8.11 -8.34 27.24
C ALA C 188 -7.10 -8.92 28.23
N ALA C 195 -9.71 -19.81 33.31
CA ALA C 195 -9.81 -19.57 34.75
C ALA C 195 -10.84 -18.48 35.00
N LYS C 196 -11.70 -18.68 35.99
CA LYS C 196 -12.78 -17.74 36.27
C LYS C 196 -13.36 -18.01 37.65
N PHE C 197 -13.92 -16.96 38.24
CA PHE C 197 -14.39 -17.01 39.63
C PHE C 197 -15.74 -16.34 39.86
N SER C 198 -16.18 -15.43 38.99
CA SER C 198 -17.43 -14.71 39.15
C SER C 198 -17.98 -14.42 37.75
N PRO C 199 -19.28 -14.12 37.62
CA PRO C 199 -19.84 -13.81 36.29
C PRO C 199 -19.12 -12.64 35.65
N ASP C 200 -19.44 -12.37 34.40
CA ASP C 200 -18.85 -11.18 33.81
C ASP C 200 -19.78 -9.98 33.94
N LEU C 201 -19.16 -8.81 33.96
CA LEU C 201 -19.84 -7.57 34.30
C LEU C 201 -20.39 -6.90 33.06
N TRP C 202 -21.45 -6.12 33.28
CA TRP C 202 -22.17 -5.46 32.21
C TRP C 202 -22.95 -4.31 32.81
N GLY C 203 -22.61 -3.08 32.46
CA GLY C 203 -23.31 -1.93 33.01
C GLY C 203 -23.50 -0.85 31.97
N VAL C 204 -24.59 -0.09 32.15
CA VAL C 204 -24.99 0.96 31.23
C VAL C 204 -25.52 2.14 32.06
N SER C 205 -24.94 3.31 31.87
CA SER C 205 -25.40 4.52 32.52
C SER C 205 -25.76 5.58 31.48
N VAL C 206 -26.84 6.31 31.75
CA VAL C 206 -27.31 7.41 30.92
C VAL C 206 -27.19 8.70 31.72
N CYS C 207 -26.79 9.79 31.06
CA CYS C 207 -26.89 11.12 31.64
C CYS C 207 -27.32 12.08 30.54
N THR C 208 -28.55 12.61 30.63
CA THR C 208 -29.01 13.52 29.58
C THR C 208 -28.31 14.86 29.68
N VAL C 209 -28.49 15.66 28.63
CA VAL C 209 -28.03 17.04 28.59
C VAL C 209 -28.69 17.89 29.67
N ASP C 210 -29.76 17.40 30.31
CA ASP C 210 -30.39 18.13 31.40
C ASP C 210 -30.07 17.51 32.76
N GLY C 211 -29.28 16.46 32.80
CA GLY C 211 -28.89 15.91 34.07
C GLY C 211 -29.76 14.79 34.56
N GLN C 212 -30.68 14.30 33.74
CA GLN C 212 -31.49 13.16 34.16
C GLN C 212 -30.64 11.92 34.10
N ARG C 213 -30.72 11.07 35.13
CA ARG C 213 -29.78 9.96 35.28
C ARG C 213 -30.53 8.64 35.32
N HIS C 214 -29.89 7.63 34.76
CA HIS C 214 -30.39 6.27 34.86
C HIS C 214 -29.25 5.31 34.66
N SER C 215 -29.35 4.18 35.33
CA SER C 215 -28.25 3.24 35.46
C SER C 215 -28.85 1.85 35.51
N THR C 216 -28.20 0.90 34.85
CA THR C 216 -28.61 -0.48 35.03
C THR C 216 -27.39 -1.38 34.93
N GLY C 217 -27.32 -2.37 35.83
CA GLY C 217 -26.18 -3.27 35.88
C GLY C 217 -25.04 -2.76 36.74
N ASP C 218 -23.83 -3.16 36.37
CA ASP C 218 -22.65 -2.95 37.18
C ASP C 218 -22.05 -1.58 36.89
N THR C 219 -22.75 -0.55 37.34
CA THR C 219 -22.42 0.81 36.93
C THR C 219 -21.53 1.56 37.93
N LYS C 220 -21.25 0.99 39.11
CA LYS C 220 -20.38 1.61 40.09
C LYS C 220 -19.08 0.85 40.30
N VAL C 221 -18.71 -0.01 39.36
CA VAL C 221 -17.47 -0.79 39.44
C VAL C 221 -16.40 -0.01 38.70
N PRO C 222 -15.34 0.45 39.37
CA PRO C 222 -14.27 1.17 38.67
C PRO C 222 -13.61 0.32 37.59
N PHE C 223 -13.27 0.97 36.46
CA PHE C 223 -12.52 0.35 35.38
C PHE C 223 -11.74 1.45 34.67
N CYS C 224 -10.71 1.05 33.94
CA CYS C 224 -9.81 2.01 33.30
C CYS C 224 -10.35 2.48 31.97
N LEU C 225 -10.17 3.76 31.68
CA LEU C 225 -10.64 4.30 30.42
C LEU C 225 -9.91 3.64 29.24
N GLN C 226 -8.60 3.46 29.38
CA GLN C 226 -7.75 3.02 28.27
C GLN C 226 -8.05 3.97 27.11
N SER C 227 -8.34 3.48 25.91
CA SER C 227 -8.48 4.39 24.78
C SER C 227 -9.76 5.24 24.80
N CYS C 228 -10.73 4.97 25.66
CA CYS C 228 -11.79 5.96 25.85
C CYS C 228 -11.26 7.32 26.31
N VAL C 229 -10.05 7.37 26.89
CA VAL C 229 -9.47 8.66 27.32
C VAL C 229 -8.98 9.48 26.13
N LYS C 230 -8.78 8.86 24.97
CA LYS C 230 -8.25 9.58 23.82
C LYS C 230 -9.10 10.77 23.38
N PRO C 231 -10.42 10.68 23.26
CA PRO C 231 -11.18 11.89 22.94
C PRO C 231 -11.09 12.91 24.03
N LEU C 232 -11.03 12.48 25.30
CA LEU C 232 -11.05 13.44 26.40
C LEU C 232 -9.77 14.27 26.41
N LYS C 233 -8.61 13.63 26.25
CA LYS C 233 -7.38 14.40 26.27
C LYS C 233 -7.18 15.20 24.98
N TYR C 234 -7.73 14.75 23.85
CA TYR C 234 -7.75 15.57 22.64
C TYR C 234 -8.59 16.83 22.85
N ALA C 235 -9.73 16.70 23.51
CA ALA C 235 -10.57 17.87 23.78
C ALA C 235 -9.84 18.87 24.67
N ILE C 236 -9.18 18.38 25.72
CA ILE C 236 -8.41 19.26 26.60
C ILE C 236 -7.41 20.06 25.79
N ALA C 237 -6.66 19.35 24.94
CA ALA C 237 -5.59 20.00 24.19
C ALA C 237 -6.13 21.02 23.21
N VAL C 238 -7.24 20.70 22.53
CA VAL C 238 -7.84 21.68 21.64
C VAL C 238 -8.44 22.81 22.45
N ASN C 239 -8.95 22.51 23.64
CA ASN C 239 -9.50 23.56 24.48
C ASN C 239 -8.43 24.59 24.86
N ASP C 240 -7.23 24.12 25.21
CA ASP C 240 -6.17 24.98 25.74
C ASP C 240 -5.28 25.58 24.66
N LEU C 241 -5.11 24.90 23.55
CA LEU C 241 -4.18 25.32 22.50
C LEU C 241 -4.85 25.71 21.19
N GLY C 242 -6.09 25.30 20.95
CA GLY C 242 -6.74 25.58 19.69
C GLY C 242 -6.55 24.47 18.66
N THR C 243 -7.43 24.50 17.63
CA THR C 243 -7.49 23.50 16.57
C THR C 243 -6.25 23.54 15.68
N GLU C 244 -5.81 24.73 15.30
CA GLU C 244 -4.75 24.81 14.29
C GLU C 244 -3.40 24.46 14.89
N TYR C 245 -3.19 24.74 16.18
CA TYR C 245 -1.97 24.25 16.81
C TYR C 245 -1.99 22.73 16.97
N VAL C 246 -3.09 22.19 17.47
CA VAL C 246 -3.11 20.76 17.70
C VAL C 246 -2.93 20.00 16.39
N HIS C 247 -3.49 20.52 15.31
CA HIS C 247 -3.44 19.79 14.05
C HIS C 247 -2.24 20.17 13.19
N ARG C 248 -1.27 20.89 13.74
CA ARG C 248 0.10 20.82 13.19
C ARG C 248 0.75 19.51 13.51
N TYR C 249 0.29 18.83 14.55
CA TYR C 249 0.97 17.65 15.06
C TYR C 249 0.22 16.36 14.76
N VAL C 250 -1.08 16.40 14.58
CA VAL C 250 -1.88 15.21 14.37
C VAL C 250 -2.85 15.51 13.22
N GLY C 251 -3.19 14.49 12.44
CA GLY C 251 -4.15 14.64 11.36
C GLY C 251 -5.61 14.63 11.82
N LYS C 252 -6.52 14.73 10.84
CA LYS C 252 -7.95 14.88 11.11
C LYS C 252 -8.84 13.81 10.46
N GLU C 253 -8.26 12.77 9.89
CA GLU C 253 -9.01 11.80 9.09
C GLU C 253 -8.68 10.39 9.53
N PRO C 254 -9.56 9.43 9.25
CA PRO C 254 -9.17 8.02 9.38
C PRO C 254 -8.23 7.60 8.25
N SER C 255 -7.41 6.60 8.55
CA SER C 255 -6.38 6.13 7.62
C SER C 255 -6.92 5.22 6.51
N GLY C 256 -8.01 4.50 6.76
CA GLY C 256 -8.42 3.44 5.86
C GLY C 256 -7.95 2.08 6.35
N LEU C 257 -8.82 1.06 6.21
CA LEU C 257 -8.56 -0.25 6.79
C LEU C 257 -7.18 -0.78 6.43
N ARG C 258 -6.66 -0.39 5.28
CA ARG C 258 -5.41 -0.98 4.84
C ARG C 258 -4.19 -0.10 5.22
N PHE C 259 -4.40 1.08 5.81
CA PHE C 259 -3.32 1.73 6.56
C PHE C 259 -3.59 1.84 8.04
N ASN C 260 -4.34 0.90 8.56
CA ASN C 260 -4.52 0.86 10.00
C ASN C 260 -3.31 0.33 10.74
N LYS C 261 -2.19 0.06 10.05
CA LYS C 261 -0.96 -0.42 10.69
C LYS C 261 0.20 0.55 10.62
N LEU C 262 0.12 1.59 9.80
CA LEU C 262 1.15 2.63 9.76
C LEU C 262 0.98 3.61 10.91
N PHE C 263 2.11 4.22 11.29
CA PHE C 263 2.17 5.22 12.35
C PHE C 263 1.85 6.63 11.85
N LEU C 264 2.27 6.97 10.63
CA LEU C 264 2.15 8.31 10.10
C LEU C 264 1.47 8.26 8.75
N ASN C 265 0.76 9.34 8.42
CA ASN C 265 0.21 9.54 7.08
C ASN C 265 1.29 10.12 6.16
N GLU C 266 0.90 10.55 4.97
CA GLU C 266 1.87 11.06 4.01
C GLU C 266 2.50 12.38 4.42
N ASP C 267 1.87 13.13 5.33
CA ASP C 267 2.45 14.37 5.83
C ASP C 267 3.33 14.15 7.05
N ASP C 268 3.71 12.90 7.36
CA ASP C 268 4.59 12.56 8.48
C ASP C 268 4.00 12.97 9.85
N LYS C 269 2.68 12.99 9.94
CA LYS C 269 1.94 13.21 11.15
C LYS C 269 1.04 12.01 11.38
N PRO C 270 0.80 11.62 12.63
CA PRO C 270 -0.17 10.56 12.91
C PRO C 270 -1.52 10.90 12.27
N HIS C 271 -2.28 9.85 11.96
CA HIS C 271 -3.46 10.03 11.11
C HIS C 271 -4.52 10.87 11.79
N ASN C 272 -4.74 10.65 13.08
CA ASN C 272 -5.79 11.35 13.82
C ASN C 272 -5.53 11.12 15.32
N PRO C 273 -6.27 11.75 16.23
CA PRO C 273 -5.96 11.59 17.66
C PRO C 273 -6.50 10.30 18.25
N MET C 274 -7.24 9.52 17.49
CA MET C 274 -7.83 8.33 18.08
C MET C 274 -6.96 7.10 17.92
N VAL C 275 -5.89 7.16 17.13
CA VAL C 275 -4.96 6.05 17.05
C VAL C 275 -3.89 6.28 18.11
N ASN C 276 -3.22 5.19 18.49
CA ASN C 276 -2.17 5.26 19.52
C ASN C 276 -1.13 6.31 19.16
N ALA C 277 -0.59 6.26 17.94
CA ALA C 277 0.43 7.24 17.57
C ALA C 277 -0.10 8.66 17.68
N GLY C 278 -1.37 8.87 17.36
CA GLY C 278 -1.94 10.20 17.45
C GLY C 278 -2.19 10.62 18.89
N ALA C 279 -2.64 9.70 19.72
CA ALA C 279 -2.86 10.01 21.13
C ALA C 279 -1.54 10.22 21.86
N ILE C 280 -0.47 9.52 21.42
CA ILE C 280 0.84 9.77 22.00
C ILE C 280 1.27 11.20 21.72
N VAL C 281 0.99 11.71 20.52
CA VAL C 281 1.37 13.07 20.23
C VAL C 281 0.45 14.06 20.94
N VAL C 282 -0.85 13.77 20.99
CA VAL C 282 -1.75 14.67 21.72
C VAL C 282 -1.31 14.78 23.16
N THR C 283 -0.92 13.66 23.75
CA THR C 283 -0.40 13.66 25.11
C THR C 283 0.78 14.61 25.28
N SER C 284 1.61 14.76 24.25
CA SER C 284 2.80 15.61 24.37
C SER C 284 2.49 17.11 24.30
N LEU C 285 1.25 17.50 23.97
CA LEU C 285 0.87 18.89 23.82
C LEU C 285 0.31 19.51 25.09
N ILE C 286 -0.17 18.69 26.02
CA ILE C 286 -0.92 19.17 27.18
C ILE C 286 0.07 19.66 28.25
N LYS C 287 -0.10 20.93 28.63
CA LYS C 287 0.64 21.52 29.75
C LYS C 287 2.15 21.34 29.59
N GLN C 288 2.65 21.72 28.42
CA GLN C 288 4.09 21.72 28.25
C GLN C 288 4.74 22.68 29.25
N GLY C 289 5.97 22.39 29.64
CA GLY C 289 6.63 23.27 30.58
C GLY C 289 6.20 23.15 32.03
N VAL C 290 5.58 22.03 32.43
CA VAL C 290 5.58 21.59 33.82
C VAL C 290 5.94 20.12 33.80
N ASN C 291 6.21 19.56 34.97
CA ASN C 291 6.59 18.14 34.97
C ASN C 291 5.34 17.27 34.90
N ASN C 292 5.54 15.98 34.74
CA ASN C 292 4.42 15.10 34.44
C ASN C 292 3.55 14.82 35.66
N ALA C 293 4.06 15.00 36.86
CA ALA C 293 3.19 14.91 38.03
C ALA C 293 2.17 16.05 38.04
N GLU C 294 2.60 17.24 37.63
CA GLU C 294 1.66 18.36 37.54
C GLU C 294 0.75 18.22 36.34
N LYS C 295 1.28 17.71 35.21
CA LYS C 295 0.44 17.43 34.06
C LYS C 295 -0.66 16.43 34.39
N PHE C 296 -0.31 15.39 35.12
CA PHE C 296 -1.32 14.41 35.49
C PHE C 296 -2.42 15.06 36.34
N ASP C 297 -2.00 15.83 37.37
CA ASP C 297 -2.93 16.56 38.24
C ASP C 297 -3.90 17.40 37.43
N TYR C 298 -3.38 18.14 36.45
CA TYR C 298 -4.20 19.01 35.62
C TYR C 298 -5.26 18.22 34.86
N VAL C 299 -4.86 17.11 34.24
CA VAL C 299 -5.82 16.28 33.51
C VAL C 299 -6.87 15.72 34.44
N MET C 300 -6.46 15.28 35.62
CA MET C 300 -7.42 14.79 36.61
C MET C 300 -8.41 15.89 37.00
N GLN C 301 -7.91 17.10 37.26
CA GLN C 301 -8.80 18.21 37.59
C GLN C 301 -9.78 18.45 36.46
N PHE C 302 -9.29 18.34 35.23
CA PHE C 302 -10.13 18.55 34.06
C PHE C 302 -11.16 17.44 33.94
N LEU C 303 -10.76 16.20 34.19
CA LEU C 303 -11.71 15.10 34.13
C LEU C 303 -12.74 15.18 35.25
N ASN C 304 -12.36 15.71 36.44
CA ASN C 304 -13.35 15.96 37.49
C ASN C 304 -14.42 16.93 37.04
N LYS C 305 -14.03 18.05 36.44
CA LYS C 305 -14.99 18.99 35.88
C LYS C 305 -15.94 18.30 34.90
N MET C 306 -15.39 17.46 34.01
CA MET C 306 -16.22 16.79 33.00
C MET C 306 -17.21 15.84 33.63
N ALA C 307 -16.85 15.21 34.74
CA ALA C 307 -17.74 14.25 35.39
C ALA C 307 -18.61 14.89 36.48
N GLY C 308 -18.68 16.21 36.57
CA GLY C 308 -19.46 16.79 37.66
C GLY C 308 -18.96 16.33 39.02
N ASN C 309 -17.66 16.11 39.13
CA ASN C 309 -17.01 15.70 40.36
C ASN C 309 -17.44 14.31 40.84
N GLU C 310 -17.98 13.49 39.94
CA GLU C 310 -18.22 12.09 40.28
C GLU C 310 -16.91 11.32 40.11
N TYR C 311 -16.96 10.00 40.22
CA TYR C 311 -15.76 9.20 40.42
C TYR C 311 -14.76 9.30 39.28
N VAL C 312 -13.55 9.71 39.61
CA VAL C 312 -12.38 9.57 38.75
C VAL C 312 -11.24 9.09 39.62
N GLY C 313 -10.50 8.08 39.16
CA GLY C 313 -9.35 7.60 39.89
C GLY C 313 -8.19 7.08 39.05
N PHE C 314 -7.39 6.20 39.64
CA PHE C 314 -6.16 5.76 38.99
C PHE C 314 -5.78 4.35 39.45
N SER C 315 -5.44 3.50 38.51
CA SER C 315 -5.05 2.13 38.79
C SER C 315 -3.55 1.96 38.55
N ASN C 316 -2.76 1.91 39.63
CA ASN C 316 -1.32 1.67 39.47
C ASN C 316 -1.05 0.29 38.88
N ALA C 317 -1.89 -0.69 39.22
CA ALA C 317 -1.76 -2.03 38.63
C ALA C 317 -1.78 -1.95 37.11
N THR C 318 -2.85 -1.39 36.54
CA THR C 318 -2.91 -1.25 35.10
C THR C 318 -1.71 -0.45 34.58
N PHE C 319 -1.27 0.54 35.36
CA PHE C 319 -0.20 1.39 34.90
C PHE C 319 1.12 0.62 34.78
N GLN C 320 1.42 -0.24 35.75
CA GLN C 320 2.62 -1.07 35.64
C GLN C 320 2.50 -2.07 34.48
N SER C 321 1.36 -2.74 34.37
CA SER C 321 1.21 -3.74 33.32
C SER C 321 1.23 -3.09 31.94
N GLU C 322 0.60 -1.93 31.80
CA GLU C 322 0.61 -1.25 30.51
C GLU C 322 2.03 -0.83 30.13
N ARG C 323 2.84 -0.47 31.11
CA ARG C 323 4.19 -0.01 30.80
C ARG C 323 5.19 -1.16 30.65
N GLU C 324 4.94 -2.33 31.25
CA GLU C 324 5.88 -3.43 31.01
C GLU C 324 5.66 -4.06 29.65
N SER C 325 4.51 -3.81 29.04
CA SER C 325 4.07 -4.45 27.82
C SER C 325 3.80 -3.40 26.76
N GLY C 326 4.60 -2.34 26.74
CA GLY C 326 4.36 -1.28 25.79
C GLY C 326 5.37 -1.21 24.65
N ASP C 327 5.90 -2.37 24.24
CA ASP C 327 6.90 -2.38 23.19
C ASP C 327 6.39 -1.68 21.92
N ARG C 328 5.14 -1.94 21.52
CA ARG C 328 4.64 -1.25 20.33
C ARG C 328 4.55 0.24 20.54
N ASN C 329 4.23 0.69 21.77
CA ASN C 329 4.17 2.13 22.03
C ASN C 329 5.55 2.75 22.05
N PHE C 330 6.56 2.01 22.55
CA PHE C 330 7.94 2.47 22.44
C PHE C 330 8.40 2.52 20.99
N ALA C 331 8.02 1.53 20.18
CA ALA C 331 8.38 1.60 18.77
C ALA C 331 7.73 2.82 18.12
N ILE C 332 6.48 3.12 18.48
CA ILE C 332 5.82 4.32 17.99
C ILE C 332 6.54 5.57 18.47
N GLY C 333 6.89 5.60 19.77
CA GLY C 333 7.57 6.76 20.32
C GLY C 333 8.87 7.06 19.61
N TYR C 334 9.71 6.03 19.40
CA TYR C 334 10.98 6.28 18.75
C TYR C 334 10.81 6.72 17.29
N TYR C 335 9.78 6.19 16.60
CA TYR C 335 9.57 6.60 15.22
C TYR C 335 9.08 8.04 15.15
N LEU C 336 8.28 8.47 16.14
CA LEU C 336 7.84 9.87 16.19
C LEU C 336 9.02 10.79 16.45
N LYS C 337 9.93 10.36 17.33
CA LYS C 337 11.11 11.16 17.62
C LYS C 337 11.98 11.30 16.37
N GLU C 338 12.38 10.17 15.78
CA GLU C 338 13.18 10.20 14.56
C GLU C 338 12.56 11.12 13.52
N LYS C 339 11.25 11.03 13.35
CA LYS C 339 10.58 11.84 12.34
C LYS C 339 10.14 13.19 12.88
N LYS C 340 10.53 13.55 14.10
CA LYS C 340 10.41 14.93 14.62
C LYS C 340 8.96 15.38 14.71
N CYS C 341 8.11 14.49 15.22
CA CYS C 341 6.67 14.70 15.31
C CYS C 341 6.23 15.39 16.59
N PHE C 342 7.12 15.49 17.58
CA PHE C 342 6.80 16.09 18.86
C PHE C 342 7.13 17.57 18.86
N PRO C 343 6.51 18.34 19.75
CA PRO C 343 6.92 19.75 19.92
C PRO C 343 8.32 19.84 20.52
N GLU C 344 9.03 20.92 20.19
CA GLU C 344 10.39 21.11 20.67
C GLU C 344 10.44 20.90 22.16
N GLY C 345 11.54 20.32 22.62
CA GLY C 345 11.76 20.20 24.05
C GLY C 345 11.00 19.05 24.67
N THR C 346 10.57 18.09 23.86
CA THR C 346 9.80 16.95 24.34
C THR C 346 10.73 15.85 24.80
N ASP C 347 10.46 15.31 25.98
CA ASP C 347 11.13 14.10 26.45
C ASP C 347 10.23 12.92 26.05
N MET C 348 10.59 12.24 24.98
CA MET C 348 9.74 11.17 24.46
C MET C 348 9.53 10.07 25.49
N VAL C 349 10.58 9.60 26.14
CA VAL C 349 10.40 8.48 27.05
C VAL C 349 9.48 8.88 28.21
N GLY C 350 9.51 10.14 28.62
CA GLY C 350 8.61 10.58 29.69
C GLY C 350 7.16 10.69 29.22
N ILE C 351 6.95 11.18 28.00
CA ILE C 351 5.61 11.28 27.45
C ILE C 351 4.93 9.92 27.42
N LEU C 352 5.69 8.87 27.12
CA LEU C 352 5.13 7.54 27.08
C LEU C 352 4.66 7.11 28.45
N ASP C 353 5.43 7.48 29.48
CA ASP C 353 5.05 7.18 30.86
C ASP C 353 3.80 7.96 31.25
N PHE C 354 3.75 9.23 30.87
CA PHE C 354 2.52 10.01 31.01
C PHE C 354 1.38 9.34 30.24
N TYR C 355 1.63 8.95 28.98
CA TYR C 355 0.60 8.29 28.19
C TYR C 355 0.07 7.03 28.89
N PHE C 356 0.95 6.21 29.47
CA PHE C 356 0.48 5.03 30.20
C PHE C 356 -0.39 5.42 31.40
N GLN C 357 -0.06 6.52 32.08
CA GLN C 357 -0.87 6.92 33.22
C GLN C 357 -2.28 7.25 32.76
N LEU C 358 -2.40 8.03 31.69
CA LEU C 358 -3.70 8.49 31.23
C LEU C 358 -4.58 7.32 30.81
N CYS C 359 -3.98 6.27 30.22
CA CYS C 359 -4.71 5.07 29.86
C CYS C 359 -5.23 4.33 31.09
N SER C 360 -4.61 4.54 32.25
CA SER C 360 -4.96 3.80 33.47
C SER C 360 -5.91 4.56 34.38
N ILE C 361 -6.31 5.78 34.03
CA ILE C 361 -7.32 6.48 34.80
C ILE C 361 -8.60 5.66 34.87
N GLU C 362 -9.21 5.67 36.06
CA GLU C 362 -10.37 4.87 36.39
C GLU C 362 -11.61 5.76 36.41
N VAL C 363 -12.71 5.21 35.88
CA VAL C 363 -14.05 5.78 35.96
C VAL C 363 -14.99 4.65 36.36
N THR C 364 -16.25 5.00 36.57
CA THR C 364 -17.34 4.04 36.57
C THR C 364 -18.23 4.32 35.36
N CYS C 365 -19.22 3.46 35.15
CA CYS C 365 -20.22 3.77 34.15
C CYS C 365 -20.88 5.12 34.44
N GLU C 366 -21.25 5.34 35.70
CA GLU C 366 -22.01 6.54 36.03
C GLU C 366 -21.21 7.80 35.78
N SER C 367 -19.97 7.85 36.25
CA SER C 367 -19.21 9.08 36.12
C SER C 367 -18.74 9.30 34.68
N ALA C 368 -18.42 8.24 33.96
CA ALA C 368 -18.09 8.43 32.56
C ALA C 368 -19.28 8.93 31.75
N SER C 369 -20.50 8.51 32.11
CA SER C 369 -21.66 8.96 31.36
C SER C 369 -21.80 10.47 31.45
N VAL C 370 -21.41 11.06 32.59
CA VAL C 370 -21.46 12.51 32.75
C VAL C 370 -20.43 13.15 31.85
N MET C 371 -19.25 12.52 31.73
CA MET C 371 -18.22 13.00 30.80
C MET C 371 -18.75 13.02 29.39
N ALA C 372 -19.40 11.93 28.96
CA ALA C 372 -20.00 11.88 27.64
C ALA C 372 -21.11 12.93 27.51
N ALA C 373 -21.88 13.14 28.59
CA ALA C 373 -22.98 14.10 28.55
C ALA C 373 -22.47 15.54 28.36
N THR C 374 -21.33 15.86 28.97
CA THR C 374 -20.65 17.14 28.74
C THR C 374 -20.33 17.35 27.27
N LEU C 375 -19.81 16.30 26.62
CA LEU C 375 -19.61 16.33 25.18
C LEU C 375 -20.92 16.43 24.44
N ALA C 376 -21.99 15.81 24.94
CA ALA C 376 -23.29 15.94 24.30
C ALA C 376 -23.88 17.33 24.42
N ASN C 377 -23.39 18.15 25.36
CA ASN C 377 -24.05 19.38 25.76
C ASN C 377 -23.20 20.62 25.45
N GLY C 378 -22.38 20.58 24.40
CA GLY C 378 -21.59 21.72 23.98
C GLY C 378 -20.44 22.10 24.89
N GLY C 379 -20.03 21.22 25.80
CA GLY C 379 -18.94 21.54 26.71
C GLY C 379 -19.37 22.02 28.08
N PHE C 380 -20.67 22.04 28.36
CA PHE C 380 -21.18 22.41 29.68
C PHE C 380 -21.51 21.14 30.44
N CYS C 381 -20.99 21.02 31.65
CA CYS C 381 -21.31 19.85 32.46
C CYS C 381 -22.78 19.92 32.85
N PRO C 382 -23.57 18.91 32.52
CA PRO C 382 -25.00 19.01 32.73
C PRO C 382 -25.44 18.94 34.18
N ILE C 383 -24.68 18.32 35.08
CA ILE C 383 -25.14 18.25 36.47
C ILE C 383 -24.53 19.36 37.33
N THR C 384 -23.68 20.20 36.77
CA THR C 384 -23.19 21.36 37.50
C THR C 384 -23.38 22.69 36.79
N GLY C 385 -23.66 22.72 35.48
CA GLY C 385 -23.77 23.97 34.75
C GLY C 385 -22.47 24.67 34.42
N GLU C 386 -21.33 24.08 34.77
CA GLU C 386 -20.03 24.71 34.51
C GLU C 386 -19.58 24.51 33.07
N ARG C 387 -19.08 25.59 32.47
CA ARG C 387 -18.45 25.51 31.16
C ARG C 387 -17.09 24.84 31.29
N VAL C 388 -16.93 23.67 30.70
CA VAL C 388 -15.74 22.85 30.88
C VAL C 388 -14.85 22.84 29.65
N LEU C 389 -15.43 22.72 28.46
CA LEU C 389 -14.68 22.71 27.22
C LEU C 389 -15.24 23.75 26.28
N SER C 390 -14.39 24.27 25.40
CA SER C 390 -14.88 25.19 24.38
C SER C 390 -15.68 24.43 23.33
N PRO C 391 -16.60 25.10 22.64
CA PRO C 391 -17.39 24.41 21.61
C PRO C 391 -16.54 23.84 20.51
N GLU C 392 -15.41 24.50 20.20
CA GLU C 392 -14.49 24.02 19.19
C GLU C 392 -13.87 22.68 19.59
N ALA C 393 -13.38 22.58 20.82
CA ALA C 393 -12.92 21.30 21.37
C ALA C 393 -13.98 20.20 21.21
N VAL C 394 -15.20 20.47 21.64
CA VAL C 394 -16.22 19.42 21.65
C VAL C 394 -16.59 19.04 20.23
N ARG C 395 -16.76 20.02 19.36
CA ARG C 395 -17.13 19.71 17.98
C ARG C 395 -16.04 18.88 17.30
N ASN C 396 -14.79 19.34 17.36
CA ASN C 396 -13.67 18.56 16.81
C ASN C 396 -13.65 17.16 17.38
N THR C 397 -13.94 17.01 18.68
CA THR C 397 -13.83 15.69 19.30
C THR C 397 -14.95 14.78 18.83
N LEU C 398 -16.17 15.28 18.77
CA LEU C 398 -17.28 14.49 18.27
C LEU C 398 -17.07 14.10 16.80
N SER C 399 -16.48 15.00 16.00
CA SER C 399 -16.27 14.71 14.58
C SER C 399 -15.33 13.53 14.40
N LEU C 400 -14.25 13.47 15.19
CA LEU C 400 -13.24 12.43 15.06
C LEU C 400 -13.68 11.13 15.73
N MET C 401 -14.55 11.20 16.74
CA MET C 401 -15.16 9.98 17.28
C MET C 401 -16.07 9.32 16.25
N HIS C 402 -16.81 10.14 15.49
CA HIS C 402 -17.67 9.64 14.42
C HIS C 402 -16.90 8.69 13.49
N SER C 403 -15.76 9.13 12.99
CA SER C 403 -15.05 8.43 11.92
C SER C 403 -13.92 7.54 12.39
N CYS C 404 -13.33 7.78 13.56
CA CYS C 404 -12.11 7.07 13.95
C CYS C 404 -12.24 6.37 15.30
N GLY C 405 -13.44 6.27 15.86
CA GLY C 405 -13.59 5.95 17.27
C GLY C 405 -13.64 4.48 17.65
N MET C 406 -13.94 3.58 16.73
CA MET C 406 -14.18 2.18 17.07
C MET C 406 -13.25 1.24 16.31
N TYR C 407 -12.00 1.67 16.09
CA TYR C 407 -10.94 0.87 15.44
C TYR C 407 -11.39 0.53 14.02
N ASP C 408 -11.18 -0.70 13.56
CA ASP C 408 -11.55 -1.08 12.19
C ASP C 408 -13.06 -1.15 11.98
N PHE C 409 -13.84 -1.04 13.04
CA PHE C 409 -15.29 -1.00 12.93
C PHE C 409 -15.80 0.42 12.80
N SER C 410 -14.91 1.41 12.83
CA SER C 410 -15.37 2.80 12.77
C SER C 410 -16.24 3.06 11.55
N GLY C 411 -15.83 2.54 10.39
CA GLY C 411 -16.60 2.76 9.19
C GLY C 411 -17.97 2.13 9.24
N GLN C 412 -18.05 0.87 9.70
CA GLN C 412 -19.32 0.16 9.81
C GLN C 412 -20.19 0.75 10.92
N PHE C 413 -19.55 1.20 11.99
CA PHE C 413 -20.28 1.75 13.13
C PHE C 413 -20.87 3.11 12.76
N ALA C 414 -20.10 3.93 12.06
CA ALA C 414 -20.63 5.22 11.61
C ALA C 414 -21.83 5.04 10.69
N PHE C 415 -21.76 4.07 9.78
CA PHE C 415 -22.86 3.86 8.87
C PHE C 415 -24.09 3.36 9.59
N HIS C 416 -23.96 2.35 10.46
CA HIS C 416 -25.17 1.72 10.99
C HIS C 416 -25.67 2.39 12.25
N VAL C 417 -24.77 2.84 13.13
CA VAL C 417 -25.17 3.48 14.38
C VAL C 417 -25.27 5.00 14.25
N GLY C 418 -24.30 5.61 13.58
CA GLY C 418 -24.34 7.03 13.35
C GLY C 418 -24.26 7.86 14.59
N LEU C 419 -23.51 7.38 15.59
CA LEU C 419 -23.27 8.17 16.81
C LEU C 419 -21.77 8.24 17.03
N PRO C 420 -21.27 9.37 17.52
CA PRO C 420 -19.86 9.46 17.93
C PRO C 420 -19.62 8.62 19.18
N ALA C 421 -18.56 7.82 19.15
CA ALA C 421 -18.29 6.91 20.25
C ALA C 421 -16.81 6.56 20.27
N LYS C 422 -16.36 6.09 21.43
CA LYS C 422 -14.97 5.68 21.59
C LYS C 422 -14.89 4.48 22.50
N SER C 423 -14.28 3.42 22.02
CA SER C 423 -14.18 2.19 22.78
C SER C 423 -12.81 2.06 23.43
N GLY C 424 -12.75 1.19 24.42
CA GLY C 424 -11.50 0.91 25.10
C GLY C 424 -11.38 -0.57 25.40
N VAL C 425 -10.14 -1.01 25.55
CA VAL C 425 -9.83 -2.42 25.69
C VAL C 425 -10.26 -2.99 27.04
N ALA C 426 -10.54 -2.13 28.04
CA ALA C 426 -11.15 -2.63 29.27
C ALA C 426 -12.61 -3.02 29.10
N GLY C 427 -13.24 -2.73 27.96
CA GLY C 427 -14.62 -3.08 27.69
C GLY C 427 -15.57 -1.91 27.61
N GLY C 428 -15.09 -0.68 27.74
CA GLY C 428 -15.98 0.47 27.79
C GLY C 428 -16.27 1.07 26.42
N ILE C 429 -17.44 1.69 26.31
CA ILE C 429 -17.76 2.47 25.13
C ILE C 429 -18.35 3.80 25.58
N LEU C 430 -17.56 4.86 25.47
CA LEU C 430 -18.05 6.22 25.67
C LEU C 430 -18.92 6.60 24.48
N LEU C 431 -20.18 6.95 24.74
CA LEU C 431 -21.18 7.17 23.69
C LEU C 431 -21.86 8.53 23.83
N VAL C 432 -21.83 9.32 22.76
CA VAL C 432 -22.44 10.64 22.75
C VAL C 432 -23.58 10.66 21.76
N VAL C 433 -24.75 11.10 22.20
CA VAL C 433 -25.87 11.43 21.33
C VAL C 433 -26.00 12.95 21.36
N PRO C 434 -25.43 13.66 20.39
CA PRO C 434 -25.40 15.14 20.45
C PRO C 434 -26.77 15.74 20.73
N ASN C 435 -26.80 16.70 21.67
CA ASN C 435 -27.96 17.45 22.16
C ASN C 435 -28.95 16.62 22.97
N VAL C 436 -28.67 15.34 23.25
CA VAL C 436 -29.61 14.53 24.01
C VAL C 436 -28.98 13.99 25.28
N MET C 437 -27.88 13.25 25.17
CA MET C 437 -27.36 12.53 26.34
C MET C 437 -25.97 11.96 26.07
N GLY C 438 -25.29 11.60 27.19
CA GLY C 438 -24.05 10.85 27.15
C GLY C 438 -24.26 9.50 27.78
N MET C 439 -23.53 8.46 27.35
CA MET C 439 -23.64 7.15 28.00
C MET C 439 -22.26 6.52 28.15
N MET C 440 -22.15 5.63 29.13
CA MET C 440 -21.04 4.68 29.17
C MET C 440 -21.61 3.28 29.28
N CYS C 441 -21.21 2.41 28.36
CA CYS C 441 -21.49 0.98 28.42
C CYS C 441 -20.22 0.25 28.75
N TRP C 442 -20.28 -0.70 29.66
CA TRP C 442 -19.06 -1.38 30.07
C TRP C 442 -19.29 -2.88 30.18
N SER C 443 -18.53 -3.65 29.42
CA SER C 443 -18.55 -5.12 29.47
C SER C 443 -17.23 -5.64 28.91
N PRO C 444 -16.39 -6.22 29.75
CA PRO C 444 -14.97 -6.46 29.38
C PRO C 444 -14.77 -7.34 28.15
N PRO C 445 -15.59 -8.37 27.89
CA PRO C 445 -15.30 -9.22 26.70
C PRO C 445 -15.40 -8.46 25.38
N LEU C 446 -14.32 -8.53 24.59
CA LEU C 446 -14.16 -7.78 23.35
C LEU C 446 -14.31 -8.69 22.12
N ASP C 447 -14.72 -8.10 21.00
CA ASP C 447 -14.77 -8.85 19.75
C ASP C 447 -13.39 -8.84 19.12
N LYS C 448 -13.27 -9.49 17.96
CA LYS C 448 -11.96 -9.60 17.32
C LYS C 448 -11.38 -8.26 16.88
N MET C 449 -12.19 -7.21 16.86
CA MET C 449 -11.71 -5.87 16.54
C MET C 449 -11.27 -5.08 17.78
N GLY C 450 -11.60 -5.55 18.99
CA GLY C 450 -11.24 -4.86 20.20
C GLY C 450 -12.36 -4.10 20.88
N ASN C 451 -13.59 -4.26 20.42
CA ASN C 451 -14.75 -3.54 20.93
C ASN C 451 -15.60 -4.46 21.78
N SER C 452 -16.12 -3.92 22.88
CA SER C 452 -16.99 -4.71 23.76
C SER C 452 -18.15 -5.26 22.96
N VAL C 453 -18.28 -6.59 23.00
CA VAL C 453 -19.38 -7.27 22.32
C VAL C 453 -20.73 -6.70 22.74
N LYS C 454 -21.04 -6.75 24.05
CA LYS C 454 -22.34 -6.28 24.54
C LYS C 454 -22.56 -4.80 24.25
N GLY C 455 -21.53 -3.99 24.40
CA GLY C 455 -21.69 -2.57 24.14
C GLY C 455 -22.09 -2.30 22.71
N ILE C 456 -21.46 -3.02 21.76
CA ILE C 456 -21.77 -2.84 20.35
C ILE C 456 -23.16 -3.35 20.04
N HIS C 457 -23.57 -4.44 20.68
CA HIS C 457 -24.93 -4.92 20.48
C HIS C 457 -25.94 -3.89 20.96
N PHE C 458 -25.73 -3.35 22.15
CA PHE C 458 -26.61 -2.32 22.71
C PHE C 458 -26.69 -1.09 21.79
N CYS C 459 -25.53 -0.63 21.29
CA CYS C 459 -25.49 0.54 20.42
C CYS C 459 -26.28 0.33 19.14
N HIS C 460 -26.21 -0.86 18.58
CA HIS C 460 -27.04 -1.15 17.42
C HIS C 460 -28.52 -1.10 17.78
N ASP C 461 -28.89 -1.75 18.89
CA ASP C 461 -30.29 -1.81 19.29
C ASP C 461 -30.83 -0.42 19.60
N LEU C 462 -30.00 0.42 20.21
CA LEU C 462 -30.44 1.75 20.62
C LEU C 462 -30.87 2.57 19.43
N VAL C 463 -30.10 2.54 18.35
CA VAL C 463 -30.46 3.32 17.18
C VAL C 463 -31.49 2.61 16.32
N SER C 464 -31.57 1.27 16.39
CA SER C 464 -32.71 0.59 15.78
C SER C 464 -34.00 1.07 16.43
N LEU C 465 -33.97 1.29 17.74
CA LEU C 465 -35.18 1.65 18.47
C LEU C 465 -35.52 3.13 18.29
N CYS C 466 -34.55 4.00 18.53
CA CYS C 466 -34.79 5.43 18.61
C CYS C 466 -34.16 6.13 17.42
N ASN C 467 -34.69 7.30 17.11
CA ASN C 467 -34.22 8.08 15.95
C ASN C 467 -33.06 8.98 16.37
N PHE C 468 -32.02 8.34 16.91
CA PHE C 468 -30.82 9.03 17.34
C PHE C 468 -29.70 9.03 16.32
N HIS C 469 -29.79 8.23 15.24
CA HIS C 469 -28.75 8.22 14.21
C HIS C 469 -28.51 9.64 13.72
N ASN C 470 -27.23 9.97 13.51
CA ASN C 470 -26.87 11.31 13.06
C ASN C 470 -27.66 11.73 11.82
N TYR C 471 -28.07 10.80 10.99
CA TYR C 471 -28.80 11.13 9.78
C TYR C 471 -30.19 10.50 9.73
N ASP C 472 -30.76 10.19 10.89
CA ASP C 472 -32.21 10.09 11.01
C ASP C 472 -32.82 11.47 10.85
N ASN C 473 -34.04 11.52 10.34
CA ASN C 473 -34.81 12.75 10.26
C ASN C 473 -35.71 12.90 11.50
N LEU C 474 -35.70 14.10 12.09
CA LEU C 474 -36.46 14.36 13.31
C LEU C 474 -37.96 14.52 13.07
N ARG C 475 -38.39 14.60 11.82
CA ARG C 475 -39.79 14.77 11.45
C ARG C 475 -40.42 13.51 10.89
N HIS C 476 -39.73 12.81 9.99
CA HIS C 476 -40.24 11.61 9.33
C HIS C 476 -39.27 10.48 9.63
N PHE C 477 -39.69 9.49 10.42
CA PHE C 477 -38.68 8.54 10.89
C PHE C 477 -39.26 7.13 11.04
N ALA C 478 -40.20 6.77 10.18
CA ALA C 478 -40.67 5.38 10.09
C ALA C 478 -41.31 5.04 11.45
N LYS C 479 -41.08 3.83 11.96
CA LYS C 479 -41.67 3.46 13.24
C LYS C 479 -40.64 3.36 14.35
N LYS C 480 -39.55 4.11 14.22
CA LYS C 480 -38.71 4.39 15.35
C LYS C 480 -39.46 5.25 16.37
N LEU C 481 -38.96 5.21 17.60
CA LEU C 481 -39.47 6.01 18.71
C LEU C 481 -38.60 7.26 18.85
N ASP C 482 -39.21 8.39 19.18
CA ASP C 482 -38.48 9.62 19.47
C ASP C 482 -38.75 10.04 20.91
N PRO C 483 -37.84 9.77 21.83
CA PRO C 483 -38.12 10.09 23.24
C PRO C 483 -37.98 11.58 23.56
N ARG C 484 -37.76 12.42 22.56
CA ARG C 484 -37.86 13.85 22.79
C ARG C 484 -39.30 14.35 22.80
N ARG C 485 -40.26 13.52 22.36
CA ARG C 485 -41.64 13.93 22.17
C ARG C 485 -42.54 13.39 23.26
N GLU C 486 -43.71 14.00 23.38
CA GLU C 486 -44.63 13.79 24.48
C GLU C 486 -45.24 12.39 24.54
N GLY C 487 -46.21 12.10 23.67
CA GLY C 487 -46.87 10.81 23.69
C GLY C 487 -47.77 10.57 22.49
N PRO D 78 -64.66 29.13 16.98
CA PRO D 78 -63.72 30.03 16.29
C PRO D 78 -62.90 29.29 15.24
N SER D 79 -63.08 29.64 13.97
CA SER D 79 -62.49 28.88 12.88
C SER D 79 -61.09 29.37 12.56
N LEU D 80 -60.28 28.46 11.99
CA LEU D 80 -58.85 28.73 11.86
C LEU D 80 -58.57 29.71 10.74
N GLU D 81 -59.34 29.66 9.65
CA GLU D 81 -59.23 30.69 8.63
C GLU D 81 -59.70 32.04 9.15
N ASP D 82 -60.55 32.05 10.19
CA ASP D 82 -61.00 33.30 10.79
C ASP D 82 -59.87 33.96 11.58
N LEU D 83 -59.23 33.20 12.46
CA LEU D 83 -58.16 33.79 13.26
C LEU D 83 -56.98 34.18 12.40
N LEU D 84 -56.61 33.32 11.44
CA LEU D 84 -55.59 33.72 10.47
C LEU D 84 -56.03 34.95 9.70
N PHE D 85 -57.33 35.13 9.50
CA PHE D 85 -57.76 36.35 8.84
C PHE D 85 -57.46 37.57 9.71
N TYR D 86 -57.79 37.50 11.00
CA TYR D 86 -57.62 38.68 11.84
C TYR D 86 -56.15 39.04 12.03
N THR D 87 -55.25 38.05 12.04
CA THR D 87 -53.83 38.39 12.22
C THR D 87 -53.31 39.16 11.01
N ILE D 88 -53.79 38.84 9.81
CA ILE D 88 -53.33 39.59 8.63
C ILE D 88 -54.13 40.88 8.47
N ALA D 89 -55.41 40.87 8.85
CA ALA D 89 -56.24 42.05 8.68
C ALA D 89 -55.78 43.17 9.61
N GLU D 90 -55.44 42.81 10.86
CA GLU D 90 -54.85 43.69 11.87
C GLU D 90 -55.65 44.98 12.12
N GLY D 91 -55.83 45.83 11.10
CA GLY D 91 -56.55 47.08 11.26
C GLY D 91 -57.91 46.88 10.58
N GLN D 92 -58.05 47.26 9.34
CA GLN D 92 -59.33 47.46 8.72
C GLN D 92 -60.13 46.16 8.62
N GLU D 93 -61.29 46.22 7.91
CA GLU D 93 -62.17 45.10 7.75
C GLU D 93 -61.92 44.33 6.46
N LYS D 94 -60.92 44.70 5.66
CA LYS D 94 -60.64 43.91 4.49
C LYS D 94 -59.14 43.96 4.19
N ILE D 95 -58.66 42.94 3.51
CA ILE D 95 -57.25 42.77 3.19
C ILE D 95 -57.07 42.93 1.69
N PRO D 96 -56.35 43.94 1.21
CA PRO D 96 -55.98 43.93 -0.21
C PRO D 96 -55.25 42.64 -0.53
N VAL D 97 -55.47 42.11 -1.74
CA VAL D 97 -54.84 40.84 -2.08
C VAL D 97 -53.32 40.99 -2.05
N HIS D 98 -52.80 42.07 -2.65
CA HIS D 98 -51.36 42.26 -2.71
C HIS D 98 -50.75 42.30 -1.32
N LYS D 99 -51.50 42.80 -0.35
CA LYS D 99 -51.02 42.76 1.03
C LYS D 99 -50.92 41.32 1.52
N PHE D 100 -51.92 40.49 1.21
CA PHE D 100 -51.85 39.08 1.56
C PHE D 100 -50.67 38.41 0.85
N ILE D 101 -50.50 38.70 -0.44
CA ILE D 101 -49.46 38.03 -1.21
C ILE D 101 -48.09 38.47 -0.76
N THR D 102 -47.93 39.77 -0.47
CA THR D 102 -46.65 40.24 0.02
C THR D 102 -46.30 39.62 1.35
N ALA D 103 -47.28 39.53 2.25
CA ALA D 103 -47.05 38.85 3.52
C ALA D 103 -46.72 37.37 3.32
N LEU D 104 -47.27 36.76 2.26
CA LEU D 104 -47.04 35.34 2.01
C LEU D 104 -45.63 35.08 1.50
N LYS D 105 -45.15 35.90 0.56
CA LYS D 105 -43.79 35.72 0.06
C LYS D 105 -42.74 35.98 1.14
N SER D 106 -43.03 36.89 2.08
CA SER D 106 -42.05 37.15 3.13
C SER D 106 -41.84 35.96 4.04
N THR D 107 -42.81 35.05 4.12
CA THR D 107 -42.54 33.76 4.76
C THR D 107 -41.47 32.98 4.00
N GLY D 108 -41.20 33.33 2.75
CA GLY D 108 -40.32 32.54 1.91
C GLY D 108 -41.01 31.56 0.99
N LEU D 109 -42.29 31.26 1.20
CA LEU D 109 -43.01 30.50 0.20
C LEU D 109 -43.06 31.27 -1.11
N ARG D 110 -43.18 30.54 -2.19
CA ARG D 110 -43.47 31.11 -3.50
C ARG D 110 -44.96 30.97 -3.79
N THR D 111 -45.51 31.95 -4.54
CA THR D 111 -46.89 31.84 -5.01
C THR D 111 -47.08 30.57 -5.85
N SER D 112 -46.08 30.20 -6.63
CA SER D 112 -46.19 29.01 -7.46
C SER D 112 -46.12 27.70 -6.68
N ASP D 113 -46.01 27.73 -5.35
CA ASP D 113 -45.87 26.50 -4.59
C ASP D 113 -46.99 25.53 -4.94
N PRO D 114 -46.69 24.28 -5.23
CA PRO D 114 -47.76 23.33 -5.60
C PRO D 114 -48.76 23.07 -4.49
N ARG D 115 -48.42 23.30 -3.23
CA ARG D 115 -49.38 23.13 -2.16
C ARG D 115 -50.28 24.34 -2.01
N LEU D 116 -50.01 25.41 -2.74
CA LEU D 116 -50.81 26.63 -2.72
C LEU D 116 -51.65 26.81 -3.98
N LYS D 117 -51.72 25.81 -4.86
CA LYS D 117 -52.41 26.01 -6.14
C LYS D 117 -53.89 26.35 -5.96
N GLU D 118 -54.61 25.59 -5.13
CA GLU D 118 -56.05 25.83 -4.96
C GLU D 118 -56.31 27.27 -4.47
N CYS D 119 -55.57 27.72 -3.46
CA CYS D 119 -55.70 29.08 -2.99
C CYS D 119 -55.35 30.11 -4.08
N MET D 120 -54.29 29.86 -4.84
CA MET D 120 -53.89 30.81 -5.88
C MET D 120 -54.87 30.82 -7.05
N ASP D 121 -55.43 29.65 -7.39
CA ASP D 121 -56.42 29.61 -8.48
C ASP D 121 -57.66 30.40 -8.11
N MET D 122 -58.16 30.21 -6.88
CA MET D 122 -59.36 30.95 -6.47
C MET D 122 -59.07 32.43 -6.26
N LEU D 123 -57.86 32.79 -5.87
CA LEU D 123 -57.52 34.21 -5.86
C LEU D 123 -57.53 34.79 -7.26
N ARG D 124 -56.94 34.07 -8.22
CA ARG D 124 -56.98 34.55 -9.60
C ARG D 124 -58.40 34.62 -10.11
N LEU D 125 -59.22 33.64 -9.73
CA LEU D 125 -60.61 33.61 -10.16
C LEU D 125 -61.35 34.84 -9.68
N THR D 126 -61.24 35.16 -8.39
CA THR D 126 -62.02 36.27 -7.86
C THR D 126 -61.52 37.63 -8.34
N LEU D 127 -60.24 37.75 -8.70
CA LEU D 127 -59.80 38.97 -9.39
C LEU D 127 -60.46 39.13 -10.76
N GLN D 128 -60.89 38.02 -11.39
CA GLN D 128 -61.74 38.12 -12.57
C GLN D 128 -63.17 38.44 -12.19
N THR D 129 -63.73 37.62 -11.29
CA THR D 129 -65.11 37.61 -10.84
C THR D 129 -65.54 38.93 -10.21
N THR D 130 -64.60 39.85 -9.99
CA THR D 130 -64.98 41.23 -9.68
C THR D 130 -63.70 42.06 -9.85
N SER D 131 -63.60 42.77 -10.98
CA SER D 131 -62.38 43.47 -11.35
C SER D 131 -62.35 44.87 -10.72
N ASP D 132 -62.63 44.94 -9.41
CA ASP D 132 -62.81 46.20 -8.69
C ASP D 132 -61.72 46.44 -7.66
N GLY D 133 -62.17 46.85 -6.48
CA GLY D 133 -61.46 46.83 -5.22
C GLY D 133 -59.97 47.01 -5.12
N VAL D 134 -59.24 45.90 -4.97
CA VAL D 134 -59.86 44.57 -5.01
C VAL D 134 -60.14 44.00 -3.61
N MET D 135 -61.12 44.63 -2.97
CA MET D 135 -61.88 44.19 -1.80
C MET D 135 -61.18 43.14 -0.93
N LEU D 136 -61.79 41.95 -0.81
CA LEU D 136 -61.36 40.80 0.00
C LEU D 136 -61.81 40.92 1.46
N ASP D 137 -63.06 40.57 1.74
CA ASP D 137 -63.54 40.58 3.11
C ASP D 137 -63.28 39.21 3.74
N LYS D 138 -63.95 38.93 4.86
CA LYS D 138 -63.55 37.79 5.67
C LYS D 138 -64.05 36.49 5.06
N ASP D 139 -65.31 36.46 4.66
CA ASP D 139 -65.84 35.26 4.03
C ASP D 139 -65.16 35.01 2.69
N LEU D 140 -64.76 36.07 2.00
CA LEU D 140 -64.04 35.91 0.74
C LEU D 140 -62.66 35.31 0.98
N PHE D 141 -61.93 35.86 1.96
CA PHE D 141 -60.68 35.26 2.42
C PHE D 141 -60.88 33.79 2.76
N LYS D 142 -61.95 33.47 3.48
CA LYS D 142 -62.15 32.10 3.94
C LYS D 142 -62.26 31.12 2.77
N LYS D 143 -63.02 31.47 1.73
CA LYS D 143 -63.20 30.51 0.65
C LYS D 143 -61.97 30.43 -0.25
N CYS D 144 -61.09 31.43 -0.21
CA CYS D 144 -59.85 31.36 -0.97
C CYS D 144 -58.85 30.40 -0.34
N VAL D 145 -58.66 30.51 0.98
CA VAL D 145 -57.53 29.88 1.65
C VAL D 145 -57.95 28.66 2.46
N GLN D 146 -59.22 28.28 2.43
CA GLN D 146 -59.66 27.17 3.27
C GLN D 146 -59.04 25.85 2.84
N SER D 147 -58.73 25.70 1.55
CA SER D 147 -58.18 24.44 1.06
C SER D 147 -56.73 24.24 1.48
N ASN D 148 -55.99 25.32 1.69
CA ASN D 148 -54.58 25.27 2.06
C ASN D 148 -54.35 25.92 3.43
N ILE D 149 -55.31 25.77 4.36
CA ILE D 149 -55.30 26.59 5.56
C ILE D 149 -54.20 26.17 6.52
N VAL D 150 -53.93 24.85 6.60
CA VAL D 150 -52.93 24.35 7.52
C VAL D 150 -51.57 24.98 7.21
N LEU D 151 -51.11 24.80 5.97
CA LEU D 151 -49.80 25.30 5.60
C LEU D 151 -49.73 26.83 5.69
N LEU D 152 -50.82 27.51 5.33
CA LEU D 152 -50.82 28.97 5.39
C LEU D 152 -50.73 29.45 6.83
N THR D 153 -51.22 28.65 7.76
CA THR D 153 -51.17 29.02 9.17
C THR D 153 -49.77 28.81 9.73
N GLN D 154 -49.18 27.64 9.49
CA GLN D 154 -47.78 27.43 9.83
C GLN D 154 -46.92 28.57 9.31
N ALA D 155 -47.18 28.99 8.06
CA ALA D 155 -46.39 30.05 7.45
C ALA D 155 -46.55 31.37 8.17
N PHE D 156 -47.78 31.72 8.55
CA PHE D 156 -48.04 33.03 9.11
C PHE D 156 -47.85 33.08 10.62
N ARG D 157 -47.94 31.94 11.31
CA ARG D 157 -47.64 31.83 12.73
C ARG D 157 -46.15 31.67 13.01
N ARG D 158 -45.28 31.90 12.02
CA ARG D 158 -43.83 31.75 12.17
C ARG D 158 -43.44 30.34 12.60
N LYS D 159 -44.11 29.32 12.04
CA LYS D 159 -43.89 27.94 12.45
C LYS D 159 -42.90 27.20 11.55
N PHE D 160 -42.28 27.87 10.58
CA PHE D 160 -41.36 27.16 9.69
C PHE D 160 -39.98 27.02 10.34
N VAL D 161 -39.22 26.05 9.86
CA VAL D 161 -37.91 25.75 10.44
C VAL D 161 -37.05 27.00 10.57
N ILE D 162 -37.09 27.89 9.57
CA ILE D 162 -36.40 29.18 9.69
C ILE D 162 -37.47 30.28 9.75
N PRO D 163 -37.89 30.73 10.95
CA PRO D 163 -39.01 31.68 11.03
C PRO D 163 -38.72 33.04 10.41
N ASP D 164 -37.56 33.62 10.71
CA ASP D 164 -37.21 34.93 10.15
C ASP D 164 -36.45 34.67 8.85
N PHE D 165 -37.19 34.32 7.81
CA PHE D 165 -36.57 33.88 6.58
C PHE D 165 -35.91 35.02 5.84
N MET D 166 -36.46 36.23 5.94
CA MET D 166 -35.86 37.35 5.23
C MET D 166 -34.49 37.70 5.80
N SER D 167 -34.33 37.60 7.11
CA SER D 167 -33.02 37.88 7.69
C SER D 167 -31.99 36.84 7.24
N PHE D 168 -32.39 35.56 7.25
CA PHE D 168 -31.52 34.51 6.77
C PHE D 168 -31.09 34.72 5.31
N THR D 169 -32.02 35.11 4.43
CA THR D 169 -31.62 35.26 3.03
C THR D 169 -30.60 36.39 2.85
N SER D 170 -30.68 37.44 3.68
CA SER D 170 -29.62 38.46 3.68
C SER D 170 -28.27 37.84 3.97
N HIS D 171 -28.22 36.90 4.91
CA HIS D 171 -26.97 36.23 5.23
C HIS D 171 -26.48 35.38 4.07
N ILE D 172 -27.38 34.61 3.46
CA ILE D 172 -27.03 33.85 2.26
C ILE D 172 -26.42 34.77 1.20
N ASP D 173 -27.01 35.95 1.04
CA ASP D 173 -26.53 36.88 0.02
C ASP D 173 -25.13 37.36 0.34
N GLU D 174 -24.84 37.66 1.60
CA GLU D 174 -23.50 38.11 1.94
C GLU D 174 -22.49 36.98 1.74
N LEU D 175 -22.88 35.73 2.05
CA LEU D 175 -21.96 34.62 1.78
C LEU D 175 -21.73 34.46 0.28
N TYR D 176 -22.81 34.57 -0.50
CA TYR D 176 -22.70 34.53 -1.95
C TYR D 176 -21.68 35.54 -2.44
N GLU D 177 -21.88 36.83 -2.08
CA GLU D 177 -20.96 37.88 -2.52
C GLU D 177 -19.54 37.66 -2.01
N SER D 178 -19.39 37.06 -0.83
CA SER D 178 -18.06 36.78 -0.32
C SER D 178 -17.38 35.69 -1.15
N ALA D 179 -18.08 34.58 -1.41
CA ALA D 179 -17.53 33.55 -2.30
C ALA D 179 -17.31 34.04 -3.72
N LYS D 180 -17.96 35.14 -4.10
CA LYS D 180 -17.94 35.59 -5.50
C LYS D 180 -16.59 36.14 -5.90
N LYS D 181 -15.82 36.62 -4.94
CA LYS D 181 -14.52 37.23 -5.18
C LYS D 181 -13.37 36.22 -5.11
N GLN D 182 -13.66 34.92 -5.03
CA GLN D 182 -12.61 33.87 -5.10
C GLN D 182 -12.60 33.34 -6.53
N SER D 183 -11.75 33.92 -7.37
CA SER D 183 -11.81 33.66 -8.81
C SER D 183 -10.81 32.62 -9.28
N GLY D 184 -10.19 31.87 -8.38
CA GLY D 184 -9.27 30.81 -8.77
C GLY D 184 -9.99 29.56 -9.27
N GLY D 185 -9.20 28.53 -9.59
CA GLY D 185 -9.71 27.28 -10.12
C GLY D 185 -9.74 27.23 -11.64
N LYS D 186 -10.03 26.04 -12.17
CA LYS D 186 -10.07 25.82 -13.61
C LYS D 186 -11.28 24.98 -14.00
N VAL D 187 -11.99 25.39 -15.03
CA VAL D 187 -13.13 24.63 -15.53
C VAL D 187 -12.67 23.25 -15.97
N ALA D 188 -13.59 22.37 -16.32
CA ALA D 188 -13.26 20.99 -16.61
C ALA D 188 -12.79 20.75 -18.04
N ASP D 189 -12.78 21.76 -18.91
CA ASP D 189 -12.32 21.62 -20.30
C ASP D 189 -13.13 20.56 -21.05
N SER D 198 -18.13 30.91 -18.28
CA SER D 198 -18.13 29.74 -17.40
C SER D 198 -17.33 29.98 -16.10
N PRO D 199 -16.11 30.53 -16.18
CA PRO D 199 -15.43 30.97 -14.94
C PRO D 199 -16.10 32.15 -14.25
N ASP D 200 -17.22 32.66 -14.78
CA ASP D 200 -17.90 33.77 -14.14
C ASP D 200 -19.35 33.44 -13.80
N LEU D 201 -19.77 32.17 -13.94
CA LEU D 201 -21.10 31.74 -13.53
C LEU D 201 -21.04 31.26 -12.09
N TRP D 202 -21.99 31.70 -11.28
CA TRP D 202 -21.94 31.40 -9.84
C TRP D 202 -23.33 31.60 -9.26
N GLY D 203 -23.93 30.54 -8.76
CA GLY D 203 -25.27 30.63 -8.21
C GLY D 203 -25.49 29.72 -7.02
N VAL D 204 -26.45 30.11 -6.20
CA VAL D 204 -26.76 29.41 -4.96
C VAL D 204 -28.26 29.44 -4.70
N SER D 205 -28.87 28.28 -4.47
CA SER D 205 -30.31 28.18 -4.25
C SER D 205 -30.59 27.47 -2.96
N VAL D 206 -31.62 27.91 -2.25
CA VAL D 206 -31.99 27.33 -0.96
C VAL D 206 -33.41 26.81 -1.05
N CYS D 207 -33.66 25.68 -0.42
CA CYS D 207 -35.02 25.19 -0.25
C CYS D 207 -35.11 24.55 1.12
N THR D 208 -35.91 25.12 2.02
CA THR D 208 -35.98 24.55 3.35
C THR D 208 -36.86 23.29 3.35
N VAL D 209 -36.83 22.59 4.48
CA VAL D 209 -37.69 21.45 4.71
C VAL D 209 -39.16 21.84 4.71
N ASP D 210 -39.48 23.13 4.76
CA ASP D 210 -40.85 23.60 4.71
C ASP D 210 -41.20 24.27 3.38
N GLY D 211 -40.27 24.29 2.43
CA GLY D 211 -40.56 24.81 1.10
C GLY D 211 -40.21 26.26 0.88
N GLN D 212 -39.48 26.89 1.80
CA GLN D 212 -39.09 28.28 1.66
C GLN D 212 -37.91 28.35 0.71
N ARG D 213 -37.99 29.24 -0.27
CA ARG D 213 -37.05 29.27 -1.37
C ARG D 213 -36.24 30.55 -1.30
N HIS D 214 -34.97 30.45 -1.73
CA HIS D 214 -34.22 31.66 -2.03
C HIS D 214 -33.13 31.33 -3.02
N SER D 215 -32.87 32.28 -3.91
CA SER D 215 -31.85 32.13 -4.94
C SER D 215 -31.05 33.41 -5.05
N THR D 216 -29.78 33.26 -5.43
CA THR D 216 -28.98 34.44 -5.72
C THR D 216 -27.93 34.06 -6.76
N GLY D 217 -27.80 34.88 -7.79
CA GLY D 217 -26.87 34.62 -8.87
C GLY D 217 -27.44 33.76 -9.98
N ASP D 218 -26.58 32.97 -10.61
CA ASP D 218 -26.95 32.31 -11.87
C ASP D 218 -27.61 30.96 -11.57
N THR D 219 -28.85 31.04 -11.07
CA THR D 219 -29.51 29.88 -10.51
C THR D 219 -30.57 29.27 -11.42
N LYS D 220 -30.82 29.83 -12.59
CA LYS D 220 -31.69 29.20 -13.56
C LYS D 220 -30.94 28.74 -14.80
N VAL D 221 -29.62 28.58 -14.71
CA VAL D 221 -28.82 28.11 -15.83
C VAL D 221 -28.70 26.60 -15.72
N PRO D 222 -29.05 25.83 -16.74
CA PRO D 222 -28.96 24.38 -16.63
C PRO D 222 -27.51 23.89 -16.70
N PHE D 223 -27.24 22.80 -15.98
CA PHE D 223 -25.91 22.19 -15.94
C PHE D 223 -26.05 20.73 -15.54
N CYS D 224 -25.08 19.91 -15.93
CA CYS D 224 -25.19 18.48 -15.70
C CYS D 224 -24.84 18.11 -14.25
N LEU D 225 -25.64 17.21 -13.69
CA LEU D 225 -25.37 16.74 -12.34
C LEU D 225 -23.96 16.17 -12.23
N GLN D 226 -23.55 15.37 -13.20
CA GLN D 226 -22.25 14.67 -13.19
C GLN D 226 -22.25 13.82 -11.93
N SER D 227 -21.19 13.84 -11.12
CA SER D 227 -21.17 12.94 -9.97
C SER D 227 -22.11 13.38 -8.86
N CYS D 228 -22.72 14.57 -8.94
CA CYS D 228 -23.79 14.90 -8.01
C CYS D 228 -24.97 13.94 -8.13
N VAL D 229 -25.07 13.20 -9.24
CA VAL D 229 -26.12 12.19 -9.41
C VAL D 229 -25.84 10.94 -8.58
N LYS D 230 -24.62 10.75 -8.10
CA LYS D 230 -24.30 9.49 -7.43
C LYS D 230 -25.16 9.23 -6.19
N PRO D 231 -25.30 10.16 -5.23
CA PRO D 231 -26.15 9.85 -4.07
C PRO D 231 -27.61 9.69 -4.44
N LEU D 232 -28.07 10.36 -5.50
CA LEU D 232 -29.46 10.29 -5.91
C LEU D 232 -29.80 8.92 -6.47
N LYS D 233 -28.91 8.31 -7.24
CA LYS D 233 -29.23 7.00 -7.77
C LYS D 233 -28.91 5.89 -6.77
N TYR D 234 -27.94 6.11 -5.87
CA TYR D 234 -27.80 5.20 -4.74
C TYR D 234 -29.05 5.21 -3.88
N ALA D 235 -29.61 6.39 -3.62
CA ALA D 235 -30.84 6.47 -2.83
C ALA D 235 -31.98 5.75 -3.54
N ILE D 236 -32.05 5.87 -4.87
CA ILE D 236 -33.10 5.20 -5.62
C ILE D 236 -32.98 3.70 -5.48
N ALA D 237 -31.74 3.20 -5.57
CA ALA D 237 -31.50 1.77 -5.50
C ALA D 237 -31.78 1.22 -4.10
N VAL D 238 -31.31 1.90 -3.04
CA VAL D 238 -31.65 1.45 -1.69
C VAL D 238 -33.15 1.52 -1.45
N ASN D 239 -33.82 2.52 -2.02
CA ASN D 239 -35.27 2.63 -1.84
C ASN D 239 -36.00 1.44 -2.44
N ASP D 240 -35.63 1.04 -3.67
CA ASP D 240 -36.30 -0.08 -4.33
C ASP D 240 -35.84 -1.44 -3.83
N LEU D 241 -34.60 -1.53 -3.31
CA LEU D 241 -33.95 -2.82 -3.09
C LEU D 241 -33.60 -3.11 -1.65
N GLY D 242 -33.53 -2.12 -0.77
CA GLY D 242 -33.08 -2.34 0.59
C GLY D 242 -31.58 -2.19 0.74
N THR D 243 -31.16 -2.00 2.00
CA THR D 243 -29.73 -1.81 2.29
C THR D 243 -28.94 -3.10 2.15
N GLU D 244 -29.53 -4.22 2.57
CA GLU D 244 -28.82 -5.49 2.48
C GLU D 244 -28.41 -5.82 1.05
N TYR D 245 -29.35 -5.71 0.10
CA TYR D 245 -29.06 -6.10 -1.27
C TYR D 245 -28.03 -5.17 -1.89
N VAL D 246 -28.27 -3.86 -1.83
CA VAL D 246 -27.33 -2.93 -2.45
C VAL D 246 -25.91 -3.20 -1.95
N HIS D 247 -25.76 -3.54 -0.68
CA HIS D 247 -24.42 -3.59 -0.11
C HIS D 247 -23.80 -4.98 -0.09
N ARG D 248 -24.41 -5.98 -0.70
CA ARG D 248 -23.56 -7.07 -1.18
C ARG D 248 -22.71 -6.63 -2.36
N TYR D 249 -23.12 -5.57 -3.03
CA TYR D 249 -22.46 -5.18 -4.26
C TYR D 249 -21.57 -3.96 -4.12
N VAL D 250 -21.73 -3.16 -3.06
CA VAL D 250 -20.91 -1.97 -2.86
C VAL D 250 -20.60 -1.85 -1.37
N GLY D 251 -19.44 -1.28 -1.04
CA GLY D 251 -19.05 -1.05 0.33
C GLY D 251 -19.69 0.19 0.96
N LYS D 252 -19.32 0.43 2.23
CA LYS D 252 -19.91 1.49 3.05
C LYS D 252 -18.94 2.55 3.56
N GLU D 253 -17.66 2.54 3.21
CA GLU D 253 -16.69 3.43 3.83
C GLU D 253 -15.76 4.05 2.80
N PRO D 254 -15.02 5.10 3.20
CA PRO D 254 -14.08 5.74 2.26
C PRO D 254 -12.84 4.92 1.84
N SER D 255 -12.08 4.42 2.82
CA SER D 255 -10.77 3.80 2.56
C SER D 255 -9.77 4.71 1.86
N GLY D 256 -8.90 5.34 2.65
CA GLY D 256 -7.62 5.88 2.23
C GLY D 256 -7.53 6.97 1.18
N LEU D 257 -6.87 8.08 1.53
CA LEU D 257 -6.32 8.96 0.51
C LEU D 257 -5.27 8.25 -0.32
N ARG D 258 -4.95 7.02 0.04
CA ARG D 258 -3.96 6.25 -0.65
C ARG D 258 -4.52 5.03 -1.35
N PHE D 259 -5.73 4.59 -0.99
CA PHE D 259 -6.46 3.67 -1.84
C PHE D 259 -7.55 4.37 -2.61
N ASN D 260 -7.40 5.67 -2.82
CA ASN D 260 -8.27 6.42 -3.71
C ASN D 260 -8.00 6.11 -5.19
N LYS D 261 -7.03 5.24 -5.52
CA LYS D 261 -6.82 4.84 -6.90
C LYS D 261 -7.21 3.39 -7.18
N LEU D 262 -7.53 2.60 -6.16
CA LEU D 262 -7.99 1.23 -6.37
C LEU D 262 -9.48 1.19 -6.71
N PHE D 263 -9.85 0.21 -7.54
CA PHE D 263 -11.25 0.02 -7.91
C PHE D 263 -12.02 -0.79 -6.89
N LEU D 264 -11.35 -1.68 -6.17
CA LEU D 264 -12.00 -2.63 -5.27
C LEU D 264 -11.36 -2.56 -3.90
N ASN D 265 -12.16 -2.81 -2.88
CA ASN D 265 -11.63 -2.91 -1.53
C ASN D 265 -11.15 -4.36 -1.33
N GLU D 266 -10.84 -4.73 -0.09
CA GLU D 266 -10.26 -6.05 0.16
C GLU D 266 -11.29 -7.17 0.00
N ASP D 267 -12.59 -6.87 0.06
CA ASP D 267 -13.61 -7.88 -0.20
C ASP D 267 -14.08 -7.89 -1.65
N ASP D 268 -13.29 -7.31 -2.58
CA ASP D 268 -13.59 -7.33 -4.01
C ASP D 268 -14.89 -6.61 -4.36
N LYS D 269 -15.25 -5.63 -3.56
CA LYS D 269 -16.34 -4.73 -3.83
C LYS D 269 -15.79 -3.33 -3.93
N PRO D 270 -16.40 -2.48 -4.74
CA PRO D 270 -16.01 -1.07 -4.75
C PRO D 270 -16.19 -0.48 -3.36
N HIS D 271 -15.46 0.60 -3.08
CA HIS D 271 -15.34 1.04 -1.70
C HIS D 271 -16.64 1.59 -1.15
N ASN D 272 -17.41 2.28 -1.98
CA ASN D 272 -18.62 2.95 -1.52
C ASN D 272 -19.33 3.49 -2.76
N PRO D 273 -20.59 3.93 -2.64
CA PRO D 273 -21.32 4.40 -3.84
C PRO D 273 -20.84 5.73 -4.39
N MET D 274 -19.96 6.44 -3.72
CA MET D 274 -19.62 7.76 -4.23
C MET D 274 -18.40 7.75 -5.14
N VAL D 275 -17.67 6.63 -5.27
CA VAL D 275 -16.58 6.57 -6.23
C VAL D 275 -17.12 5.99 -7.54
N ASN D 276 -16.45 6.29 -8.65
CA ASN D 276 -16.92 5.89 -9.97
C ASN D 276 -17.21 4.38 -10.05
N ALA D 277 -16.30 3.52 -9.58
CA ALA D 277 -16.58 2.08 -9.64
C ALA D 277 -17.79 1.71 -8.78
N GLY D 278 -17.99 2.38 -7.64
CA GLY D 278 -19.19 2.11 -6.86
C GLY D 278 -20.43 2.66 -7.56
N ALA D 279 -20.31 3.82 -8.19
CA ALA D 279 -21.46 4.39 -8.87
C ALA D 279 -21.80 3.58 -10.11
N ILE D 280 -20.80 2.93 -10.71
CA ILE D 280 -21.05 2.06 -11.85
C ILE D 280 -21.81 0.81 -11.42
N VAL D 281 -21.42 0.20 -10.29
CA VAL D 281 -22.15 -0.98 -9.83
C VAL D 281 -23.58 -0.60 -9.41
N VAL D 282 -23.74 0.52 -8.70
CA VAL D 282 -25.08 0.96 -8.31
C VAL D 282 -25.98 1.09 -9.53
N THR D 283 -25.46 1.73 -10.58
CA THR D 283 -26.21 1.86 -11.82
C THR D 283 -26.71 0.51 -12.32
N SER D 284 -25.93 -0.54 -12.14
CA SER D 284 -26.31 -1.86 -12.65
C SER D 284 -27.40 -2.53 -11.82
N LEU D 285 -27.77 -1.96 -10.68
CA LEU D 285 -28.78 -2.54 -9.81
C LEU D 285 -30.17 -1.99 -10.08
N ILE D 286 -30.28 -0.81 -10.66
CA ILE D 286 -31.54 -0.09 -10.75
C ILE D 286 -32.35 -0.64 -11.90
N LYS D 287 -33.58 -1.08 -11.59
CA LYS D 287 -34.59 -1.43 -12.60
C LYS D 287 -34.09 -2.51 -13.56
N GLN D 288 -33.54 -3.58 -12.99
CA GLN D 288 -32.96 -4.64 -13.80
C GLN D 288 -34.04 -5.34 -14.62
N GLY D 289 -33.63 -5.86 -15.78
CA GLY D 289 -34.57 -6.57 -16.62
C GLY D 289 -35.55 -5.68 -17.34
N VAL D 290 -35.16 -4.45 -17.65
CA VAL D 290 -35.84 -3.61 -18.63
C VAL D 290 -34.73 -2.95 -19.45
N ASN D 291 -35.08 -2.48 -20.64
CA ASN D 291 -34.04 -1.92 -21.49
C ASN D 291 -33.58 -0.57 -20.94
N ASN D 292 -32.49 -0.05 -21.53
CA ASN D 292 -31.87 1.15 -20.97
C ASN D 292 -32.78 2.38 -21.08
N ALA D 293 -33.62 2.44 -22.12
CA ALA D 293 -34.51 3.58 -22.27
C ALA D 293 -35.53 3.65 -21.15
N GLU D 294 -36.04 2.49 -20.71
CA GLU D 294 -36.98 2.45 -19.60
C GLU D 294 -36.29 2.74 -18.27
N LYS D 295 -35.10 2.17 -18.05
CA LYS D 295 -34.31 2.50 -16.88
C LYS D 295 -34.12 4.00 -16.76
N PHE D 296 -33.78 4.65 -17.88
CA PHE D 296 -33.55 6.09 -17.85
C PHE D 296 -34.82 6.83 -17.48
N ASP D 297 -35.92 6.55 -18.19
CA ASP D 297 -37.20 7.18 -17.87
C ASP D 297 -37.59 6.95 -16.42
N TYR D 298 -37.38 5.75 -15.91
CA TYR D 298 -37.67 5.46 -14.52
C TYR D 298 -36.91 6.38 -13.58
N VAL D 299 -35.60 6.61 -13.83
CA VAL D 299 -34.83 7.45 -12.93
C VAL D 299 -35.20 8.92 -13.10
N MET D 300 -35.42 9.35 -14.34
CA MET D 300 -35.82 10.73 -14.57
C MET D 300 -37.16 11.04 -13.91
N GLN D 301 -38.08 10.07 -13.93
CA GLN D 301 -39.35 10.24 -13.24
C GLN D 301 -39.12 10.33 -11.72
N PHE D 302 -38.16 9.55 -11.24
CA PHE D 302 -37.77 9.61 -9.83
C PHE D 302 -37.17 10.97 -9.48
N LEU D 303 -36.25 11.47 -10.30
CA LEU D 303 -35.67 12.78 -10.05
C LEU D 303 -36.70 13.90 -10.14
N ASN D 304 -37.70 13.76 -11.00
CA ASN D 304 -38.80 14.72 -11.07
C ASN D 304 -39.51 14.86 -9.73
N LYS D 305 -39.83 13.74 -9.09
CA LYS D 305 -40.47 13.80 -7.78
C LYS D 305 -39.57 14.40 -6.71
N MET D 306 -38.27 14.07 -6.72
CA MET D 306 -37.40 14.68 -5.71
C MET D 306 -37.30 16.18 -5.89
N ALA D 307 -37.46 16.65 -7.12
CA ALA D 307 -37.35 18.07 -7.43
C ALA D 307 -38.69 18.78 -7.44
N GLY D 308 -39.75 18.14 -6.94
CA GLY D 308 -41.08 18.74 -6.97
C GLY D 308 -41.52 19.15 -8.36
N ASN D 309 -41.10 18.40 -9.40
CA ASN D 309 -41.42 18.63 -10.81
C ASN D 309 -40.79 19.90 -11.37
N GLU D 310 -39.74 20.42 -10.74
CA GLU D 310 -38.97 21.49 -11.36
C GLU D 310 -37.97 20.88 -12.33
N TYR D 311 -37.17 21.72 -12.99
CA TYR D 311 -36.46 21.30 -14.19
C TYR D 311 -35.51 20.13 -13.93
N VAL D 312 -35.76 19.03 -14.63
CA VAL D 312 -34.83 17.93 -14.79
C VAL D 312 -34.74 17.67 -16.28
N GLY D 313 -33.54 17.69 -16.83
CA GLY D 313 -33.39 17.46 -18.24
C GLY D 313 -32.20 16.60 -18.59
N PHE D 314 -31.72 16.76 -19.82
CA PHE D 314 -30.72 15.85 -20.36
C PHE D 314 -29.81 16.61 -21.33
N SER D 315 -28.55 16.18 -21.41
CA SER D 315 -27.58 16.82 -22.32
C SER D 315 -26.94 15.72 -23.16
N ASN D 316 -27.44 15.59 -24.39
CA ASN D 316 -26.84 14.64 -25.31
C ASN D 316 -25.43 15.06 -25.69
N ALA D 317 -25.20 16.37 -25.80
CA ALA D 317 -23.85 16.86 -26.05
C ALA D 317 -22.88 16.32 -25.01
N THR D 318 -23.20 16.52 -23.73
CA THR D 318 -22.36 15.98 -22.68
C THR D 318 -22.32 14.46 -22.72
N PHE D 319 -23.44 13.84 -23.10
CA PHE D 319 -23.46 12.38 -23.14
C PHE D 319 -22.47 11.86 -24.19
N GLN D 320 -22.53 12.38 -25.41
CA GLN D 320 -21.59 11.96 -26.45
C GLN D 320 -20.14 12.23 -26.03
N SER D 321 -19.90 13.33 -25.32
CA SER D 321 -18.54 13.64 -24.87
C SER D 321 -18.06 12.63 -23.83
N GLU D 322 -18.79 12.50 -22.72
CA GLU D 322 -18.46 11.52 -21.70
C GLU D 322 -18.25 10.14 -22.29
N ARG D 323 -19.04 9.79 -23.30
CA ARG D 323 -18.97 8.45 -23.91
C ARG D 323 -17.72 8.24 -24.75
N GLU D 324 -17.17 9.31 -25.35
CA GLU D 324 -15.95 9.13 -26.14
C GLU D 324 -14.70 9.12 -25.27
N SER D 325 -14.70 9.86 -24.18
CA SER D 325 -13.53 9.99 -23.32
C SER D 325 -13.70 9.23 -22.02
N GLY D 326 -14.30 8.05 -22.08
CA GLY D 326 -14.54 7.29 -20.87
C GLY D 326 -13.64 6.07 -20.73
N ASP D 327 -12.39 6.18 -21.18
CA ASP D 327 -11.48 5.05 -21.12
C ASP D 327 -11.30 4.56 -19.69
N ARG D 328 -11.19 5.50 -18.74
CA ARG D 328 -11.05 5.12 -17.33
C ARG D 328 -12.22 4.28 -16.85
N ASN D 329 -13.44 4.68 -17.21
CA ASN D 329 -14.63 3.96 -16.77
C ASN D 329 -14.81 2.64 -17.50
N PHE D 330 -14.44 2.57 -18.78
CA PHE D 330 -14.38 1.27 -19.43
C PHE D 330 -13.34 0.37 -18.76
N ALA D 331 -12.21 0.94 -18.33
CA ALA D 331 -11.25 0.14 -17.58
C ALA D 331 -11.87 -0.37 -16.27
N ILE D 332 -12.69 0.44 -15.60
CA ILE D 332 -13.39 -0.01 -14.40
C ILE D 332 -14.42 -1.07 -14.75
N GLY D 333 -15.19 -0.85 -15.81
CA GLY D 333 -16.21 -1.81 -16.18
C GLY D 333 -15.65 -3.19 -16.42
N TYR D 334 -14.52 -3.28 -17.14
CA TYR D 334 -13.94 -4.59 -17.42
C TYR D 334 -13.39 -5.25 -16.16
N TYR D 335 -12.74 -4.48 -15.27
CA TYR D 335 -12.23 -5.08 -14.04
C TYR D 335 -13.38 -5.59 -13.19
N LEU D 336 -14.48 -4.84 -13.14
CA LEU D 336 -15.67 -5.26 -12.40
C LEU D 336 -16.25 -6.54 -12.99
N LYS D 337 -16.38 -6.61 -14.31
CA LYS D 337 -16.83 -7.84 -14.96
C LYS D 337 -15.94 -9.01 -14.56
N GLU D 338 -14.62 -8.84 -14.74
CA GLU D 338 -13.65 -9.89 -14.46
C GLU D 338 -13.77 -10.43 -13.05
N LYS D 339 -14.01 -9.56 -12.07
CA LYS D 339 -14.10 -10.00 -10.70
C LYS D 339 -15.53 -10.17 -10.24
N LYS D 340 -16.48 -10.22 -11.18
CA LYS D 340 -17.85 -10.65 -10.92
C LYS D 340 -18.55 -9.78 -9.87
N CYS D 341 -18.46 -8.47 -10.09
CA CYS D 341 -19.05 -7.49 -9.18
C CYS D 341 -20.50 -7.13 -9.52
N PHE D 342 -20.97 -7.47 -10.69
CA PHE D 342 -22.30 -7.11 -11.13
C PHE D 342 -23.31 -8.17 -10.76
N PRO D 343 -24.58 -7.81 -10.69
CA PRO D 343 -25.63 -8.83 -10.58
C PRO D 343 -25.66 -9.69 -11.83
N GLU D 344 -25.98 -10.97 -11.64
CA GLU D 344 -26.05 -11.90 -12.76
C GLU D 344 -26.91 -11.34 -13.87
N GLY D 345 -26.52 -11.61 -15.11
CA GLY D 345 -27.29 -11.15 -16.25
C GLY D 345 -27.08 -9.70 -16.64
N THR D 346 -25.93 -9.12 -16.28
CA THR D 346 -25.65 -7.70 -16.51
C THR D 346 -24.87 -7.54 -17.81
N ASP D 347 -25.27 -6.58 -18.62
CA ASP D 347 -24.55 -6.22 -19.83
C ASP D 347 -23.67 -5.03 -19.49
N MET D 348 -22.40 -5.30 -19.25
CA MET D 348 -21.51 -4.28 -18.69
C MET D 348 -21.35 -3.09 -19.64
N VAL D 349 -21.18 -3.33 -20.93
CA VAL D 349 -21.02 -2.19 -21.82
C VAL D 349 -22.31 -1.36 -21.84
N GLY D 350 -23.48 -2.01 -21.81
CA GLY D 350 -24.72 -1.26 -21.71
C GLY D 350 -24.85 -0.49 -20.41
N ILE D 351 -24.41 -1.09 -19.30
CA ILE D 351 -24.45 -0.38 -18.03
C ILE D 351 -23.59 0.87 -18.09
N LEU D 352 -22.46 0.80 -18.79
CA LEU D 352 -21.60 1.99 -18.87
C LEU D 352 -22.29 3.10 -19.66
N ASP D 353 -23.06 2.73 -20.69
CA ASP D 353 -23.81 3.71 -21.45
C ASP D 353 -24.88 4.38 -20.59
N PHE D 354 -25.63 3.58 -19.84
CA PHE D 354 -26.61 4.12 -18.89
C PHE D 354 -25.93 5.05 -17.89
N TYR D 355 -24.82 4.62 -17.31
CA TYR D 355 -24.01 5.45 -16.41
C TYR D 355 -23.63 6.79 -17.03
N PHE D 356 -23.15 6.78 -18.27
CA PHE D 356 -22.86 8.05 -18.95
C PHE D 356 -24.12 8.90 -19.11
N GLN D 357 -25.25 8.26 -19.41
CA GLN D 357 -26.52 8.99 -19.48
C GLN D 357 -26.83 9.68 -18.16
N LEU D 358 -26.72 8.95 -17.06
CA LEU D 358 -27.09 9.54 -15.76
C LEU D 358 -26.18 10.70 -15.39
N CYS D 359 -24.90 10.63 -15.76
CA CYS D 359 -24.00 11.76 -15.50
C CYS D 359 -24.39 13.01 -16.30
N SER D 360 -25.14 12.85 -17.38
CA SER D 360 -25.46 13.96 -18.27
C SER D 360 -26.79 14.61 -17.97
N ILE D 361 -27.56 14.07 -17.03
CA ILE D 361 -28.82 14.66 -16.61
C ILE D 361 -28.60 16.09 -16.13
N GLU D 362 -29.54 16.98 -16.47
CA GLU D 362 -29.40 18.40 -16.23
C GLU D 362 -30.39 18.89 -15.18
N VAL D 363 -29.93 19.85 -14.39
CA VAL D 363 -30.73 20.53 -13.39
C VAL D 363 -30.37 22.01 -13.44
N THR D 364 -31.11 22.82 -12.67
CA THR D 364 -30.65 24.14 -12.31
C THR D 364 -30.31 24.13 -10.83
N CYS D 365 -29.70 25.22 -10.36
CA CYS D 365 -29.53 25.37 -8.94
C CYS D 365 -30.86 25.26 -8.19
N GLU D 366 -31.89 25.90 -8.72
CA GLU D 366 -33.20 25.90 -8.08
C GLU D 366 -33.79 24.49 -7.99
N SER D 367 -33.83 23.76 -9.11
CA SER D 367 -34.44 22.43 -9.04
C SER D 367 -33.57 21.47 -8.24
N ALA D 368 -32.26 21.54 -8.40
CA ALA D 368 -31.38 20.68 -7.61
C ALA D 368 -31.52 20.94 -6.11
N SER D 369 -31.74 22.20 -5.71
CA SER D 369 -31.87 22.50 -4.29
C SER D 369 -33.06 21.77 -3.68
N VAL D 370 -34.15 21.63 -4.46
CA VAL D 370 -35.33 20.92 -3.98
C VAL D 370 -35.02 19.45 -3.80
N MET D 371 -34.16 18.91 -4.67
CA MET D 371 -33.70 17.54 -4.53
C MET D 371 -32.95 17.37 -3.21
N ALA D 372 -31.99 18.27 -2.95
CA ALA D 372 -31.28 18.26 -1.68
C ALA D 372 -32.23 18.39 -0.50
N ALA D 373 -33.27 19.23 -0.64
CA ALA D 373 -34.20 19.46 0.46
C ALA D 373 -35.05 18.23 0.75
N THR D 374 -35.38 17.46 -0.29
CA THR D 374 -36.01 16.15 -0.08
C THR D 374 -35.13 15.26 0.78
N LEU D 375 -33.82 15.23 0.49
CA LEU D 375 -32.88 14.48 1.31
C LEU D 375 -32.83 15.03 2.73
N ALA D 376 -32.91 16.36 2.88
CA ALA D 376 -32.95 16.98 4.21
C ALA D 376 -34.24 16.72 4.98
N ASN D 377 -35.31 16.30 4.31
CA ASN D 377 -36.64 16.21 4.90
C ASN D 377 -37.10 14.76 5.04
N GLY D 378 -36.16 13.83 5.28
CA GLY D 378 -36.48 12.42 5.46
C GLY D 378 -37.19 11.77 4.29
N GLY D 379 -37.01 12.27 3.07
CA GLY D 379 -37.52 11.64 1.87
C GLY D 379 -38.85 12.15 1.39
N PHE D 380 -39.39 13.21 1.99
CA PHE D 380 -40.59 13.88 1.51
C PHE D 380 -40.19 15.11 0.71
N CYS D 381 -40.76 15.26 -0.48
CA CYS D 381 -40.46 16.47 -1.23
C CYS D 381 -41.07 17.64 -0.50
N PRO D 382 -40.30 18.64 -0.09
CA PRO D 382 -40.88 19.70 0.74
C PRO D 382 -41.85 20.62 0.00
N ILE D 383 -41.76 20.75 -1.32
CA ILE D 383 -42.72 21.63 -1.99
C ILE D 383 -43.94 20.89 -2.53
N THR D 384 -44.03 19.58 -2.33
CA THR D 384 -45.24 18.86 -2.72
C THR D 384 -45.82 18.01 -1.60
N GLY D 385 -45.11 17.79 -0.51
CA GLY D 385 -45.59 16.87 0.51
C GLY D 385 -45.58 15.41 0.09
N GLU D 386 -45.09 15.11 -1.13
CA GLU D 386 -45.05 13.74 -1.63
C GLU D 386 -43.88 12.97 -1.02
N ARG D 387 -44.14 11.71 -0.65
CA ARG D 387 -43.11 10.82 -0.17
C ARG D 387 -42.34 10.25 -1.37
N VAL D 388 -41.05 10.56 -1.46
CA VAL D 388 -40.26 10.15 -2.62
C VAL D 388 -39.31 9.00 -2.28
N LEU D 389 -38.64 9.05 -1.13
CA LEU D 389 -37.66 8.04 -0.77
C LEU D 389 -37.91 7.54 0.64
N SER D 390 -37.52 6.28 0.90
CA SER D 390 -37.67 5.71 2.24
C SER D 390 -36.67 6.32 3.21
N PRO D 391 -37.01 6.40 4.50
CA PRO D 391 -36.05 6.87 5.50
C PRO D 391 -34.71 6.18 5.43
N GLU D 392 -34.74 4.85 5.25
CA GLU D 392 -33.54 4.06 5.10
C GLU D 392 -32.66 4.57 3.96
N ALA D 393 -33.25 4.75 2.78
CA ALA D 393 -32.49 5.23 1.64
C ALA D 393 -31.91 6.63 1.89
N VAL D 394 -32.66 7.51 2.53
CA VAL D 394 -32.18 8.87 2.77
C VAL D 394 -31.09 8.87 3.84
N ARG D 395 -31.25 8.07 4.90
CA ARG D 395 -30.25 8.01 5.95
C ARG D 395 -28.93 7.45 5.42
N ASN D 396 -28.98 6.34 4.68
CA ASN D 396 -27.78 5.75 4.08
C ASN D 396 -27.06 6.73 3.17
N THR D 397 -27.83 7.53 2.42
CA THR D 397 -27.25 8.45 1.45
C THR D 397 -26.55 9.61 2.14
N LEU D 398 -27.22 10.21 3.13
CA LEU D 398 -26.61 11.27 3.91
C LEU D 398 -25.35 10.78 4.64
N SER D 399 -25.35 9.52 5.10
CA SER D 399 -24.17 9.00 5.80
C SER D 399 -22.96 8.90 4.87
N LEU D 400 -23.18 8.48 3.60
CA LEU D 400 -22.06 8.28 2.69
C LEU D 400 -21.64 9.59 2.04
N MET D 401 -22.56 10.54 1.92
CA MET D 401 -22.17 11.88 1.48
C MET D 401 -21.25 12.52 2.50
N HIS D 402 -21.52 12.29 3.78
CA HIS D 402 -20.69 12.81 4.86
C HIS D 402 -19.21 12.46 4.66
N SER D 403 -18.91 11.17 4.46
CA SER D 403 -17.54 10.68 4.48
C SER D 403 -16.89 10.43 3.12
N CYS D 404 -17.67 10.28 2.04
CA CYS D 404 -17.11 10.01 0.73
C CYS D 404 -17.57 11.04 -0.31
N GLY D 405 -18.01 12.22 0.12
CA GLY D 405 -18.74 13.08 -0.80
C GLY D 405 -17.92 14.00 -1.67
N MET D 406 -16.71 14.34 -1.26
CA MET D 406 -15.98 15.43 -1.89
C MET D 406 -14.59 15.00 -2.34
N TYR D 407 -14.49 13.80 -2.89
CA TYR D 407 -13.24 13.33 -3.50
C TYR D 407 -12.19 13.26 -2.37
N ASP D 408 -10.94 13.69 -2.62
CA ASP D 408 -9.94 13.60 -1.57
C ASP D 408 -10.10 14.66 -0.48
N PHE D 409 -11.03 15.60 -0.62
CA PHE D 409 -11.31 16.58 0.41
C PHE D 409 -12.37 16.12 1.39
N SER D 410 -12.83 14.88 1.26
CA SER D 410 -13.92 14.39 2.10
C SER D 410 -13.57 14.44 3.58
N GLY D 411 -12.38 13.96 3.95
CA GLY D 411 -12.00 13.99 5.35
C GLY D 411 -11.96 15.39 5.93
N GLN D 412 -11.41 16.35 5.15
CA GLN D 412 -11.27 17.72 5.64
C GLN D 412 -12.61 18.44 5.66
N PHE D 413 -13.44 18.16 4.67
CA PHE D 413 -14.76 18.74 4.60
C PHE D 413 -15.63 18.23 5.73
N ALA D 414 -15.64 16.93 5.96
CA ALA D 414 -16.41 16.39 7.08
C ALA D 414 -15.98 17.04 8.39
N PHE D 415 -14.68 17.24 8.56
CA PHE D 415 -14.19 17.83 9.80
C PHE D 415 -14.60 19.28 9.91
N HIS D 416 -14.29 20.09 8.88
CA HIS D 416 -14.48 21.54 9.04
C HIS D 416 -15.90 21.99 8.76
N VAL D 417 -16.65 21.28 7.92
CA VAL D 417 -17.99 21.65 7.55
C VAL D 417 -19.04 20.75 8.21
N GLY D 418 -18.79 19.46 8.28
CA GLY D 418 -19.71 18.57 8.94
C GLY D 418 -21.11 18.55 8.35
N LEU D 419 -21.23 18.66 7.03
CA LEU D 419 -22.50 18.54 6.33
C LEU D 419 -22.38 17.51 5.22
N PRO D 420 -23.41 16.69 5.00
CA PRO D 420 -23.40 15.81 3.83
C PRO D 420 -23.41 16.62 2.54
N ALA D 421 -22.52 16.28 1.63
CA ALA D 421 -22.41 17.04 0.40
C ALA D 421 -21.84 16.15 -0.70
N LYS D 422 -22.17 16.50 -1.95
CA LYS D 422 -21.63 15.81 -3.11
C LYS D 422 -21.28 16.83 -4.17
N SER D 423 -20.09 16.73 -4.73
CA SER D 423 -19.65 17.61 -5.80
C SER D 423 -19.57 16.86 -7.12
N GLY D 424 -19.53 17.65 -8.19
CA GLY D 424 -19.40 17.12 -9.52
C GLY D 424 -18.52 18.03 -10.35
N VAL D 425 -18.11 17.53 -11.51
CA VAL D 425 -17.08 18.21 -12.28
C VAL D 425 -17.64 19.38 -13.08
N ALA D 426 -18.96 19.52 -13.17
CA ALA D 426 -19.49 20.73 -13.79
C ALA D 426 -19.43 21.94 -12.87
N GLY D 427 -19.15 21.75 -11.57
CA GLY D 427 -19.07 22.84 -10.64
C GLY D 427 -20.18 22.85 -9.61
N GLY D 428 -21.09 21.87 -9.62
CA GLY D 428 -22.14 21.81 -8.64
C GLY D 428 -21.66 21.21 -7.33
N ILE D 429 -22.30 21.64 -6.25
CA ILE D 429 -22.14 20.99 -4.96
C ILE D 429 -23.51 20.83 -4.35
N LEU D 430 -23.99 19.60 -4.31
CA LEU D 430 -25.25 19.30 -3.68
C LEU D 430 -25.03 19.20 -2.17
N LEU D 431 -25.80 19.98 -1.40
CA LEU D 431 -25.54 20.20 0.02
C LEU D 431 -26.82 19.95 0.84
N VAL D 432 -26.69 19.20 1.91
CA VAL D 432 -27.84 18.91 2.75
C VAL D 432 -27.54 19.35 4.17
N VAL D 433 -28.38 20.22 4.71
CA VAL D 433 -28.38 20.49 6.14
C VAL D 433 -29.54 19.67 6.70
N PRO D 434 -29.29 18.51 7.31
CA PRO D 434 -30.37 17.67 7.82
C PRO D 434 -31.34 18.43 8.71
N ASN D 435 -32.63 18.24 8.44
CA ASN D 435 -33.77 18.82 9.17
C ASN D 435 -33.95 20.32 8.92
N VAL D 436 -33.11 20.97 8.11
CA VAL D 436 -33.25 22.40 7.89
C VAL D 436 -33.49 22.70 6.42
N MET D 437 -32.54 22.36 5.56
CA MET D 437 -32.69 22.77 4.16
C MET D 437 -31.78 21.95 3.25
N GLY D 438 -32.08 22.04 1.95
CA GLY D 438 -31.22 21.54 0.90
C GLY D 438 -30.70 22.73 0.11
N MET D 439 -29.50 22.60 -0.43
CA MET D 439 -28.92 23.65 -1.27
C MET D 439 -28.22 23.04 -2.46
N MET D 440 -28.13 23.83 -3.52
CA MET D 440 -27.22 23.53 -4.62
C MET D 440 -26.40 24.77 -4.88
N CYS D 441 -25.08 24.62 -4.89
CA CYS D 441 -24.16 25.69 -5.28
C CYS D 441 -23.52 25.33 -6.61
N TRP D 442 -23.33 26.32 -7.46
CA TRP D 442 -22.76 25.99 -8.76
C TRP D 442 -21.80 27.06 -9.23
N SER D 443 -20.56 26.68 -9.42
CA SER D 443 -19.57 27.53 -10.06
C SER D 443 -18.58 26.62 -10.78
N PRO D 444 -18.47 26.72 -12.08
CA PRO D 444 -17.73 25.71 -12.85
C PRO D 444 -16.26 25.56 -12.46
N PRO D 445 -15.51 26.63 -12.17
CA PRO D 445 -14.07 26.42 -11.91
C PRO D 445 -13.81 25.56 -10.67
N LEU D 446 -12.97 24.54 -10.84
CA LEU D 446 -12.68 23.55 -9.81
C LEU D 446 -11.26 23.72 -9.25
N ASP D 447 -11.08 23.33 -8.00
CA ASP D 447 -9.76 23.30 -7.40
C ASP D 447 -9.08 22.01 -7.80
N LYS D 448 -7.83 21.82 -7.35
CA LYS D 448 -7.07 20.68 -7.86
C LYS D 448 -7.63 19.34 -7.39
N MET D 449 -8.53 19.34 -6.42
CA MET D 449 -9.18 18.10 -6.04
C MET D 449 -10.46 17.85 -6.80
N GLY D 450 -10.93 18.80 -7.61
CA GLY D 450 -12.10 18.64 -8.44
C GLY D 450 -13.37 19.28 -7.91
N ASN D 451 -13.29 20.05 -6.84
CA ASN D 451 -14.44 20.68 -6.21
C ASN D 451 -14.50 22.15 -6.59
N SER D 452 -15.70 22.64 -6.87
CA SER D 452 -15.89 24.06 -7.17
C SER D 452 -15.27 24.91 -6.08
N VAL D 453 -14.32 25.75 -6.49
CA VAL D 453 -13.64 26.66 -5.57
C VAL D 453 -14.66 27.45 -4.77
N LYS D 454 -15.61 28.09 -5.47
CA LYS D 454 -16.54 28.99 -4.80
C LYS D 454 -17.52 28.23 -3.91
N GLY D 455 -18.05 27.11 -4.37
CA GLY D 455 -18.88 26.30 -3.52
C GLY D 455 -18.19 25.93 -2.22
N ILE D 456 -16.91 25.54 -2.30
CA ILE D 456 -16.20 25.10 -1.10
C ILE D 456 -16.03 26.26 -0.14
N HIS D 457 -15.71 27.44 -0.68
CA HIS D 457 -15.57 28.63 0.16
C HIS D 457 -16.90 29.00 0.79
N PHE D 458 -17.98 28.92 0.02
CA PHE D 458 -19.31 29.17 0.55
C PHE D 458 -19.66 28.20 1.68
N CYS D 459 -19.33 26.92 1.51
CA CYS D 459 -19.71 25.91 2.51
C CYS D 459 -18.96 26.10 3.82
N HIS D 460 -17.65 26.38 3.76
CA HIS D 460 -16.91 26.75 4.98
C HIS D 460 -17.53 27.97 5.66
N ASP D 461 -17.88 29.02 4.89
CA ASP D 461 -18.39 30.26 5.47
C ASP D 461 -19.76 30.04 6.09
N LEU D 462 -20.57 29.18 5.47
CA LEU D 462 -21.90 28.95 6.01
C LEU D 462 -21.80 28.34 7.40
N VAL D 463 -20.85 27.45 7.61
CA VAL D 463 -20.77 26.76 8.89
C VAL D 463 -20.07 27.64 9.92
N SER D 464 -19.10 28.45 9.50
CA SER D 464 -18.51 29.45 10.39
C SER D 464 -19.57 30.39 10.94
N LEU D 465 -20.56 30.75 10.11
CA LEU D 465 -21.59 31.71 10.53
C LEU D 465 -22.71 31.06 11.33
N CYS D 466 -23.22 29.92 10.89
CA CYS D 466 -24.41 29.31 11.46
C CYS D 466 -24.05 28.01 12.15
N ASN D 467 -24.84 27.63 13.14
CA ASN D 467 -24.57 26.43 13.91
C ASN D 467 -25.21 25.21 13.24
N PHE D 468 -24.79 24.98 12.00
CA PHE D 468 -25.30 23.87 11.19
C PHE D 468 -24.36 22.67 11.14
N HIS D 469 -23.13 22.78 11.64
CA HIS D 469 -22.22 21.64 11.63
C HIS D 469 -22.89 20.49 12.37
N ASN D 470 -22.85 19.31 11.76
CA ASN D 470 -23.28 18.05 12.35
C ASN D 470 -23.01 17.94 13.85
N TYR D 471 -21.85 18.43 14.29
CA TYR D 471 -21.44 18.36 15.69
C TYR D 471 -21.34 19.73 16.37
N ASP D 472 -21.99 20.75 15.81
CA ASP D 472 -22.34 21.90 16.61
C ASP D 472 -23.42 21.50 17.62
N ASN D 473 -23.45 22.18 18.74
CA ASN D 473 -24.49 21.98 19.73
C ASN D 473 -25.61 22.97 19.48
N LEU D 474 -26.85 22.49 19.58
CA LEU D 474 -28.03 23.33 19.34
C LEU D 474 -28.33 24.26 20.51
N ARG D 475 -27.74 24.05 21.67
CA ARG D 475 -28.02 24.89 22.83
C ARG D 475 -26.86 25.82 23.19
N HIS D 476 -25.61 25.35 23.09
CA HIS D 476 -24.43 26.15 23.40
C HIS D 476 -23.56 26.24 22.15
N PHE D 477 -23.53 27.40 21.49
CA PHE D 477 -22.85 27.49 20.20
C PHE D 477 -22.08 28.79 20.03
N ALA D 478 -21.67 29.43 21.11
CA ALA D 478 -20.64 30.47 21.04
C ALA D 478 -21.19 31.65 20.23
N LYS D 479 -20.40 32.21 19.32
CA LYS D 479 -20.78 33.38 18.55
C LYS D 479 -21.58 33.04 17.29
N LYS D 480 -21.74 31.77 16.98
CA LYS D 480 -22.50 31.41 15.79
C LYS D 480 -23.96 31.85 15.94
N LEU D 481 -24.60 32.05 14.79
CA LEU D 481 -26.01 32.36 14.72
C LEU D 481 -26.79 31.07 14.51
N ASP D 482 -28.03 31.03 15.01
CA ASP D 482 -28.92 29.91 14.79
C ASP D 482 -30.19 30.41 14.13
N PRO D 483 -30.37 30.19 12.82
CA PRO D 483 -31.52 30.73 12.11
C PRO D 483 -32.82 30.01 12.38
N ARG D 484 -32.82 28.98 13.23
CA ARG D 484 -34.05 28.36 13.69
C ARG D 484 -34.71 29.14 14.83
N ARG D 485 -34.21 30.33 15.16
CA ARG D 485 -34.67 31.09 16.32
C ARG D 485 -34.93 32.55 15.95
N GLU D 486 -35.61 33.23 16.89
CA GLU D 486 -35.94 34.65 16.76
C GLU D 486 -35.19 35.48 17.79
N GLY D 487 -35.64 35.45 19.03
CA GLY D 487 -35.09 36.31 20.08
C GLY D 487 -34.59 35.51 21.26
#